data_5YX6
#
_entry.id   5YX6
#
_cell.length_a   68.261
_cell.length_b   101.922
_cell.length_c   241.324
_cell.angle_alpha   90.00
_cell.angle_beta   90.00
_cell.angle_gamma   90.00
#
_symmetry.space_group_name_H-M   'P 21 21 21'
#
loop_
_entity.id
_entity.type
_entity.pdbx_description
1 polymer 'Uncharacterized protein Rv3272'
2 non-polymer BENZAMIDINE
3 non-polymer GLYCEROL
4 water water
#
_entity_poly.entity_id   1
_entity_poly.type   'polypeptide(L)'
_entity_poly.pdbx_seq_one_letter_code
;MPTSNPAKPLDGFRVLDFTQNVAGPLAGQVLVDLGAEVIKVEAPGGEAARQITSVLPGRPPLATYFLPNNRGKKSVTVDL
TTEQAKQQMLRLADTADVVLEAFRPGTMEKLGLGPDDLRSRNPNLIYARLTAYGGNGPHGSRPGIDLVVAAEAGMTTGMP
TPEGKPQIIPFQLVDNASGHVLAQAVLAALLHRERNGVADVVQVAMYDVAVGLQANQLMMHLNRAASDQPKPEPAPKAKR
RKGVGFATQPSDAFRTADGYIVISAYVPKHWQKLCYLIGRPDLVEDQRFAEQRSRSINYAELTAELELALASKTATEWVQ
LLQANGLMACLAHTWKQVVDTPLFAENDLTLEVGRGADTITVIRTPARYASFRAVVTDPPPTAGEHNAVFLARP
;
_entity_poly.pdbx_strand_id   A,B,C,D
#
loop_
_chem_comp.id
_chem_comp.type
_chem_comp.name
_chem_comp.formula
BEN non-polymer BENZAMIDINE 'C7 H8 N2'
GOL non-polymer GLYCEROL 'C3 H8 O3'
#
# COMPACT_ATOMS: atom_id res chain seq x y z
N ASN A 5 -11.18 -1.95 20.74
CA ASN A 5 -12.24 -1.21 21.41
C ASN A 5 -13.67 -1.65 21.04
N PRO A 6 -13.99 -1.78 19.73
CA PRO A 6 -15.37 -2.22 19.42
C PRO A 6 -15.61 -3.69 19.73
N ALA A 7 -16.88 -4.04 19.97
CA ALA A 7 -17.25 -5.41 20.29
C ALA A 7 -16.89 -6.39 19.17
N LYS A 8 -16.49 -7.60 19.57
CA LYS A 8 -16.22 -8.66 18.60
C LYS A 8 -17.18 -9.80 18.86
N PRO A 9 -17.51 -10.58 17.81
CA PRO A 9 -18.57 -11.59 17.92
C PRO A 9 -18.44 -12.55 19.11
N LEU A 10 -17.22 -12.92 19.48
CA LEU A 10 -16.99 -13.95 20.49
C LEU A 10 -16.43 -13.46 21.82
N ASP A 11 -16.54 -12.16 22.11
CA ASP A 11 -16.18 -11.63 23.43
C ASP A 11 -16.82 -12.44 24.55
N GLY A 12 -16.03 -12.82 25.54
CA GLY A 12 -16.54 -13.53 26.67
C GLY A 12 -16.48 -15.05 26.56
N PHE A 13 -16.26 -15.57 25.35
CA PHE A 13 -16.17 -17.02 25.16
C PHE A 13 -14.75 -17.53 25.42
N ARG A 14 -14.65 -18.65 26.11
CA ARG A 14 -13.35 -19.24 26.40
C ARG A 14 -13.18 -20.56 25.67
N VAL A 15 -12.04 -20.72 24.99
CA VAL A 15 -11.77 -21.92 24.23
C VAL A 15 -10.53 -22.61 24.76
N LEU A 16 -10.64 -23.92 24.99
CA LEU A 16 -9.50 -24.75 25.38
C LEU A 16 -8.94 -25.48 24.17
N ASP A 17 -7.76 -25.08 23.71
CA ASP A 17 -7.22 -25.56 22.44
C ASP A 17 -6.12 -26.61 22.64
N PHE A 18 -6.46 -27.89 22.45
CA PHE A 18 -5.49 -28.99 22.60
C PHE A 18 -4.74 -29.31 21.29
N THR A 19 -5.02 -28.59 20.21
CA THR A 19 -4.53 -28.95 18.87
C THR A 19 -3.05 -28.63 18.63
N GLN A 20 -2.45 -29.31 17.66
CA GLN A 20 -1.07 -29.01 17.25
C GLN A 20 -0.93 -28.87 15.75
N ASN A 21 0.23 -28.41 15.31
CA ASN A 21 0.58 -28.29 13.89
C ASN A 21 -0.25 -27.19 13.23
N VAL A 22 -0.97 -27.45 12.13
CA VAL A 22 -1.55 -26.32 11.39
C VAL A 22 -3.08 -26.21 11.36
N ALA A 23 -3.79 -27.27 11.00
CA ALA A 23 -5.26 -27.20 10.81
C ALA A 23 -6.02 -26.73 12.07
N GLY A 24 -5.89 -27.48 13.15
CA GLY A 24 -6.54 -27.11 14.40
C GLY A 24 -6.13 -25.74 14.93
N PRO A 25 -4.83 -25.43 14.93
CA PRO A 25 -4.45 -24.09 15.38
C PRO A 25 -4.97 -22.94 14.50
N LEU A 26 -5.15 -23.15 13.19
CA LEU A 26 -5.73 -22.10 12.35
C LEU A 26 -7.15 -21.79 12.79
N ALA A 27 -7.92 -22.84 13.06
CA ALA A 27 -9.27 -22.69 13.59
C ALA A 27 -9.20 -21.88 14.88
N GLY A 28 -8.23 -22.19 15.73
CA GLY A 28 -8.02 -21.41 16.94
C GLY A 28 -7.73 -19.95 16.66
N GLN A 29 -6.94 -19.69 15.62
CA GLN A 29 -6.57 -18.34 15.25
C GLN A 29 -7.77 -17.55 14.72
N VAL A 30 -8.64 -18.21 13.97
CA VAL A 30 -9.88 -17.59 13.51
C VAL A 30 -10.75 -17.17 14.68
N LEU A 31 -10.88 -18.04 15.68
CA LEU A 31 -11.63 -17.72 16.89
C LEU A 31 -11.04 -16.55 17.65
N VAL A 32 -9.71 -16.51 17.75
CA VAL A 32 -9.01 -15.39 18.37
C VAL A 32 -9.31 -14.08 17.66
N ASP A 33 -9.26 -14.11 16.33
CA ASP A 33 -9.53 -12.92 15.53
C ASP A 33 -10.95 -12.41 15.76
N LEU A 34 -11.85 -13.33 16.09
CA LEU A 34 -13.25 -12.99 16.34
C LEU A 34 -13.51 -12.67 17.82
N GLY A 35 -12.44 -12.62 18.62
CA GLY A 35 -12.53 -12.11 19.98
C GLY A 35 -12.55 -13.12 21.12
N ALA A 36 -12.45 -14.41 20.81
CA ALA A 36 -12.48 -15.43 21.86
C ALA A 36 -11.19 -15.46 22.65
N GLU A 37 -11.28 -15.84 23.92
CA GLU A 37 -10.09 -16.16 24.70
C GLU A 37 -9.73 -17.62 24.45
N VAL A 38 -8.64 -17.85 23.75
CA VAL A 38 -8.25 -19.20 23.36
C VAL A 38 -7.01 -19.65 24.10
N ILE A 39 -7.14 -20.71 24.88
CA ILE A 39 -6.06 -21.19 25.73
C ILE A 39 -5.46 -22.45 25.15
N LYS A 40 -4.20 -22.35 24.68
CA LYS A 40 -3.46 -23.50 24.20
C LYS A 40 -3.10 -24.40 25.37
N VAL A 41 -3.23 -25.71 25.17
CA VAL A 41 -2.73 -26.69 26.12
C VAL A 41 -1.55 -27.42 25.48
N GLU A 42 -0.35 -27.19 26.00
CA GLU A 42 0.85 -27.77 25.39
C GLU A 42 1.54 -28.76 26.31
N ALA A 43 2.33 -29.65 25.71
CA ALA A 43 3.17 -30.57 26.46
C ALA A 43 4.23 -29.77 27.19
N PRO A 44 4.76 -30.30 28.32
CA PRO A 44 5.80 -29.60 29.08
C PRO A 44 6.93 -29.17 28.17
N GLY A 45 7.33 -27.90 28.26
CA GLY A 45 8.42 -27.41 27.43
C GLY A 45 7.92 -26.75 26.15
N GLY A 46 6.61 -26.86 25.90
CA GLY A 46 6.02 -26.31 24.69
C GLY A 46 5.75 -27.25 23.54
N GLU A 47 4.89 -26.80 22.62
CA GLU A 47 4.55 -27.55 21.42
C GLU A 47 5.79 -27.75 20.56
N ALA A 48 5.90 -28.90 19.90
CA ALA A 48 7.09 -29.21 19.11
C ALA A 48 7.28 -28.25 17.92
N ALA A 49 6.16 -27.77 17.38
CA ALA A 49 6.20 -26.86 16.22
C ALA A 49 6.89 -25.52 16.52
N ARG A 50 7.08 -25.22 17.80
CA ARG A 50 7.81 -24.02 18.19
C ARG A 50 9.26 -24.10 17.74
N GLN A 51 9.78 -25.32 17.65
CA GLN A 51 11.21 -25.51 17.40
C GLN A 51 11.52 -25.62 15.91
N ILE A 52 10.53 -26.03 15.11
CA ILE A 52 10.70 -26.12 13.66
C ILE A 52 10.86 -24.74 13.03
N THR A 53 12.11 -24.33 12.81
CA THR A 53 12.38 -22.97 12.36
C THR A 53 12.90 -22.87 10.91
N SER A 54 12.79 -21.67 10.33
CA SER A 54 13.41 -21.37 9.04
C SER A 54 14.43 -20.22 9.18
N VAL A 55 15.53 -20.31 8.44
CA VAL A 55 16.63 -19.35 8.55
C VAL A 55 16.32 -17.95 7.99
N LEU A 56 16.54 -16.94 8.82
CA LEU A 56 16.47 -15.54 8.39
C LEU A 56 17.83 -14.89 8.55
N PRO A 57 18.55 -14.66 7.44
CA PRO A 57 19.90 -14.08 7.46
C PRO A 57 20.02 -12.82 8.34
N GLY A 58 20.87 -12.94 9.37
CA GLY A 58 21.21 -11.90 10.37
C GLY A 58 20.24 -11.81 11.55
N ARG A 59 19.24 -12.69 11.59
CA ARG A 59 18.19 -12.59 12.60
C ARG A 59 17.89 -13.96 13.20
N PRO A 60 17.30 -13.99 14.41
CA PRO A 60 16.84 -15.28 14.95
C PRO A 60 15.88 -15.98 13.99
N PRO A 61 16.02 -17.32 13.87
CA PRO A 61 15.15 -18.18 13.05
C PRO A 61 13.65 -17.92 13.26
N LEU A 62 12.87 -18.18 12.21
CA LEU A 62 11.42 -17.95 12.24
C LEU A 62 10.64 -19.26 12.32
N ALA A 63 9.92 -19.43 13.43
CA ALA A 63 9.04 -20.58 13.65
C ALA A 63 7.87 -20.50 12.68
N THR A 64 8.15 -20.84 11.44
CA THR A 64 7.21 -20.61 10.34
C THR A 64 5.88 -21.33 10.47
N TYR A 65 5.83 -22.42 11.21
CA TYR A 65 4.56 -23.12 11.39
C TYR A 65 3.83 -22.66 12.65
N PHE A 66 4.57 -22.39 13.73
CA PHE A 66 3.93 -22.02 14.98
C PHE A 66 3.42 -20.57 15.04
N LEU A 67 4.27 -19.62 14.67
CA LEU A 67 3.98 -18.20 14.89
C LEU A 67 2.70 -17.67 14.21
N PRO A 68 2.45 -17.99 12.92
CA PRO A 68 1.30 -17.34 12.29
C PRO A 68 -0.07 -17.74 12.85
N ASN A 69 -0.20 -18.91 13.45
CA ASN A 69 -1.52 -19.38 13.87
C ASN A 69 -1.75 -19.43 15.39
N ASN A 70 -0.90 -18.77 16.18
CA ASN A 70 -1.06 -18.77 17.63
C ASN A 70 -0.89 -17.40 18.26
N ARG A 71 -1.08 -16.35 17.46
CA ARG A 71 -0.99 -14.99 17.96
C ARG A 71 -2.21 -14.67 18.83
N GLY A 72 -1.97 -14.03 19.98
CA GLY A 72 -3.06 -13.60 20.83
C GLY A 72 -3.64 -14.74 21.63
N LYS A 73 -3.04 -15.91 21.53
CA LYS A 73 -3.48 -17.03 22.35
C LYS A 73 -2.79 -17.00 23.70
N LYS A 74 -3.35 -17.74 24.65
CA LYS A 74 -2.70 -17.99 25.92
C LYS A 74 -2.19 -19.41 25.98
N SER A 75 -1.30 -19.69 26.93
CA SER A 75 -0.69 -21.01 27.02
C SER A 75 -0.59 -21.55 28.44
N VAL A 76 -0.97 -22.82 28.58
CA VAL A 76 -0.70 -23.55 29.79
C VAL A 76 0.13 -24.74 29.38
N THR A 77 1.08 -25.10 30.24
CA THR A 77 1.93 -26.25 30.02
C THR A 77 1.55 -27.32 31.02
N VAL A 78 1.29 -28.51 30.51
CA VAL A 78 0.82 -29.58 31.35
C VAL A 78 1.20 -30.95 30.76
N ASP A 79 1.44 -31.92 31.65
CA ASP A 79 1.68 -33.30 31.23
C ASP A 79 0.40 -34.10 31.44
N LEU A 80 -0.29 -34.39 30.35
CA LEU A 80 -1.66 -34.92 30.41
C LEU A 80 -1.78 -36.35 30.97
N THR A 81 -0.66 -37.07 31.07
CA THR A 81 -0.69 -38.44 31.60
C THR A 81 -0.79 -38.52 33.13
N THR A 82 -0.39 -37.46 33.81
CA THR A 82 -0.40 -37.46 35.28
C THR A 82 -1.77 -37.06 35.80
N GLU A 83 -2.12 -37.52 37.00
CA GLU A 83 -3.43 -37.24 37.57
C GLU A 83 -3.63 -35.76 37.88
N GLN A 84 -2.55 -35.07 38.21
CA GLN A 84 -2.62 -33.64 38.52
C GLN A 84 -3.12 -32.81 37.34
N ALA A 85 -2.61 -33.12 36.15
CA ALA A 85 -3.03 -32.41 34.93
C ALA A 85 -4.47 -32.71 34.58
N LYS A 86 -4.88 -33.97 34.73
CA LYS A 86 -6.24 -34.39 34.46
C LYS A 86 -7.20 -33.53 35.28
N GLN A 87 -6.89 -33.34 36.56
CA GLN A 87 -7.77 -32.56 37.42
C GLN A 87 -7.75 -31.07 37.08
N GLN A 88 -6.59 -30.55 36.73
CA GLN A 88 -6.47 -29.15 36.34
C GLN A 88 -7.26 -28.89 35.05
N MET A 89 -7.18 -29.84 34.12
CA MET A 89 -7.87 -29.75 32.85
C MET A 89 -9.37 -29.87 33.04
N LEU A 90 -9.79 -30.71 33.98
CA LEU A 90 -11.20 -30.86 34.29
C LEU A 90 -11.76 -29.57 34.90
N ARG A 91 -10.99 -28.95 35.77
CA ARG A 91 -11.41 -27.69 36.39
C ARG A 91 -11.39 -26.55 35.37
N LEU A 92 -10.38 -26.55 34.51
CA LEU A 92 -10.29 -25.53 33.48
C LEU A 92 -11.46 -25.68 32.49
N ALA A 93 -11.80 -26.91 32.14
CA ALA A 93 -12.91 -27.18 31.22
C ALA A 93 -14.27 -26.78 31.77
N ASP A 94 -14.44 -26.87 33.10
CA ASP A 94 -15.69 -26.42 33.71
C ASP A 94 -15.97 -24.95 33.41
N THR A 95 -14.93 -24.20 33.10
CA THR A 95 -15.05 -22.78 32.84
C THR A 95 -15.10 -22.47 31.35
N ALA A 96 -15.04 -23.50 30.51
CA ALA A 96 -14.90 -23.28 29.07
C ALA A 96 -16.20 -23.38 28.31
N ASP A 97 -16.27 -22.65 27.20
CA ASP A 97 -17.40 -22.76 26.28
C ASP A 97 -17.12 -23.83 25.22
N VAL A 98 -15.86 -23.92 24.80
CA VAL A 98 -15.47 -24.86 23.75
C VAL A 98 -14.19 -25.61 24.09
N VAL A 99 -14.16 -26.90 23.79
CA VAL A 99 -12.92 -27.65 23.73
C VAL A 99 -12.60 -28.02 22.27
N LEU A 100 -11.38 -27.73 21.82
CA LEU A 100 -10.88 -28.13 20.51
C LEU A 100 -9.83 -29.21 20.68
N GLU A 101 -10.04 -30.35 20.03
CA GLU A 101 -9.08 -31.44 20.13
C GLU A 101 -8.74 -32.10 18.78
N ALA A 102 -7.47 -32.46 18.58
CA ALA A 102 -7.03 -33.04 17.31
C ALA A 102 -6.07 -34.22 17.48
N PHE A 103 -6.19 -34.95 18.58
CA PHE A 103 -5.43 -36.19 18.72
C PHE A 103 -6.09 -37.24 17.84
N ARG A 104 -5.41 -38.36 17.62
CA ARG A 104 -6.01 -39.45 16.89
C ARG A 104 -7.13 -40.03 17.76
N PRO A 105 -8.15 -40.62 17.13
CA PRO A 105 -9.31 -41.20 17.83
C PRO A 105 -8.97 -42.04 19.04
N GLY A 106 -9.74 -41.88 20.11
CA GLY A 106 -9.57 -42.67 21.33
C GLY A 106 -8.67 -42.10 22.41
N THR A 107 -7.79 -41.17 22.00
CA THR A 107 -6.82 -40.58 22.91
C THR A 107 -7.43 -39.88 24.12
N MET A 108 -8.29 -38.88 23.86
CA MET A 108 -8.88 -38.06 24.93
C MET A 108 -9.68 -38.91 25.89
N GLU A 109 -10.29 -39.96 25.36
CA GLU A 109 -11.04 -40.89 26.18
C GLU A 109 -10.11 -41.61 27.17
N LYS A 110 -8.97 -42.09 26.68
CA LYS A 110 -7.99 -42.77 27.53
C LYS A 110 -7.43 -41.83 28.60
N LEU A 111 -7.42 -40.54 28.31
CA LEU A 111 -6.93 -39.56 29.27
C LEU A 111 -8.02 -39.13 30.24
N GLY A 112 -9.24 -39.62 30.02
CA GLY A 112 -10.37 -39.23 30.84
C GLY A 112 -10.91 -37.84 30.56
N LEU A 113 -10.66 -37.34 29.36
CA LEU A 113 -11.08 -36.02 28.94
C LEU A 113 -11.95 -36.08 27.69
N GLY A 114 -12.70 -37.17 27.54
CA GLY A 114 -13.53 -37.35 26.38
C GLY A 114 -14.77 -36.47 26.46
N PRO A 115 -15.56 -36.41 25.39
CA PRO A 115 -16.77 -35.58 25.41
C PRO A 115 -17.69 -35.93 26.59
N ASP A 116 -17.88 -37.21 26.88
CA ASP A 116 -18.75 -37.59 28.00
C ASP A 116 -18.18 -37.21 29.35
N ASP A 117 -16.85 -37.29 29.49
CA ASP A 117 -16.20 -36.90 30.74
C ASP A 117 -16.42 -35.43 31.02
N LEU A 118 -16.19 -34.61 30.02
CA LEU A 118 -16.26 -33.16 30.18
C LEU A 118 -17.69 -32.64 30.18
N ARG A 119 -18.54 -33.21 29.33
CA ARG A 119 -19.90 -32.68 29.20
C ARG A 119 -20.82 -33.06 30.37
N SER A 120 -20.50 -34.12 31.09
CA SER A 120 -21.29 -34.48 32.27
C SER A 120 -21.13 -33.42 33.35
N ARG A 121 -19.94 -32.82 33.39
CA ARG A 121 -19.63 -31.75 34.35
C ARG A 121 -20.14 -30.38 33.89
N ASN A 122 -20.03 -30.11 32.60
CA ASN A 122 -20.39 -28.81 32.04
C ASN A 122 -21.39 -28.95 30.88
N PRO A 123 -22.69 -28.81 31.18
CA PRO A 123 -23.76 -28.98 30.18
C PRO A 123 -23.76 -27.95 29.04
N ASN A 124 -22.97 -26.88 29.16
CA ASN A 124 -22.91 -25.87 28.12
C ASN A 124 -21.67 -26.01 27.23
N LEU A 125 -20.88 -27.05 27.48
CA LEU A 125 -19.62 -27.24 26.77
C LEU A 125 -19.80 -27.81 25.37
N ILE A 126 -19.23 -27.09 24.40
CA ILE A 126 -19.16 -27.55 23.03
C ILE A 126 -17.84 -28.29 22.84
N TYR A 127 -17.90 -29.48 22.25
CA TYR A 127 -16.75 -30.34 22.10
C TYR A 127 -16.45 -30.56 20.61
N ALA A 128 -15.28 -30.15 20.15
CA ALA A 128 -14.96 -30.23 18.72
C ALA A 128 -13.74 -31.10 18.42
N ARG A 129 -13.90 -32.08 17.53
CA ARG A 129 -12.83 -33.02 17.19
C ARG A 129 -12.39 -32.92 15.72
N LEU A 130 -11.09 -32.71 15.53
CA LEU A 130 -10.48 -32.72 14.20
C LEU A 130 -9.59 -33.94 14.01
N THR A 131 -9.90 -34.78 13.02
CA THR A 131 -9.04 -35.94 12.75
C THR A 131 -8.58 -35.95 11.30
N ALA A 132 -7.65 -36.85 10.96
CA ALA A 132 -7.21 -37.00 9.57
C ALA A 132 -8.24 -37.72 8.72
N TYR A 133 -8.74 -38.84 9.22
CA TYR A 133 -9.58 -39.73 8.40
C TYR A 133 -10.96 -40.06 8.97
N GLY A 134 -11.28 -39.52 10.15
CA GLY A 134 -12.66 -39.62 10.63
C GLY A 134 -12.89 -40.39 11.92
N GLY A 135 -12.18 -41.49 12.09
CA GLY A 135 -12.37 -42.33 13.26
C GLY A 135 -13.69 -43.06 13.22
N ASN A 136 -14.18 -43.35 12.03
CA ASN A 136 -15.46 -44.04 11.87
C ASN A 136 -15.32 -45.55 11.68
N GLY A 137 -14.08 -46.03 11.69
CA GLY A 137 -13.79 -47.44 11.49
C GLY A 137 -12.30 -47.70 11.48
N PRO A 138 -11.91 -48.92 11.10
CA PRO A 138 -10.49 -49.31 11.09
C PRO A 138 -9.62 -48.52 10.10
N HIS A 139 -10.14 -48.24 8.91
CA HIS A 139 -9.35 -47.53 7.89
C HIS A 139 -9.17 -46.06 8.24
N GLY A 140 -10.09 -45.51 9.03
CA GLY A 140 -10.05 -44.09 9.36
C GLY A 140 -9.49 -43.77 10.74
N SER A 141 -8.75 -44.70 11.33
CA SER A 141 -8.23 -44.53 12.68
C SER A 141 -6.80 -43.95 12.66
N ARG A 142 -6.20 -43.94 11.47
CA ARG A 142 -4.79 -43.64 11.30
C ARG A 142 -4.50 -42.15 11.47
N PRO A 143 -3.29 -41.82 11.92
CA PRO A 143 -2.83 -40.44 11.83
C PRO A 143 -2.44 -40.12 10.40
N GLY A 144 -2.36 -38.85 10.04
CA GLY A 144 -2.06 -38.48 8.68
C GLY A 144 -1.52 -37.07 8.69
N ILE A 145 -0.89 -36.68 7.60
CA ILE A 145 -0.57 -35.27 7.42
C ILE A 145 -1.15 -34.81 6.08
N ASP A 146 -1.07 -33.51 5.81
CA ASP A 146 -1.66 -32.89 4.60
C ASP A 146 -1.36 -33.67 3.31
N LEU A 147 -0.07 -33.90 3.08
CA LEU A 147 0.43 -34.51 1.85
C LEU A 147 -0.18 -35.90 1.58
N VAL A 148 -0.29 -36.71 2.60
CA VAL A 148 -0.78 -38.07 2.45
C VAL A 148 -2.31 -38.11 2.35
N VAL A 149 -2.97 -37.29 3.14
CA VAL A 149 -4.43 -37.18 3.07
C VAL A 149 -4.89 -36.65 1.70
N ALA A 150 -4.18 -35.64 1.19
CA ALA A 150 -4.47 -35.08 -0.14
C ALA A 150 -4.38 -36.14 -1.24
N ALA A 151 -3.33 -36.96 -1.19
CA ALA A 151 -3.09 -38.00 -2.19
C ALA A 151 -4.07 -39.15 -2.03
N GLU A 152 -4.41 -39.50 -0.80
CA GLU A 152 -5.32 -40.61 -0.58
C GLU A 152 -6.75 -40.21 -0.99
N ALA A 153 -7.06 -38.91 -0.93
CA ALA A 153 -8.38 -38.40 -1.35
C ALA A 153 -8.48 -38.08 -2.85
N GLY A 154 -7.39 -38.29 -3.58
CA GLY A 154 -7.46 -38.17 -5.03
C GLY A 154 -6.90 -36.91 -5.68
N MET A 155 -6.22 -36.07 -4.91
CA MET A 155 -5.83 -34.75 -5.40
C MET A 155 -4.66 -34.72 -6.37
N THR A 156 -4.11 -35.89 -6.72
CA THR A 156 -3.03 -35.97 -7.70
C THR A 156 -3.59 -36.26 -9.09
N THR A 157 -4.90 -36.54 -9.16
CA THR A 157 -5.52 -36.97 -10.41
C THR A 157 -5.39 -35.96 -11.55
N GLY A 158 -5.06 -36.47 -12.74
CA GLY A 158 -5.06 -35.68 -13.97
C GLY A 158 -4.06 -34.56 -14.10
N MET A 159 -2.93 -34.68 -13.41
CA MET A 159 -1.88 -33.67 -13.52
C MET A 159 -0.58 -34.32 -13.96
N PRO A 160 -0.31 -34.31 -15.26
CA PRO A 160 0.90 -34.97 -15.77
C PRO A 160 2.17 -34.26 -15.36
N THR A 161 3.16 -35.06 -14.97
CA THR A 161 4.50 -34.60 -14.61
C THR A 161 5.49 -35.24 -15.59
N PRO A 162 6.67 -34.60 -15.76
CA PRO A 162 7.67 -35.10 -16.71
C PRO A 162 8.04 -36.58 -16.53
N GLU A 163 8.28 -37.01 -15.29
CA GLU A 163 8.75 -38.37 -15.03
C GLU A 163 7.63 -39.41 -14.92
N GLY A 164 6.37 -38.95 -14.94
CA GLY A 164 5.24 -39.85 -14.75
C GLY A 164 4.85 -39.94 -13.28
N LYS A 165 5.59 -39.21 -12.46
CA LYS A 165 5.33 -39.14 -11.02
C LYS A 165 4.02 -38.44 -10.68
N PRO A 166 3.30 -38.94 -9.66
CA PRO A 166 2.09 -38.22 -9.27
C PRO A 166 2.40 -36.78 -8.86
N GLN A 167 1.54 -35.84 -9.27
CA GLN A 167 1.76 -34.45 -8.92
C GLN A 167 1.34 -34.19 -7.49
N ILE A 168 2.29 -33.75 -6.67
CA ILE A 168 2.01 -33.43 -5.28
C ILE A 168 1.89 -31.92 -5.14
N ILE A 169 0.71 -31.44 -4.77
CA ILE A 169 0.52 -30.00 -4.61
C ILE A 169 1.38 -29.48 -3.47
N PRO A 170 2.25 -28.51 -3.77
CA PRO A 170 3.28 -28.02 -2.84
C PRO A 170 2.81 -26.96 -1.85
N PHE A 171 1.51 -26.83 -1.61
CA PHE A 171 1.06 -26.05 -0.45
C PHE A 171 0.00 -26.84 0.31
N GLN A 172 -0.25 -26.44 1.55
CA GLN A 172 -1.00 -27.29 2.47
C GLN A 172 -2.47 -26.91 2.43
N LEU A 173 -3.13 -27.26 1.32
CA LEU A 173 -4.49 -26.81 1.10
C LEU A 173 -5.46 -27.54 2.01
N VAL A 174 -5.17 -28.80 2.31
CA VAL A 174 -6.08 -29.60 3.10
C VAL A 174 -6.08 -29.17 4.57
N ASP A 175 -4.89 -28.86 5.09
CA ASP A 175 -4.75 -28.26 6.41
C ASP A 175 -5.52 -26.95 6.55
N ASN A 176 -5.24 -26.01 5.66
CA ASN A 176 -5.80 -24.68 5.82
C ASN A 176 -7.30 -24.68 5.56
N ALA A 177 -7.75 -25.47 4.59
CA ALA A 177 -9.19 -25.61 4.38
C ALA A 177 -9.86 -26.28 5.58
N SER A 178 -9.20 -27.27 6.17
CA SER A 178 -9.78 -27.98 7.31
C SER A 178 -9.93 -27.06 8.50
N GLY A 179 -8.94 -26.19 8.71
CA GLY A 179 -9.02 -25.18 9.75
C GLY A 179 -10.24 -24.29 9.67
N HIS A 180 -10.55 -23.82 8.46
CA HIS A 180 -11.71 -22.95 8.28
C HIS A 180 -13.04 -23.68 8.46
N VAL A 181 -13.07 -24.96 8.08
CA VAL A 181 -14.30 -25.75 8.21
C VAL A 181 -14.59 -26.05 9.68
N LEU A 182 -13.54 -26.37 10.43
CA LEU A 182 -13.66 -26.56 11.86
C LEU A 182 -14.16 -25.30 12.56
N ALA A 183 -13.56 -24.16 12.20
CA ALA A 183 -13.97 -22.87 12.75
C ALA A 183 -15.44 -22.62 12.44
N GLN A 184 -15.83 -22.89 11.21
CA GLN A 184 -17.23 -22.82 10.79
C GLN A 184 -18.11 -23.67 11.72
N ALA A 185 -17.68 -24.89 11.97
CA ALA A 185 -18.47 -25.82 12.76
C ALA A 185 -18.58 -25.41 14.23
N VAL A 186 -17.50 -24.84 14.77
CA VAL A 186 -17.56 -24.30 16.11
C VAL A 186 -18.56 -23.14 16.18
N LEU A 187 -18.51 -22.26 15.18
CA LEU A 187 -19.40 -21.11 15.12
C LEU A 187 -20.87 -21.55 15.07
N ALA A 188 -21.14 -22.55 14.23
CA ALA A 188 -22.49 -23.10 14.15
C ALA A 188 -22.94 -23.63 15.51
N ALA A 189 -22.04 -24.35 16.18
CA ALA A 189 -22.34 -24.90 17.50
C ALA A 189 -22.62 -23.81 18.53
N LEU A 190 -21.83 -22.75 18.52
CA LEU A 190 -22.03 -21.61 19.42
C LEU A 190 -23.39 -20.96 19.20
N LEU A 191 -23.82 -20.91 17.95
CA LEU A 191 -25.11 -20.33 17.59
C LEU A 191 -26.23 -21.26 18.01
N HIS A 192 -26.01 -22.56 17.82
CA HIS A 192 -26.98 -23.57 18.21
C HIS A 192 -27.25 -23.44 19.71
N ARG A 193 -26.18 -23.30 20.48
CA ARG A 193 -26.29 -23.16 21.92
C ARG A 193 -27.01 -21.85 22.27
N GLU A 194 -26.62 -20.78 21.60
CA GLU A 194 -27.17 -19.45 21.88
C GLU A 194 -28.68 -19.41 21.69
N ARG A 195 -29.15 -20.02 20.60
CA ARG A 195 -30.55 -19.89 20.26
C ARG A 195 -31.43 -21.03 20.73
N ASN A 196 -30.88 -22.24 20.77
CA ASN A 196 -31.69 -23.41 21.04
C ASN A 196 -31.35 -24.11 22.34
N GLY A 197 -30.29 -23.66 23.01
CA GLY A 197 -29.94 -24.27 24.29
C GLY A 197 -29.30 -25.64 24.18
N VAL A 198 -28.85 -25.98 22.98
CA VAL A 198 -28.20 -27.26 22.72
C VAL A 198 -26.66 -27.10 22.62
N ALA A 199 -25.93 -27.86 23.43
CA ALA A 199 -24.47 -27.87 23.41
C ALA A 199 -23.97 -29.13 22.73
N ASP A 200 -23.40 -28.99 21.54
CA ASP A 200 -23.18 -30.10 20.63
C ASP A 200 -21.78 -30.71 20.65
N VAL A 201 -21.67 -31.90 20.04
CA VAL A 201 -20.39 -32.48 19.68
C VAL A 201 -20.16 -32.35 18.17
N VAL A 202 -19.03 -31.75 17.82
CA VAL A 202 -18.72 -31.43 16.44
C VAL A 202 -17.51 -32.23 15.95
N GLN A 203 -17.58 -32.78 14.74
CA GLN A 203 -16.48 -33.57 14.20
C GLN A 203 -16.16 -33.15 12.77
N VAL A 204 -14.87 -32.94 12.50
CA VAL A 204 -14.40 -32.58 11.17
C VAL A 204 -13.22 -33.47 10.78
N ALA A 205 -13.33 -34.15 9.65
CA ALA A 205 -12.24 -34.97 9.13
C ALA A 205 -11.56 -34.30 7.94
N MET A 206 -10.22 -34.27 7.96
CA MET A 206 -9.46 -33.67 6.88
C MET A 206 -9.77 -34.36 5.56
N TYR A 207 -9.92 -35.68 5.63
CA TYR A 207 -10.29 -36.45 4.46
C TYR A 207 -11.61 -35.96 3.86
N ASP A 208 -12.61 -35.75 4.72
CA ASP A 208 -13.93 -35.30 4.28
C ASP A 208 -13.85 -33.93 3.62
N VAL A 209 -13.00 -33.06 4.17
CA VAL A 209 -12.79 -31.75 3.59
C VAL A 209 -12.16 -31.86 2.20
N ALA A 210 -11.17 -32.74 2.07
CA ALA A 210 -10.45 -32.91 0.81
C ALA A 210 -11.38 -33.45 -0.27
N VAL A 211 -12.18 -34.45 0.09
CA VAL A 211 -13.20 -34.99 -0.80
C VAL A 211 -14.13 -33.86 -1.22
N GLY A 212 -14.55 -33.05 -0.26
CA GLY A 212 -15.41 -31.92 -0.51
C GLY A 212 -14.85 -30.92 -1.50
N LEU A 213 -13.55 -30.64 -1.40
CA LEU A 213 -12.91 -29.71 -2.32
C LEU A 213 -12.91 -30.21 -3.77
N GLN A 214 -13.03 -31.52 -3.97
CA GLN A 214 -13.02 -32.13 -5.29
C GLN A 214 -14.39 -32.65 -5.70
N ALA A 215 -15.43 -32.16 -5.03
CA ALA A 215 -16.77 -32.76 -5.13
C ALA A 215 -17.31 -32.89 -6.55
N ASN A 216 -17.14 -31.87 -7.38
CA ASN A 216 -17.66 -31.89 -8.75
C ASN A 216 -17.03 -32.98 -9.59
N GLN A 217 -15.71 -33.07 -9.56
CA GLN A 217 -14.99 -34.12 -10.27
C GLN A 217 -15.27 -35.50 -9.71
N LEU A 218 -15.43 -35.61 -8.40
CA LEU A 218 -15.72 -36.90 -7.79
C LEU A 218 -17.08 -37.41 -8.22
N MET A 219 -17.98 -36.46 -8.47
CA MET A 219 -19.39 -36.79 -8.66
C MET A 219 -19.69 -37.60 -9.92
N MET A 220 -18.98 -37.30 -11.00
CA MET A 220 -19.12 -38.05 -12.25
C MET A 220 -18.95 -39.55 -12.01
N HIS A 221 -18.05 -39.90 -11.09
CA HIS A 221 -17.73 -41.29 -10.81
C HIS A 221 -18.66 -41.91 -9.76
N LEU A 222 -19.47 -41.08 -9.09
CA LEU A 222 -20.45 -41.58 -8.13
C LEU A 222 -21.72 -42.01 -8.83
N ASN A 223 -21.85 -41.62 -10.09
CA ASN A 223 -23.06 -41.89 -10.85
C ASN A 223 -22.77 -42.64 -12.14
N ARG A 224 -22.74 -43.98 -12.02
CA ARG A 224 -22.46 -44.86 -13.14
C ARG A 224 -23.49 -44.72 -14.26
N THR A 248 -15.22 -26.08 -20.90
CA THR A 248 -15.61 -24.72 -21.28
C THR A 248 -14.41 -23.95 -21.82
N GLN A 249 -14.27 -23.91 -23.14
CA GLN A 249 -13.06 -23.40 -23.76
C GLN A 249 -13.37 -22.15 -24.61
N PRO A 250 -12.40 -21.22 -24.70
CA PRO A 250 -11.04 -21.24 -24.13
C PRO A 250 -10.96 -20.80 -22.67
N SER A 251 -10.35 -21.65 -21.86
CA SER A 251 -10.15 -21.41 -20.43
C SER A 251 -8.95 -22.22 -19.96
N ASP A 252 -7.77 -21.62 -20.09
CA ASP A 252 -6.52 -22.34 -19.91
C ASP A 252 -5.35 -21.38 -19.83
N ALA A 253 -4.15 -21.94 -19.86
CA ALA A 253 -2.91 -21.18 -19.97
C ALA A 253 -2.39 -21.32 -21.41
N PHE A 254 -1.91 -20.23 -21.99
CA PHE A 254 -1.48 -20.22 -23.39
C PHE A 254 -0.11 -19.60 -23.59
N ARG A 255 0.68 -20.18 -24.49
CA ARG A 255 1.94 -19.57 -24.89
C ARG A 255 1.75 -18.22 -25.56
N THR A 256 2.63 -17.28 -25.23
CA THR A 256 2.71 -16.02 -25.93
C THR A 256 4.13 -15.83 -26.43
N ALA A 257 4.48 -14.60 -26.81
CA ALA A 257 5.83 -14.31 -27.24
C ALA A 257 6.81 -14.41 -26.07
N ASP A 258 6.31 -14.08 -24.89
CA ASP A 258 7.13 -14.09 -23.69
C ASP A 258 6.28 -14.42 -22.47
N GLY A 259 6.44 -15.66 -21.97
CA GLY A 259 5.71 -16.10 -20.81
C GLY A 259 4.38 -16.68 -21.21
N TYR A 260 3.65 -17.16 -20.21
CA TYR A 260 2.31 -17.70 -20.44
C TYR A 260 1.23 -16.73 -19.99
N ILE A 261 0.08 -16.78 -20.63
CA ILE A 261 -1.07 -16.01 -20.18
C ILE A 261 -2.23 -16.95 -19.88
N VAL A 262 -2.91 -16.70 -18.78
CA VAL A 262 -4.12 -17.43 -18.42
C VAL A 262 -5.35 -16.66 -18.89
N ILE A 263 -6.20 -17.29 -19.71
CA ILE A 263 -7.39 -16.64 -20.26
C ILE A 263 -8.64 -17.48 -20.05
N SER A 264 -9.71 -16.84 -19.61
CA SER A 264 -11.01 -17.51 -19.62
C SER A 264 -12.04 -16.65 -20.36
N ALA A 265 -12.43 -17.11 -21.54
CA ALA A 265 -13.35 -16.36 -22.39
C ALA A 265 -14.17 -17.34 -23.22
N TYR A 266 -15.06 -18.06 -22.55
CA TYR A 266 -15.82 -19.11 -23.19
C TYR A 266 -17.30 -18.72 -23.39
N VAL A 267 -17.77 -17.71 -22.65
CA VAL A 267 -19.11 -17.17 -22.89
C VAL A 267 -19.10 -16.42 -24.21
N PRO A 268 -20.09 -16.68 -25.07
CA PRO A 268 -20.21 -16.16 -26.43
C PRO A 268 -19.75 -14.70 -26.61
N LYS A 269 -20.24 -13.78 -25.76
CA LYS A 269 -19.81 -12.39 -25.82
C LYS A 269 -18.30 -12.25 -25.59
N HIS A 270 -17.76 -13.06 -24.68
CA HIS A 270 -16.33 -13.00 -24.37
C HIS A 270 -15.48 -13.63 -25.47
N TRP A 271 -15.93 -14.78 -25.95
CA TRP A 271 -15.26 -15.48 -27.03
C TRP A 271 -15.14 -14.60 -28.30
N GLN A 272 -16.24 -13.97 -28.70
CA GLN A 272 -16.24 -13.13 -29.88
C GLN A 272 -15.27 -11.98 -29.65
N LYS A 273 -15.43 -11.33 -28.51
CA LYS A 273 -14.56 -10.25 -28.10
C LYS A 273 -13.08 -10.67 -28.24
N LEU A 274 -12.76 -11.86 -27.70
CA LEU A 274 -11.40 -12.39 -27.75
C LEU A 274 -10.86 -12.53 -29.17
N CYS A 275 -11.63 -13.19 -30.04
CA CYS A 275 -11.23 -13.35 -31.44
C CYS A 275 -10.89 -12.03 -32.13
N TYR A 276 -11.70 -11.00 -31.92
CA TYR A 276 -11.41 -9.72 -32.56
C TYR A 276 -10.15 -9.10 -31.96
N LEU A 277 -9.98 -9.24 -30.65
CA LEU A 277 -8.85 -8.60 -29.96
C LEU A 277 -7.48 -9.17 -30.32
N ILE A 278 -7.43 -10.47 -30.63
CA ILE A 278 -6.18 -11.11 -31.02
C ILE A 278 -5.96 -11.08 -32.54
N GLY A 279 -6.82 -10.37 -33.25
CA GLY A 279 -6.67 -10.20 -34.68
C GLY A 279 -7.10 -11.42 -35.48
N ARG A 280 -8.11 -12.13 -34.99
CA ARG A 280 -8.55 -13.34 -35.69
C ARG A 280 -10.08 -13.45 -35.83
N PRO A 281 -10.70 -12.51 -36.56
CA PRO A 281 -12.15 -12.51 -36.78
C PRO A 281 -12.67 -13.78 -37.45
N ASP A 282 -11.79 -14.49 -38.16
CA ASP A 282 -12.17 -15.69 -38.88
C ASP A 282 -12.60 -16.80 -37.93
N LEU A 283 -12.10 -16.74 -36.70
CA LEU A 283 -12.40 -17.78 -35.71
C LEU A 283 -13.83 -17.72 -35.19
N VAL A 284 -14.48 -16.57 -35.27
CA VAL A 284 -15.84 -16.43 -34.79
C VAL A 284 -16.79 -17.33 -35.60
N GLU A 285 -16.58 -17.38 -36.91
CA GLU A 285 -17.47 -18.13 -37.79
C GLU A 285 -16.89 -19.45 -38.32
N ASP A 286 -15.64 -19.75 -37.98
CA ASP A 286 -15.04 -21.05 -38.25
C ASP A 286 -15.89 -22.18 -37.66
N GLN A 287 -16.33 -23.11 -38.51
CA GLN A 287 -17.25 -24.17 -38.10
C GLN A 287 -16.68 -25.07 -36.99
N ARG A 288 -15.37 -25.03 -36.81
CA ARG A 288 -14.72 -25.81 -35.75
C ARG A 288 -14.87 -25.18 -34.37
N PHE A 289 -15.10 -23.87 -34.33
CA PHE A 289 -15.06 -23.14 -33.08
C PHE A 289 -16.28 -22.26 -32.82
N ALA A 290 -17.19 -22.16 -33.78
CA ALA A 290 -18.26 -21.15 -33.70
C ALA A 290 -19.21 -21.38 -32.53
N GLU A 291 -19.60 -22.64 -32.28
CA GLU A 291 -20.41 -22.98 -31.12
C GLU A 291 -19.51 -23.51 -30.00
N GLN A 292 -19.95 -23.36 -28.75
CA GLN A 292 -19.11 -23.73 -27.61
C GLN A 292 -18.83 -25.22 -27.53
N ARG A 293 -19.81 -26.04 -27.88
CA ARG A 293 -19.64 -27.49 -27.84
C ARG A 293 -18.55 -27.90 -28.82
N SER A 294 -18.47 -27.19 -29.94
CA SER A 294 -17.43 -27.43 -30.94
C SER A 294 -16.08 -27.07 -30.35
N ARG A 295 -16.03 -26.02 -29.55
CA ARG A 295 -14.79 -25.60 -28.91
C ARG A 295 -14.28 -26.69 -27.98
N SER A 296 -15.19 -27.39 -27.31
CA SER A 296 -14.77 -28.48 -26.41
C SER A 296 -14.27 -29.70 -27.19
N ILE A 297 -15.02 -30.11 -28.21
CA ILE A 297 -14.62 -31.27 -29.02
C ILE A 297 -13.31 -30.99 -29.75
N ASN A 298 -13.19 -29.81 -30.34
CA ASN A 298 -12.01 -29.44 -31.11
C ASN A 298 -11.07 -28.57 -30.27
N TYR A 299 -10.96 -28.90 -28.99
CA TYR A 299 -10.20 -28.09 -28.03
C TYR A 299 -8.73 -28.01 -28.38
N ALA A 300 -8.20 -29.08 -28.97
CA ALA A 300 -6.78 -29.16 -29.30
C ALA A 300 -6.42 -28.22 -30.43
N GLU A 301 -7.22 -28.24 -31.49
CA GLU A 301 -7.05 -27.32 -32.62
C GLU A 301 -7.14 -25.85 -32.18
N LEU A 302 -8.08 -25.55 -31.28
CA LEU A 302 -8.28 -24.20 -30.80
C LEU A 302 -7.05 -23.57 -30.12
N THR A 303 -6.44 -24.28 -29.18
CA THR A 303 -5.25 -23.73 -28.49
C THR A 303 -4.15 -23.46 -29.50
N ALA A 304 -4.09 -24.28 -30.54
CA ALA A 304 -3.10 -24.09 -31.60
C ALA A 304 -3.34 -22.77 -32.33
N GLU A 305 -4.59 -22.52 -32.69
CA GLU A 305 -4.93 -21.28 -33.40
C GLU A 305 -4.69 -20.06 -32.52
N LEU A 306 -5.06 -20.16 -31.24
CA LEU A 306 -4.91 -19.04 -30.32
C LEU A 306 -3.44 -18.70 -30.12
N GLU A 307 -2.61 -19.72 -29.95
CA GLU A 307 -1.20 -19.48 -29.67
C GLU A 307 -0.47 -18.92 -30.91
N LEU A 308 -0.88 -19.34 -32.11
CA LEU A 308 -0.39 -18.68 -33.33
C LEU A 308 -0.64 -17.18 -33.27
N ALA A 309 -1.83 -16.80 -32.82
CA ALA A 309 -2.20 -15.39 -32.74
C ALA A 309 -1.55 -14.68 -31.55
N LEU A 310 -1.44 -15.37 -30.42
CA LEU A 310 -0.88 -14.75 -29.21
C LEU A 310 0.62 -14.50 -29.30
N ALA A 311 1.25 -15.08 -30.31
CA ALA A 311 2.69 -14.94 -30.50
C ALA A 311 3.15 -13.50 -30.77
N SER A 312 2.22 -12.60 -31.14
CA SER A 312 2.59 -11.23 -31.54
C SER A 312 2.89 -10.27 -30.38
N LYS A 313 2.56 -10.68 -29.16
CA LYS A 313 2.78 -9.83 -27.99
C LYS A 313 3.25 -10.64 -26.78
N THR A 314 3.90 -9.97 -25.83
CA THR A 314 4.20 -10.57 -24.55
C THR A 314 2.92 -10.78 -23.74
N ALA A 315 2.97 -11.71 -22.79
CA ALA A 315 1.81 -12.00 -21.96
C ALA A 315 1.35 -10.77 -21.17
N THR A 316 2.30 -9.98 -20.67
CA THR A 316 1.95 -8.76 -19.95
C THR A 316 1.14 -7.82 -20.83
N GLU A 317 1.56 -7.69 -22.09
CA GLU A 317 0.83 -6.85 -23.04
C GLU A 317 -0.57 -7.38 -23.31
N TRP A 318 -0.70 -8.69 -23.50
CA TRP A 318 -2.02 -9.28 -23.72
C TRP A 318 -2.92 -9.13 -22.48
N VAL A 319 -2.33 -9.23 -21.29
CA VAL A 319 -3.10 -9.09 -20.06
C VAL A 319 -3.69 -7.69 -19.96
N GLN A 320 -2.84 -6.69 -20.16
CA GLN A 320 -3.25 -5.30 -20.20
C GLN A 320 -4.38 -5.06 -21.21
N LEU A 321 -4.27 -5.65 -22.39
CA LEU A 321 -5.26 -5.43 -23.45
C LEU A 321 -6.58 -6.14 -23.14
N LEU A 322 -6.50 -7.38 -22.71
CA LEU A 322 -7.70 -8.17 -22.48
C LEU A 322 -8.49 -7.68 -21.27
N GLN A 323 -7.78 -7.20 -20.25
CA GLN A 323 -8.47 -6.70 -19.05
C GLN A 323 -9.13 -5.36 -19.34
N ALA A 324 -8.48 -4.52 -20.16
CA ALA A 324 -9.06 -3.23 -20.48
C ALA A 324 -10.38 -3.39 -21.24
N ASN A 325 -10.57 -4.56 -21.84
CA ASN A 325 -11.80 -4.86 -22.57
C ASN A 325 -12.69 -5.85 -21.84
N GLY A 326 -12.46 -6.00 -20.53
CA GLY A 326 -13.36 -6.78 -19.71
C GLY A 326 -13.30 -8.26 -19.92
N LEU A 327 -12.12 -8.79 -20.23
CA LEU A 327 -11.96 -10.24 -20.33
C LEU A 327 -11.15 -10.75 -19.14
N MET A 328 -11.43 -11.98 -18.74
CA MET A 328 -10.69 -12.59 -17.63
C MET A 328 -9.34 -13.14 -18.10
N ALA A 329 -8.27 -12.49 -17.67
CA ALA A 329 -6.93 -12.89 -18.04
C ALA A 329 -5.93 -12.42 -17.01
N CYS A 330 -4.86 -13.19 -16.81
CA CYS A 330 -3.80 -12.81 -15.88
C CYS A 330 -2.51 -13.55 -16.17
N LEU A 331 -1.41 -13.08 -15.58
CA LEU A 331 -0.17 -13.86 -15.57
C LEU A 331 -0.27 -14.94 -14.50
N ALA A 332 0.43 -16.04 -14.71
CA ALA A 332 0.56 -17.05 -13.67
C ALA A 332 1.72 -16.68 -12.76
N HIS A 333 1.45 -15.79 -11.80
CA HIS A 333 2.48 -15.28 -10.90
C HIS A 333 3.08 -16.39 -10.04
N THR A 334 4.37 -16.24 -9.76
CA THR A 334 5.04 -17.02 -8.72
C THR A 334 4.75 -16.40 -7.35
N TRP A 335 5.00 -17.16 -6.30
CA TRP A 335 4.85 -16.66 -4.94
C TRP A 335 5.67 -15.38 -4.76
N LYS A 336 6.89 -15.38 -5.26
CA LYS A 336 7.74 -14.19 -5.14
C LYS A 336 7.11 -12.98 -5.81
N GLN A 337 6.44 -13.19 -6.94
CA GLN A 337 5.81 -12.09 -7.66
C GLN A 337 4.52 -11.63 -6.98
N VAL A 338 3.74 -12.59 -6.47
CA VAL A 338 2.45 -12.27 -5.87
C VAL A 338 2.54 -11.18 -4.81
N VAL A 339 3.49 -11.35 -3.89
CA VAL A 339 3.59 -10.44 -2.75
C VAL A 339 3.95 -9.02 -3.14
N ASP A 340 4.39 -8.83 -4.38
CA ASP A 340 4.78 -7.49 -4.84
C ASP A 340 3.78 -6.85 -5.80
N THR A 341 2.69 -7.54 -6.11
CA THR A 341 1.69 -7.00 -7.02
C THR A 341 0.90 -5.89 -6.34
N PRO A 342 0.35 -4.95 -7.11
CA PRO A 342 -0.48 -3.87 -6.59
C PRO A 342 -1.78 -4.39 -5.98
N LEU A 343 -2.31 -5.48 -6.54
CA LEU A 343 -3.50 -6.10 -6.01
C LEU A 343 -3.27 -6.60 -4.59
N PHE A 344 -2.14 -7.27 -4.39
CA PHE A 344 -1.78 -7.81 -3.09
C PHE A 344 -1.67 -6.70 -2.07
N ALA A 345 -1.05 -5.59 -2.47
CA ALA A 345 -0.88 -4.46 -1.58
C ALA A 345 -2.23 -3.85 -1.24
N GLU A 346 -3.09 -3.81 -2.24
CA GLU A 346 -4.44 -3.24 -2.14
C GLU A 346 -5.33 -3.94 -1.10
N ASN A 347 -5.15 -5.23 -0.92
CA ASN A 347 -6.05 -6.02 -0.07
C ASN A 347 -5.61 -6.11 1.40
N ASP A 348 -4.50 -5.44 1.71
CA ASP A 348 -4.08 -5.28 3.09
C ASP A 348 -3.97 -6.64 3.76
N LEU A 349 -3.19 -7.52 3.16
CA LEU A 349 -3.19 -8.92 3.51
C LEU A 349 -2.18 -9.30 4.60
N THR A 350 -1.35 -8.35 5.01
CA THR A 350 -0.27 -8.65 5.94
C THR A 350 -0.41 -7.94 7.30
N LEU A 351 0.20 -8.53 8.33
CA LEU A 351 0.32 -7.88 9.64
C LEU A 351 1.74 -8.01 10.19
N GLU A 352 2.11 -7.06 11.06
CA GLU A 352 3.42 -7.09 11.71
C GLU A 352 3.31 -7.62 13.14
N VAL A 353 4.16 -8.59 13.45
CA VAL A 353 4.17 -9.21 14.77
C VAL A 353 5.53 -8.91 15.37
N GLY A 354 5.56 -8.14 16.44
CA GLY A 354 6.82 -7.80 17.12
C GLY A 354 7.19 -8.85 18.16
N THR A 359 10.98 -7.45 13.95
CA THR A 359 9.56 -7.70 13.69
C THR A 359 9.36 -8.68 12.52
N ILE A 360 8.23 -9.38 12.49
CA ILE A 360 7.90 -10.39 11.48
C ILE A 360 6.57 -10.18 10.76
N THR A 361 6.54 -10.47 9.45
CA THR A 361 5.35 -10.26 8.62
C THR A 361 4.55 -11.55 8.41
N VAL A 362 3.24 -11.52 8.70
CA VAL A 362 2.41 -12.69 8.43
C VAL A 362 1.15 -12.29 7.68
N ILE A 363 0.42 -13.30 7.21
CA ILE A 363 -0.80 -13.10 6.43
C ILE A 363 -2.06 -13.25 7.30
N ARG A 364 -3.00 -12.31 7.17
CA ARG A 364 -4.24 -12.34 7.95
C ARG A 364 -5.21 -13.44 7.49
N THR A 365 -6.21 -13.74 8.32
CA THR A 365 -7.29 -14.63 7.94
C THR A 365 -8.19 -13.91 6.91
N PRO A 366 -8.80 -14.67 5.99
CA PRO A 366 -9.43 -14.07 4.81
C PRO A 366 -10.72 -13.27 5.05
N ALA A 367 -11.61 -13.71 5.92
CA ALA A 367 -12.90 -13.02 6.07
C ALA A 367 -12.76 -11.64 6.73
N ARG A 368 -13.46 -10.66 6.19
CA ARG A 368 -13.43 -9.27 6.63
C ARG A 368 -14.81 -8.75 7.09
N TYR A 369 -14.82 -7.81 8.04
CA TYR A 369 -16.06 -7.32 8.66
C TYR A 369 -16.02 -5.81 8.79
N ALA A 370 -17.16 -5.15 8.67
CA ALA A 370 -17.15 -3.69 8.73
C ALA A 370 -17.10 -3.14 10.16
N SER A 371 -17.76 -3.81 11.10
CA SER A 371 -17.92 -3.24 12.45
C SER A 371 -16.76 -3.56 13.40
N PHE A 372 -15.81 -4.38 12.97
CA PHE A 372 -14.62 -4.69 13.78
C PHE A 372 -13.54 -5.24 12.86
N ARG A 373 -12.30 -5.19 13.34
CA ARG A 373 -11.17 -5.75 12.57
C ARG A 373 -10.85 -7.17 13.02
N ALA A 374 -11.00 -8.14 12.11
CA ALA A 374 -10.75 -9.53 12.46
C ALA A 374 -9.26 -9.86 12.46
N VAL A 375 -8.50 -9.09 13.23
CA VAL A 375 -7.07 -9.32 13.40
C VAL A 375 -6.68 -9.10 14.85
N VAL A 376 -5.54 -9.65 15.24
CA VAL A 376 -4.96 -9.35 16.55
C VAL A 376 -3.50 -8.99 16.35
N THR A 377 -3.01 -8.04 17.15
CA THR A 377 -1.63 -7.58 17.02
C THR A 377 -0.67 -8.33 17.96
N ASP A 378 -1.22 -8.87 19.06
CA ASP A 378 -0.43 -9.60 20.05
C ASP A 378 0.41 -10.71 19.44
N PRO A 379 1.60 -10.93 20.02
CA PRO A 379 2.47 -12.04 19.64
C PRO A 379 1.94 -13.35 20.19
N PRO A 380 2.49 -14.48 19.74
CA PRO A 380 2.16 -15.75 20.37
C PRO A 380 2.60 -15.76 21.84
N PRO A 381 1.94 -16.57 22.68
CA PRO A 381 2.37 -16.76 24.07
C PRO A 381 3.66 -17.58 24.16
N THR A 382 4.47 -17.33 25.18
CA THR A 382 5.57 -18.23 25.49
C THR A 382 4.98 -19.51 26.07
N ALA A 383 5.70 -20.61 25.97
CA ALA A 383 5.19 -21.89 26.44
C ALA A 383 4.89 -21.86 27.95
N GLY A 384 3.62 -22.08 28.31
CA GLY A 384 3.24 -22.17 29.70
C GLY A 384 3.10 -20.81 30.39
N GLU A 385 3.07 -19.76 29.59
CA GLU A 385 3.05 -18.38 30.10
C GLU A 385 1.96 -18.12 31.14
N HIS A 386 0.85 -18.84 31.05
CA HIS A 386 -0.28 -18.54 31.93
C HIS A 386 -0.59 -19.66 32.92
N ASN A 387 0.41 -20.49 33.21
CA ASN A 387 0.27 -21.53 34.22
C ASN A 387 -0.23 -21.00 35.57
N ALA A 388 0.37 -19.93 36.07
CA ALA A 388 -0.05 -19.40 37.37
C ALA A 388 -1.46 -18.83 37.25
N VAL A 389 -1.82 -18.35 36.08
CA VAL A 389 -3.13 -17.80 35.82
C VAL A 389 -4.24 -18.85 35.72
N PHE A 390 -4.02 -19.95 35.01
CA PHE A 390 -5.06 -20.94 34.83
C PHE A 390 -4.94 -22.32 35.51
N LEU A 391 -3.80 -22.66 36.06
CA LEU A 391 -3.65 -23.97 36.68
C LEU A 391 -3.71 -23.94 38.18
N ASN B 5 -36.97 -32.94 12.73
CA ASN B 5 -37.57 -32.92 14.06
C ASN B 5 -36.70 -32.24 15.12
N PRO B 6 -35.43 -32.67 15.29
CA PRO B 6 -34.70 -31.94 16.34
C PRO B 6 -34.36 -30.52 15.90
N ALA B 7 -34.13 -29.64 16.85
CA ALA B 7 -33.79 -28.24 16.55
C ALA B 7 -32.49 -28.12 15.75
N LYS B 8 -32.44 -27.16 14.83
CA LYS B 8 -31.23 -26.88 14.05
C LYS B 8 -30.73 -25.45 14.32
N PRO B 9 -29.40 -25.23 14.20
CA PRO B 9 -28.81 -23.94 14.58
C PRO B 9 -29.48 -22.74 13.93
N LEU B 10 -29.93 -22.88 12.69
CA LEU B 10 -30.46 -21.72 11.97
C LEU B 10 -31.98 -21.75 11.74
N ASP B 11 -32.72 -22.54 12.52
CA ASP B 11 -34.20 -22.52 12.47
C ASP B 11 -34.74 -21.11 12.59
N GLY B 12 -35.62 -20.71 11.66
CA GLY B 12 -36.24 -19.40 11.74
C GLY B 12 -35.54 -18.29 10.97
N PHE B 13 -34.30 -18.52 10.57
CA PHE B 13 -33.55 -17.53 9.79
C PHE B 13 -33.86 -17.65 8.31
N ARG B 14 -33.99 -16.51 7.64
CA ARG B 14 -34.24 -16.48 6.20
C ARG B 14 -33.05 -15.88 5.46
N VAL B 15 -32.62 -16.55 4.40
CA VAL B 15 -31.48 -16.11 3.59
C VAL B 15 -31.89 -15.81 2.14
N LEU B 16 -31.48 -14.66 1.64
CA LEU B 16 -31.67 -14.29 0.24
C LEU B 16 -30.39 -14.53 -0.57
N ASP B 17 -30.39 -15.52 -1.44
CA ASP B 17 -29.18 -15.98 -2.13
C ASP B 17 -29.14 -15.53 -3.60
N PHE B 18 -28.34 -14.49 -3.88
CA PHE B 18 -28.17 -13.96 -5.24
C PHE B 18 -27.01 -14.62 -6.00
N THR B 19 -26.36 -15.59 -5.38
CA THR B 19 -25.11 -16.15 -5.90
C THR B 19 -25.26 -17.11 -7.08
N GLN B 20 -24.19 -17.26 -7.85
CA GLN B 20 -24.17 -18.17 -9.00
C GLN B 20 -22.94 -19.07 -8.92
N ASN B 21 -22.90 -20.07 -9.80
CA ASN B 21 -21.73 -20.92 -9.97
C ASN B 21 -21.51 -21.80 -8.74
N VAL B 22 -20.32 -21.78 -8.16
CA VAL B 22 -19.96 -22.79 -7.15
C VAL B 22 -19.76 -22.21 -5.76
N ALA B 23 -18.94 -21.17 -5.65
CA ALA B 23 -18.51 -20.63 -4.37
C ALA B 23 -19.69 -20.18 -3.46
N GLY B 24 -20.43 -19.18 -3.90
CA GLY B 24 -21.59 -18.69 -3.17
C GLY B 24 -22.70 -19.68 -2.87
N PRO B 25 -23.13 -20.48 -3.87
CA PRO B 25 -24.17 -21.47 -3.60
C PRO B 25 -23.75 -22.54 -2.60
N LEU B 26 -22.46 -22.88 -2.56
CA LEU B 26 -21.96 -23.83 -1.58
C LEU B 26 -22.19 -23.27 -0.19
N ALA B 27 -21.91 -21.98 0.00
CA ALA B 27 -22.19 -21.31 1.27
C ALA B 27 -23.67 -21.40 1.61
N GLY B 28 -24.52 -21.17 0.62
CA GLY B 28 -25.95 -21.29 0.82
C GLY B 28 -26.34 -22.70 1.22
N GLN B 29 -25.69 -23.69 0.62
CA GLN B 29 -25.99 -25.09 0.91
C GLN B 29 -25.63 -25.45 2.34
N VAL B 30 -24.51 -24.92 2.83
CA VAL B 30 -24.13 -25.10 4.23
C VAL B 30 -25.21 -24.51 5.14
N LEU B 31 -25.68 -23.31 4.80
CA LEU B 31 -26.75 -22.65 5.54
C LEU B 31 -28.05 -23.47 5.52
N VAL B 32 -28.38 -24.07 4.38
CA VAL B 32 -29.52 -24.99 4.28
C VAL B 32 -29.38 -26.18 5.23
N ASP B 33 -28.20 -26.80 5.23
CA ASP B 33 -27.91 -27.97 6.08
C ASP B 33 -28.02 -27.62 7.55
N LEU B 34 -27.74 -26.37 7.89
CA LEU B 34 -27.81 -25.91 9.27
C LEU B 34 -29.21 -25.38 9.63
N GLY B 35 -30.16 -25.55 8.71
CA GLY B 35 -31.56 -25.32 9.03
C GLY B 35 -32.20 -24.04 8.53
N ALA B 36 -31.44 -23.22 7.80
CA ALA B 36 -31.92 -21.93 7.32
C ALA B 36 -32.86 -22.03 6.14
N GLU B 37 -33.77 -21.07 6.03
CA GLU B 37 -34.55 -20.94 4.81
C GLU B 37 -33.78 -20.10 3.81
N VAL B 38 -33.32 -20.75 2.74
CA VAL B 38 -32.48 -20.09 1.75
C VAL B 38 -33.23 -19.95 0.43
N ILE B 39 -33.42 -18.72 -0.01
CA ILE B 39 -34.20 -18.43 -1.21
C ILE B 39 -33.30 -17.99 -2.35
N LYS B 40 -33.18 -18.81 -3.38
CA LYS B 40 -32.43 -18.44 -4.58
C LYS B 40 -33.14 -17.36 -5.40
N VAL B 41 -32.38 -16.38 -5.88
CA VAL B 41 -32.89 -15.39 -6.83
C VAL B 41 -32.25 -15.62 -8.19
N GLU B 42 -33.03 -16.07 -9.15
CA GLU B 42 -32.48 -16.46 -10.45
C GLU B 42 -32.96 -15.58 -11.60
N ALA B 43 -32.22 -15.63 -12.71
CA ALA B 43 -32.63 -15.00 -13.95
C ALA B 43 -33.93 -15.65 -14.42
N PRO B 44 -34.76 -14.91 -15.18
CA PRO B 44 -36.06 -15.40 -15.66
C PRO B 44 -36.05 -16.80 -16.30
N GLY B 45 -35.01 -17.13 -17.05
CA GLY B 45 -34.94 -18.44 -17.67
C GLY B 45 -34.49 -19.54 -16.71
N GLY B 46 -34.07 -19.14 -15.51
CA GLY B 46 -33.50 -20.07 -14.56
C GLY B 46 -32.00 -19.92 -14.68
N GLU B 47 -31.27 -20.11 -13.58
CA GLU B 47 -29.81 -19.96 -13.59
C GLU B 47 -29.17 -20.72 -14.74
N ALA B 48 -28.13 -20.14 -15.33
CA ALA B 48 -27.43 -20.75 -16.46
C ALA B 48 -26.80 -22.07 -16.08
N ALA B 49 -26.37 -22.18 -14.82
CA ALA B 49 -25.72 -23.39 -14.31
C ALA B 49 -26.65 -24.60 -14.32
N ARG B 50 -27.96 -24.36 -14.44
CA ARG B 50 -28.92 -25.45 -14.58
C ARG B 50 -28.72 -26.25 -15.86
N GLN B 51 -28.05 -25.64 -16.83
CA GLN B 51 -27.95 -26.21 -18.18
C GLN B 51 -26.57 -26.82 -18.47
N ILE B 52 -25.55 -26.37 -17.73
CA ILE B 52 -24.18 -26.88 -17.93
C ILE B 52 -24.03 -28.33 -17.43
N THR B 53 -24.31 -29.28 -18.32
CA THR B 53 -24.21 -30.70 -17.98
C THR B 53 -22.89 -31.29 -18.48
N LEU B 62 -24.34 -34.94 -16.08
CA LEU B 62 -25.55 -34.14 -16.07
C LEU B 62 -25.56 -33.22 -14.84
N ALA B 63 -25.47 -31.92 -15.12
CA ALA B 63 -25.47 -30.82 -14.15
C ALA B 63 -24.49 -30.98 -13.00
N THR B 64 -23.20 -31.01 -13.33
CA THR B 64 -22.13 -31.24 -12.34
C THR B 64 -21.96 -30.04 -11.41
N TYR B 65 -22.54 -28.90 -11.80
CA TYR B 65 -22.29 -27.65 -11.11
C TYR B 65 -23.47 -27.18 -10.25
N PHE B 66 -24.69 -27.46 -10.70
CA PHE B 66 -25.88 -26.93 -10.04
C PHE B 66 -26.46 -27.80 -8.92
N LEU B 67 -26.65 -29.09 -9.21
CA LEU B 67 -27.32 -30.00 -8.30
C LEU B 67 -26.68 -30.13 -6.91
N PRO B 68 -25.33 -30.23 -6.83
CA PRO B 68 -24.77 -30.48 -5.50
C PRO B 68 -24.95 -29.34 -4.49
N ASN B 69 -25.09 -28.11 -4.95
CA ASN B 69 -25.11 -26.97 -4.03
C ASN B 69 -26.45 -26.21 -3.91
N ASN B 70 -27.54 -26.81 -4.37
CA ASN B 70 -28.81 -26.11 -4.26
C ASN B 70 -29.96 -26.98 -3.76
N ARG B 71 -29.64 -28.08 -3.09
CA ARG B 71 -30.70 -28.93 -2.56
C ARG B 71 -31.36 -28.25 -1.36
N GLY B 72 -32.69 -28.29 -1.32
CA GLY B 72 -33.44 -27.77 -0.20
C GLY B 72 -33.61 -26.26 -0.19
N LYS B 73 -33.15 -25.60 -1.24
CA LYS B 73 -33.36 -24.17 -1.37
C LYS B 73 -34.74 -23.91 -1.98
N LYS B 74 -35.23 -22.68 -1.86
CA LYS B 74 -36.44 -22.27 -2.57
C LYS B 74 -36.03 -21.37 -3.74
N SER B 75 -36.92 -21.18 -4.70
CA SER B 75 -36.54 -20.41 -5.89
C SER B 75 -37.57 -19.39 -6.33
N VAL B 76 -37.08 -18.18 -6.60
CA VAL B 76 -37.86 -17.13 -7.23
C VAL B 76 -37.16 -16.71 -8.52
N THR B 77 -37.95 -16.40 -9.54
CA THR B 77 -37.44 -15.88 -10.79
C THR B 77 -37.85 -14.42 -10.99
N VAL B 78 -36.87 -13.56 -11.27
CA VAL B 78 -37.07 -12.13 -11.46
C VAL B 78 -36.00 -11.56 -12.39
N ASP B 79 -36.33 -10.49 -13.11
CA ASP B 79 -35.37 -9.75 -13.94
C ASP B 79 -34.91 -8.51 -13.16
N LEU B 80 -33.69 -8.55 -12.63
CA LEU B 80 -33.26 -7.55 -11.63
C LEU B 80 -33.13 -6.12 -12.17
N THR B 81 -33.11 -5.97 -13.49
CA THR B 81 -33.00 -4.64 -14.10
C THR B 81 -34.31 -3.85 -14.07
N THR B 82 -35.43 -4.55 -13.94
CA THR B 82 -36.73 -3.87 -13.96
C THR B 82 -37.08 -3.34 -12.58
N GLU B 83 -37.86 -2.26 -12.55
CA GLU B 83 -38.24 -1.63 -11.30
C GLU B 83 -39.18 -2.53 -10.52
N GLN B 84 -39.95 -3.36 -11.22
CA GLN B 84 -40.87 -4.27 -10.55
C GLN B 84 -40.13 -5.32 -9.71
N ALA B 85 -39.08 -5.91 -10.30
CA ALA B 85 -38.29 -6.89 -9.56
C ALA B 85 -37.55 -6.21 -8.43
N LYS B 86 -37.06 -5.00 -8.71
CA LYS B 86 -36.37 -4.19 -7.72
C LYS B 86 -37.23 -3.99 -6.48
N GLN B 87 -38.50 -3.67 -6.67
CA GLN B 87 -39.39 -3.45 -5.54
C GLN B 87 -39.71 -4.74 -4.80
N GLN B 88 -39.88 -5.81 -5.56
CA GLN B 88 -40.13 -7.14 -5.00
C GLN B 88 -38.97 -7.61 -4.13
N MET B 89 -37.75 -7.31 -4.59
CA MET B 89 -36.55 -7.68 -3.83
C MET B 89 -36.43 -6.88 -2.55
N LEU B 90 -36.80 -5.60 -2.63
CA LEU B 90 -36.76 -4.72 -1.47
C LEU B 90 -37.74 -5.18 -0.40
N ARG B 91 -38.93 -5.61 -0.82
CA ARG B 91 -39.92 -6.08 0.13
C ARG B 91 -39.48 -7.40 0.76
N LEU B 92 -38.90 -8.27 -0.05
CA LEU B 92 -38.43 -9.57 0.42
C LEU B 92 -37.28 -9.42 1.43
N ALA B 93 -36.37 -8.49 1.16
CA ALA B 93 -35.22 -8.25 2.02
C ALA B 93 -35.65 -7.73 3.40
N ASP B 94 -36.79 -7.04 3.45
CA ASP B 94 -37.35 -6.59 4.72
C ASP B 94 -37.62 -7.76 5.67
N THR B 95 -37.80 -8.95 5.11
CA THR B 95 -38.11 -10.12 5.92
C THR B 95 -36.90 -11.02 6.16
N ALA B 96 -35.76 -10.65 5.58
CA ALA B 96 -34.60 -11.52 5.56
C ALA B 96 -33.62 -11.19 6.67
N ASP B 97 -32.90 -12.21 7.12
CA ASP B 97 -31.81 -12.04 8.07
C ASP B 97 -30.47 -11.84 7.38
N VAL B 98 -30.28 -12.52 6.25
CA VAL B 98 -29.00 -12.46 5.53
C VAL B 98 -29.21 -12.28 4.04
N VAL B 99 -28.37 -11.45 3.45
CA VAL B 99 -28.25 -11.40 2.00
C VAL B 99 -26.89 -11.96 1.57
N LEU B 100 -26.90 -12.91 0.64
CA LEU B 100 -25.68 -13.43 0.03
C LEU B 100 -25.58 -12.93 -1.39
N GLU B 101 -24.49 -12.27 -1.70
CA GLU B 101 -24.28 -11.77 -3.06
C GLU B 101 -22.88 -12.04 -3.59
N ALA B 102 -22.79 -12.38 -4.88
CA ALA B 102 -21.50 -12.71 -5.48
C ALA B 102 -21.28 -12.10 -6.87
N PHE B 103 -21.92 -10.96 -7.16
CA PHE B 103 -21.62 -10.22 -8.38
C PHE B 103 -20.31 -9.45 -8.20
N ARG B 104 -19.72 -8.98 -9.28
CA ARG B 104 -18.52 -8.17 -9.18
C ARG B 104 -18.86 -6.84 -8.50
N PRO B 105 -17.87 -6.22 -7.85
CA PRO B 105 -18.07 -4.95 -7.12
C PRO B 105 -18.88 -3.89 -7.88
N GLY B 106 -19.78 -3.23 -7.18
CA GLY B 106 -20.56 -2.14 -7.74
C GLY B 106 -21.88 -2.55 -8.37
N THR B 107 -22.00 -3.83 -8.73
CA THR B 107 -23.18 -4.33 -9.41
C THR B 107 -24.48 -4.12 -8.62
N MET B 108 -24.56 -4.64 -7.40
CA MET B 108 -25.78 -4.53 -6.61
C MET B 108 -26.13 -3.08 -6.32
N GLU B 109 -25.11 -2.23 -6.20
CA GLU B 109 -25.35 -0.82 -5.97
C GLU B 109 -26.09 -0.23 -7.16
N LYS B 110 -25.63 -0.59 -8.37
CA LYS B 110 -26.25 -0.11 -9.61
C LYS B 110 -27.71 -0.54 -9.76
N LEU B 111 -28.06 -1.67 -9.15
CA LEU B 111 -29.44 -2.14 -9.19
C LEU B 111 -30.29 -1.52 -8.09
N GLY B 112 -29.67 -0.74 -7.22
CA GLY B 112 -30.38 -0.18 -6.08
C GLY B 112 -30.61 -1.21 -4.98
N LEU B 113 -29.78 -2.25 -4.97
CA LEU B 113 -29.89 -3.32 -3.96
C LEU B 113 -28.59 -3.50 -3.17
N GLY B 114 -27.83 -2.43 -3.01
CA GLY B 114 -26.57 -2.47 -2.29
C GLY B 114 -26.79 -2.52 -0.80
N PRO B 115 -25.71 -2.71 -0.02
CA PRO B 115 -25.83 -2.78 1.44
C PRO B 115 -26.55 -1.57 2.05
N ASP B 116 -26.24 -0.35 1.60
CA ASP B 116 -26.93 0.82 2.16
C ASP B 116 -28.42 0.86 1.76
N ASP B 117 -28.74 0.40 0.56
CA ASP B 117 -30.14 0.35 0.11
C ASP B 117 -30.95 -0.58 0.98
N LEU B 118 -30.43 -1.78 1.23
CA LEU B 118 -31.17 -2.79 1.98
C LEU B 118 -31.11 -2.53 3.48
N ARG B 119 -29.94 -2.11 3.97
CA ARG B 119 -29.75 -1.92 5.41
C ARG B 119 -30.43 -0.64 5.91
N SER B 120 -30.70 0.30 5.00
CA SER B 120 -31.46 1.49 5.38
C SER B 120 -32.88 1.10 5.75
N ARG B 121 -33.43 0.10 5.07
CA ARG B 121 -34.78 -0.39 5.37
C ARG B 121 -34.78 -1.40 6.52
N ASN B 122 -33.80 -2.29 6.54
CA ASN B 122 -33.75 -3.37 7.53
C ASN B 122 -32.42 -3.35 8.29
N PRO B 123 -32.41 -2.68 9.44
CA PRO B 123 -31.24 -2.49 10.32
C PRO B 123 -30.72 -3.78 10.95
N ASN B 124 -31.45 -4.88 10.81
CA ASN B 124 -31.02 -6.16 11.37
C ASN B 124 -30.43 -7.07 10.29
N LEU B 125 -30.38 -6.57 9.06
CA LEU B 125 -29.95 -7.35 7.90
C LEU B 125 -28.43 -7.52 7.81
N ILE B 126 -28.00 -8.77 7.70
CA ILE B 126 -26.58 -9.06 7.47
C ILE B 126 -26.35 -9.17 5.98
N TYR B 127 -25.34 -8.45 5.51
CA TYR B 127 -25.06 -8.37 4.09
C TYR B 127 -23.69 -8.98 3.82
N ALA B 128 -23.66 -10.03 3.02
CA ALA B 128 -22.43 -10.79 2.78
C ALA B 128 -22.04 -10.74 1.32
N ARG B 129 -20.82 -10.28 1.04
CA ARG B 129 -20.36 -10.13 -0.35
C ARG B 129 -19.19 -11.05 -0.69
N LEU B 130 -19.36 -11.86 -1.72
CA LEU B 130 -18.29 -12.71 -2.19
C LEU B 130 -17.83 -12.22 -3.55
N THR B 131 -16.57 -11.77 -3.63
CA THR B 131 -16.03 -11.30 -4.89
C THR B 131 -14.78 -12.08 -5.26
N ALA B 132 -14.30 -11.86 -6.48
CA ALA B 132 -13.09 -12.51 -6.94
C ALA B 132 -11.86 -11.91 -6.28
N TYR B 133 -11.76 -10.58 -6.25
CA TYR B 133 -10.50 -9.95 -5.84
C TYR B 133 -10.62 -8.94 -4.69
N GLY B 134 -11.84 -8.70 -4.20
CA GLY B 134 -12.01 -7.92 -3.00
C GLY B 134 -12.80 -6.63 -3.15
N GLY B 135 -12.59 -5.92 -4.26
CA GLY B 135 -13.27 -4.65 -4.45
C GLY B 135 -12.80 -3.54 -3.54
N ASN B 136 -11.52 -3.57 -3.15
CA ASN B 136 -10.99 -2.58 -2.24
C ASN B 136 -10.33 -1.43 -3.01
N GLY B 137 -10.34 -1.54 -4.34
CA GLY B 137 -9.73 -0.55 -5.19
C GLY B 137 -9.83 -0.96 -6.65
N PRO B 138 -9.10 -0.25 -7.53
CA PRO B 138 -9.17 -0.51 -8.97
C PRO B 138 -8.70 -1.91 -9.39
N HIS B 139 -7.67 -2.45 -8.74
CA HIS B 139 -7.14 -3.75 -9.16
C HIS B 139 -8.05 -4.90 -8.77
N GLY B 140 -8.83 -4.71 -7.72
CA GLY B 140 -9.65 -5.78 -7.20
C GLY B 140 -11.08 -5.69 -7.66
N SER B 141 -11.30 -4.97 -8.75
CA SER B 141 -12.65 -4.73 -9.21
C SER B 141 -13.12 -5.75 -10.24
N ARG B 142 -12.20 -6.56 -10.75
CA ARG B 142 -12.51 -7.42 -11.89
C ARG B 142 -13.39 -8.61 -11.49
N PRO B 143 -14.16 -9.15 -12.45
CA PRO B 143 -14.78 -10.46 -12.23
C PRO B 143 -13.72 -11.54 -12.44
N GLY B 144 -13.98 -12.74 -11.90
CA GLY B 144 -13.03 -13.82 -12.00
C GLY B 144 -13.73 -15.15 -11.83
N ILE B 145 -13.05 -16.23 -12.20
CA ILE B 145 -13.49 -17.57 -11.86
C ILE B 145 -12.35 -18.28 -11.16
N ASP B 146 -12.62 -19.47 -10.61
CA ASP B 146 -11.64 -20.24 -9.84
C ASP B 146 -10.27 -20.29 -10.52
N LEU B 147 -10.27 -20.76 -11.76
CA LEU B 147 -9.05 -21.03 -12.50
C LEU B 147 -8.14 -19.82 -12.63
N VAL B 148 -8.72 -18.65 -12.92
CA VAL B 148 -7.94 -17.45 -13.12
C VAL B 148 -7.46 -16.85 -11.80
N VAL B 149 -8.33 -16.83 -10.80
CA VAL B 149 -7.95 -16.33 -9.50
C VAL B 149 -6.81 -17.18 -8.91
N ALA B 150 -6.93 -18.50 -9.05
CA ALA B 150 -5.92 -19.42 -8.55
C ALA B 150 -4.53 -19.12 -9.13
N ALA B 151 -4.47 -18.87 -10.44
CA ALA B 151 -3.20 -18.61 -11.12
C ALA B 151 -2.64 -17.24 -10.75
N GLU B 152 -3.52 -16.27 -10.59
CA GLU B 152 -3.12 -14.92 -10.23
C GLU B 152 -2.65 -14.84 -8.77
N ALA B 153 -3.19 -15.73 -7.93
CA ALA B 153 -2.77 -15.79 -6.52
C ALA B 153 -1.52 -16.64 -6.29
N GLY B 154 -1.00 -17.24 -7.36
CA GLY B 154 0.27 -17.95 -7.28
C GLY B 154 0.22 -19.47 -7.24
N MET B 155 -0.93 -20.06 -7.49
CA MET B 155 -1.08 -21.50 -7.23
C MET B 155 -0.43 -22.43 -8.26
N THR B 156 0.26 -21.88 -9.25
CA THR B 156 0.95 -22.71 -10.24
C THR B 156 2.42 -22.89 -9.87
N THR B 157 2.86 -22.17 -8.86
CA THR B 157 4.28 -22.15 -8.48
C THR B 157 4.81 -23.54 -8.11
N GLY B 158 6.02 -23.83 -8.57
CA GLY B 158 6.75 -25.04 -8.21
C GLY B 158 6.17 -26.35 -8.69
N MET B 159 5.39 -26.31 -9.76
CA MET B 159 4.85 -27.54 -10.32
C MET B 159 5.22 -27.67 -11.78
N PRO B 160 6.29 -28.44 -12.06
CA PRO B 160 6.82 -28.63 -13.42
C PRO B 160 5.89 -29.47 -14.28
N THR B 161 5.73 -29.06 -15.53
CA THR B 161 4.87 -29.77 -16.46
C THR B 161 5.70 -30.34 -17.63
N PRO B 162 5.21 -31.43 -18.26
CA PRO B 162 5.95 -32.02 -19.39
C PRO B 162 6.25 -30.99 -20.48
N GLU B 163 5.26 -30.20 -20.86
CA GLU B 163 5.41 -29.23 -21.94
C GLU B 163 5.94 -27.86 -21.48
N GLY B 164 6.10 -27.65 -20.17
CA GLY B 164 6.56 -26.36 -19.65
C GLY B 164 5.43 -25.40 -19.34
N LYS B 165 4.21 -25.86 -19.59
CA LYS B 165 2.98 -25.12 -19.31
C LYS B 165 2.76 -24.95 -17.80
N PRO B 166 2.24 -23.79 -17.37
CA PRO B 166 1.91 -23.69 -15.94
C PRO B 166 0.89 -24.73 -15.54
N GLN B 167 1.08 -25.36 -14.40
CA GLN B 167 0.18 -26.41 -13.93
C GLN B 167 -1.12 -25.85 -13.34
N ILE B 168 -2.23 -26.20 -13.96
CA ILE B 168 -3.55 -25.77 -13.51
C ILE B 168 -4.23 -26.89 -12.75
N ILE B 169 -4.50 -26.66 -11.47
CA ILE B 169 -5.15 -27.67 -10.67
C ILE B 169 -6.56 -27.89 -11.22
N PRO B 170 -6.88 -29.15 -11.57
CA PRO B 170 -8.12 -29.50 -12.25
C PRO B 170 -9.34 -29.69 -11.36
N PHE B 171 -9.33 -29.20 -10.12
CA PHE B 171 -10.58 -29.12 -9.36
C PHE B 171 -10.71 -27.74 -8.75
N GLN B 172 -11.92 -27.40 -8.33
CA GLN B 172 -12.21 -26.01 -8.00
C GLN B 172 -11.98 -25.77 -6.53
N LEU B 173 -10.70 -25.78 -6.12
CA LEU B 173 -10.41 -25.68 -4.70
C LEU B 173 -10.64 -24.26 -4.18
N VAL B 174 -10.44 -23.26 -5.02
CA VAL B 174 -10.59 -21.88 -4.58
C VAL B 174 -12.09 -21.55 -4.40
N ASP B 175 -12.92 -22.02 -5.33
CA ASP B 175 -14.37 -21.92 -5.19
C ASP B 175 -14.89 -22.59 -3.90
N ASN B 176 -14.55 -23.87 -3.71
CA ASN B 176 -15.09 -24.62 -2.58
C ASN B 176 -14.54 -24.16 -1.24
N ALA B 177 -13.26 -23.80 -1.17
CA ALA B 177 -12.71 -23.20 0.04
C ALA B 177 -13.38 -21.86 0.34
N SER B 178 -13.65 -21.08 -0.70
CA SER B 178 -14.27 -19.76 -0.51
C SER B 178 -15.68 -19.86 0.05
N GLY B 179 -16.44 -20.83 -0.44
CA GLY B 179 -17.78 -21.09 0.09
C GLY B 179 -17.79 -21.34 1.58
N HIS B 180 -16.85 -22.18 2.05
CA HIS B 180 -16.79 -22.51 3.46
C HIS B 180 -16.36 -21.32 4.29
N VAL B 181 -15.49 -20.49 3.73
CA VAL B 181 -15.06 -19.31 4.45
C VAL B 181 -16.20 -18.28 4.55
N LEU B 182 -16.96 -18.13 3.47
CA LEU B 182 -18.14 -17.25 3.48
C LEU B 182 -19.17 -17.74 4.49
N ALA B 183 -19.44 -19.03 4.48
CA ALA B 183 -20.36 -19.64 5.42
C ALA B 183 -19.92 -19.37 6.86
N GLN B 184 -18.63 -19.55 7.11
CA GLN B 184 -18.01 -19.23 8.39
C GLN B 184 -18.24 -17.78 8.79
N ALA B 185 -18.01 -16.86 7.86
CA ALA B 185 -18.17 -15.43 8.15
C ALA B 185 -19.65 -15.05 8.36
N VAL B 186 -20.56 -15.69 7.63
CA VAL B 186 -21.98 -15.47 7.86
C VAL B 186 -22.36 -15.97 9.26
N LEU B 187 -21.84 -17.14 9.65
CA LEU B 187 -22.09 -17.69 10.98
C LEU B 187 -21.58 -16.74 12.07
N ALA B 188 -20.38 -16.21 11.89
CA ALA B 188 -19.81 -15.25 12.83
C ALA B 188 -20.69 -14.01 12.96
N ALA B 189 -21.17 -13.51 11.82
CA ALA B 189 -22.04 -12.34 11.78
C ALA B 189 -23.34 -12.57 12.53
N LEU B 190 -23.93 -13.74 12.33
CA LEU B 190 -25.16 -14.13 13.04
C LEU B 190 -24.96 -14.14 14.57
N LEU B 191 -23.77 -14.56 15.00
CA LEU B 191 -23.48 -14.61 16.42
C LEU B 191 -23.28 -13.18 16.93
N HIS B 192 -22.65 -12.35 16.10
CA HIS B 192 -22.40 -10.94 16.40
C HIS B 192 -23.71 -10.19 16.66
N ARG B 193 -24.66 -10.40 15.77
CA ARG B 193 -25.98 -9.80 15.83
C ARG B 193 -26.72 -10.31 17.07
N GLU B 194 -26.58 -11.62 17.31
CA GLU B 194 -27.23 -12.28 18.42
C GLU B 194 -26.77 -11.78 19.79
N ARG B 195 -25.45 -11.60 19.94
CA ARG B 195 -24.86 -11.24 21.23
C ARG B 195 -24.58 -9.75 21.43
N ASN B 196 -24.28 -9.03 20.36
CA ASN B 196 -23.86 -7.64 20.49
C ASN B 196 -24.84 -6.67 19.82
N GLY B 197 -25.82 -7.21 19.11
CA GLY B 197 -26.82 -6.40 18.45
C GLY B 197 -26.33 -5.73 17.18
N VAL B 198 -25.20 -6.19 16.65
CA VAL B 198 -24.67 -5.60 15.42
C VAL B 198 -24.94 -6.45 14.20
N ALA B 199 -25.57 -5.84 13.19
CA ALA B 199 -25.82 -6.51 11.92
C ALA B 199 -24.81 -5.98 10.89
N ASP B 200 -23.87 -6.84 10.52
CA ASP B 200 -22.64 -6.41 9.85
C ASP B 200 -22.65 -6.56 8.33
N VAL B 201 -21.68 -5.92 7.69
CA VAL B 201 -21.38 -6.19 6.29
C VAL B 201 -20.16 -7.10 6.25
N VAL B 202 -20.29 -8.21 5.57
CA VAL B 202 -19.26 -9.24 5.57
C VAL B 202 -18.67 -9.34 4.17
N GLN B 203 -17.35 -9.43 4.08
CA GLN B 203 -16.69 -9.54 2.78
C GLN B 203 -15.62 -10.64 2.71
N VAL B 204 -15.73 -11.46 1.68
CA VAL B 204 -14.79 -12.54 1.44
C VAL B 204 -14.37 -12.47 -0.02
N ALA B 205 -13.07 -12.35 -0.26
CA ALA B 205 -12.51 -12.34 -1.60
C ALA B 205 -11.87 -13.69 -1.88
N MET B 206 -12.15 -14.25 -3.05
CA MET B 206 -11.55 -15.53 -3.41
C MET B 206 -10.03 -15.45 -3.42
N TYR B 207 -9.50 -14.33 -3.89
CA TYR B 207 -8.07 -14.09 -3.92
C TYR B 207 -7.48 -14.19 -2.51
N ASP B 208 -8.15 -13.57 -1.53
CA ASP B 208 -7.69 -13.62 -0.14
C ASP B 208 -7.67 -15.04 0.41
N VAL B 209 -8.69 -15.82 0.06
CA VAL B 209 -8.74 -17.21 0.45
C VAL B 209 -7.59 -17.97 -0.18
N ALA B 210 -7.34 -17.73 -1.46
CA ALA B 210 -6.27 -18.42 -2.19
C ALA B 210 -4.92 -18.07 -1.59
N VAL B 211 -4.73 -16.79 -1.27
CA VAL B 211 -3.53 -16.34 -0.57
C VAL B 211 -3.35 -17.10 0.77
N GLY B 212 -4.43 -17.19 1.54
CA GLY B 212 -4.44 -17.91 2.81
C GLY B 212 -4.09 -19.39 2.72
N LEU B 213 -4.59 -20.08 1.71
CA LEU B 213 -4.25 -21.49 1.51
C LEU B 213 -2.75 -21.69 1.26
N GLN B 214 -2.06 -20.66 0.77
CA GLN B 214 -0.64 -20.75 0.47
C GLN B 214 0.20 -19.93 1.46
N ALA B 215 -0.35 -19.64 2.62
CA ALA B 215 0.23 -18.64 3.50
C ALA B 215 1.72 -18.88 3.87
N ASN B 216 2.10 -20.10 4.25
CA ASN B 216 3.50 -20.36 4.59
C ASN B 216 4.47 -20.15 3.41
N GLN B 217 4.03 -20.52 2.22
CA GLN B 217 4.88 -20.33 1.04
C GLN B 217 5.05 -18.85 0.71
N LEU B 218 3.98 -18.06 0.88
CA LEU B 218 4.05 -16.61 0.62
C LEU B 218 4.90 -15.92 1.67
N MET B 219 4.86 -16.45 2.87
CA MET B 219 5.45 -15.80 4.04
C MET B 219 6.97 -15.73 3.97
N MET B 220 7.57 -16.72 3.32
CA MET B 220 9.02 -16.73 3.15
C MET B 220 9.53 -15.54 2.34
N HIS B 221 8.72 -15.05 1.42
CA HIS B 221 9.12 -13.90 0.61
C HIS B 221 8.74 -12.58 1.25
N LEU B 222 7.94 -12.62 2.30
CA LEU B 222 7.60 -11.40 3.02
C LEU B 222 8.65 -11.08 4.08
N ASN B 223 9.52 -12.05 4.38
CA ASN B 223 10.51 -11.90 5.45
C ASN B 223 11.97 -12.12 5.03
N ARG B 224 12.23 -13.19 4.28
CA ARG B 224 13.61 -13.54 3.92
C ARG B 224 13.96 -12.89 2.60
N THR B 248 11.27 -31.74 3.98
CA THR B 248 11.63 -32.80 4.93
C THR B 248 11.44 -34.18 4.32
N GLN B 249 12.49 -34.98 4.31
CA GLN B 249 12.50 -36.26 3.60
C GLN B 249 12.75 -37.46 4.51
N PRO B 250 12.17 -38.62 4.17
CA PRO B 250 11.32 -38.90 3.00
C PRO B 250 9.85 -38.52 3.19
N SER B 251 9.34 -37.73 2.24
CA SER B 251 7.94 -37.34 2.23
C SER B 251 7.55 -36.98 0.79
N ASP B 252 7.17 -37.99 0.02
CA ASP B 252 6.99 -37.86 -1.43
C ASP B 252 6.28 -39.07 -2.03
N ALA B 253 6.25 -39.11 -3.36
CA ALA B 253 5.76 -40.27 -4.09
C ALA B 253 6.96 -41.04 -4.63
N PHE B 254 6.90 -42.37 -4.56
CA PHE B 254 8.03 -43.19 -5.00
C PHE B 254 7.58 -44.30 -5.94
N ARG B 255 8.42 -44.57 -6.94
CA ARG B 255 8.22 -45.68 -7.86
C ARG B 255 8.30 -47.01 -7.11
N THR B 256 7.42 -47.94 -7.46
CA THR B 256 7.50 -49.33 -6.99
C THR B 256 7.49 -50.27 -8.20
N ALA B 257 7.22 -51.55 -7.95
CA ALA B 257 7.14 -52.52 -9.03
C ALA B 257 5.91 -52.27 -9.91
N ASP B 258 4.81 -51.90 -9.26
CA ASP B 258 3.56 -51.57 -9.95
C ASP B 258 2.92 -50.38 -9.27
N GLY B 259 3.03 -49.22 -9.92
CA GLY B 259 2.42 -47.99 -9.41
C GLY B 259 3.35 -47.18 -8.52
N TYR B 260 2.87 -46.04 -8.06
CA TYR B 260 3.62 -45.22 -7.13
C TYR B 260 3.06 -45.40 -5.73
N ILE B 261 3.90 -45.23 -4.71
CA ILE B 261 3.42 -45.20 -3.34
C ILE B 261 3.79 -43.85 -2.74
N VAL B 262 2.87 -43.27 -1.98
CA VAL B 262 3.17 -42.05 -1.24
C VAL B 262 3.57 -42.41 0.19
N ILE B 263 4.75 -41.98 0.61
CA ILE B 263 5.26 -42.28 1.94
C ILE B 263 5.70 -41.02 2.66
N SER B 264 5.31 -40.89 3.93
CA SER B 264 5.88 -39.84 4.77
C SER B 264 6.44 -40.46 6.06
N ALA B 265 7.76 -40.51 6.16
CA ALA B 265 8.42 -41.15 7.30
C ALA B 265 9.74 -40.44 7.58
N TYR B 266 9.66 -39.19 8.00
CA TYR B 266 10.84 -38.35 8.13
C TYR B 266 11.20 -38.13 9.59
N VAL B 267 10.25 -38.39 10.46
CA VAL B 267 10.51 -38.38 11.90
C VAL B 267 11.44 -39.56 12.24
N PRO B 268 12.51 -39.30 13.03
CA PRO B 268 13.55 -40.28 13.37
C PRO B 268 13.05 -41.71 13.63
N LYS B 269 12.05 -41.85 14.51
CA LYS B 269 11.47 -43.17 14.78
C LYS B 269 10.86 -43.78 13.52
N HIS B 270 10.23 -42.96 12.69
CA HIS B 270 9.61 -43.44 11.46
C HIS B 270 10.61 -43.75 10.35
N TRP B 271 11.62 -42.89 10.22
CA TRP B 271 12.69 -43.09 9.25
C TRP B 271 13.35 -44.45 9.45
N GLN B 272 13.67 -44.76 10.70
CA GLN B 272 14.31 -46.02 11.06
C GLN B 272 13.48 -47.24 10.73
N LYS B 273 12.21 -47.24 11.15
CA LYS B 273 11.28 -48.31 10.82
C LYS B 273 11.22 -48.60 9.31
N LEU B 274 11.10 -47.51 8.53
CA LEU B 274 11.03 -47.62 7.08
C LEU B 274 12.23 -48.38 6.51
N CYS B 275 13.43 -47.93 6.91
CA CYS B 275 14.66 -48.57 6.45
C CYS B 275 14.70 -50.08 6.72
N TYR B 276 14.28 -50.52 7.90
CA TYR B 276 14.29 -51.96 8.19
C TYR B 276 13.21 -52.66 7.37
N LEU B 277 12.04 -52.04 7.25
CA LEU B 277 10.93 -52.69 6.57
C LEU B 277 11.18 -52.86 5.05
N ILE B 278 11.93 -51.93 4.45
CA ILE B 278 12.25 -52.07 3.03
C ILE B 278 13.55 -52.82 2.83
N GLY B 279 14.10 -53.35 3.93
CA GLY B 279 15.30 -54.16 3.90
C GLY B 279 16.62 -53.42 3.74
N ARG B 280 16.71 -52.20 4.27
CA ARG B 280 17.91 -51.40 4.08
C ARG B 280 18.45 -50.74 5.36
N PRO B 281 18.85 -51.55 6.35
CA PRO B 281 19.37 -51.07 7.63
C PRO B 281 20.59 -50.16 7.49
N ASP B 282 21.29 -50.28 6.37
CA ASP B 282 22.48 -49.49 6.09
C ASP B 282 22.18 -48.01 5.93
N LEU B 283 20.95 -47.70 5.51
CA LEU B 283 20.57 -46.31 5.27
C LEU B 283 20.43 -45.51 6.56
N VAL B 284 20.17 -46.20 7.68
CA VAL B 284 19.97 -45.54 8.98
C VAL B 284 21.21 -44.79 9.43
N GLU B 285 22.38 -45.41 9.23
CA GLU B 285 23.64 -44.81 9.67
C GLU B 285 24.43 -44.15 8.53
N ASP B 286 23.94 -44.29 7.30
CA ASP B 286 24.60 -43.71 6.12
C ASP B 286 24.74 -42.20 6.27
N GLN B 287 25.98 -41.72 6.35
CA GLN B 287 26.29 -40.30 6.59
C GLN B 287 25.49 -39.36 5.72
N ARG B 288 25.02 -39.86 4.58
CA ARG B 288 24.23 -39.05 3.67
C ARG B 288 22.78 -38.86 4.14
N PHE B 289 22.27 -39.81 4.93
CA PHE B 289 20.84 -39.85 5.23
C PHE B 289 20.49 -39.93 6.72
N ALA B 290 21.50 -40.03 7.59
CA ALA B 290 21.25 -40.33 9.00
C ALA B 290 20.49 -39.20 9.73
N GLU B 291 20.85 -37.96 9.42
CA GLU B 291 20.15 -36.80 9.97
C GLU B 291 19.11 -36.27 9.00
N GLN B 292 18.10 -35.61 9.55
CA GLN B 292 16.96 -35.13 8.76
C GLN B 292 17.36 -34.08 7.75
N ARG B 293 18.27 -33.19 8.14
CA ARG B 293 18.75 -32.15 7.24
C ARG B 293 19.54 -32.74 6.09
N SER B 294 20.26 -33.82 6.38
CA SER B 294 21.04 -34.52 5.36
C SER B 294 20.16 -35.16 4.29
N ARG B 295 19.05 -35.74 4.74
CA ARG B 295 18.11 -36.39 3.83
C ARG B 295 17.53 -35.37 2.88
N SER B 296 17.32 -34.16 3.37
CA SER B 296 16.76 -33.09 2.56
C SER B 296 17.77 -32.63 1.53
N ILE B 297 19.02 -32.44 1.94
CA ILE B 297 20.07 -32.02 1.01
C ILE B 297 20.33 -33.06 -0.07
N ASN B 298 20.42 -34.31 0.35
CA ASN B 298 20.73 -35.40 -0.57
C ASN B 298 19.47 -36.17 -0.99
N TYR B 299 18.38 -35.45 -1.21
CA TYR B 299 17.09 -36.07 -1.49
C TYR B 299 17.09 -36.88 -2.79
N ALA B 300 17.91 -36.47 -3.75
CA ALA B 300 17.97 -37.14 -5.05
C ALA B 300 18.61 -38.54 -4.90
N GLU B 301 19.74 -38.60 -4.22
CA GLU B 301 20.37 -39.87 -3.87
C GLU B 301 19.45 -40.75 -3.01
N LEU B 302 18.78 -40.13 -2.04
CA LEU B 302 17.86 -40.87 -1.16
C LEU B 302 16.78 -41.58 -1.96
N THR B 303 16.20 -40.83 -2.91
CA THR B 303 15.14 -41.34 -3.77
C THR B 303 15.59 -42.53 -4.60
N ALA B 304 16.82 -42.49 -5.11
CA ALA B 304 17.35 -43.62 -5.89
C ALA B 304 17.51 -44.84 -4.98
N GLU B 305 18.03 -44.65 -3.78
CA GLU B 305 18.19 -45.75 -2.82
C GLU B 305 16.85 -46.32 -2.41
N LEU B 306 15.87 -45.46 -2.13
CA LEU B 306 14.55 -45.94 -1.73
C LEU B 306 13.86 -46.72 -2.84
N GLU B 307 13.94 -46.20 -4.06
CA GLU B 307 13.26 -46.82 -5.19
C GLU B 307 13.93 -48.16 -5.57
N LEU B 308 15.24 -48.23 -5.41
CA LEU B 308 15.96 -49.51 -5.52
C LEU B 308 15.35 -50.59 -4.62
N ALA B 309 15.02 -50.23 -3.39
CA ALA B 309 14.43 -51.18 -2.46
C ALA B 309 12.94 -51.42 -2.75
N LEU B 310 12.22 -50.36 -3.10
CA LEU B 310 10.79 -50.50 -3.33
C LEU B 310 10.45 -51.25 -4.62
N ALA B 311 11.43 -51.44 -5.49
CA ALA B 311 11.21 -52.15 -6.75
C ALA B 311 10.81 -53.62 -6.58
N SER B 312 11.10 -54.22 -5.42
CA SER B 312 10.84 -55.65 -5.21
C SER B 312 9.40 -56.00 -4.83
N LYS B 313 8.56 -54.98 -4.62
CA LYS B 313 7.14 -55.22 -4.33
C LYS B 313 6.22 -54.22 -5.05
N THR B 314 4.97 -54.65 -5.19
CA THR B 314 3.88 -53.83 -5.68
C THR B 314 3.53 -52.72 -4.66
N ALA B 315 2.95 -51.62 -5.13
CA ALA B 315 2.59 -50.50 -4.24
C ALA B 315 1.58 -50.92 -3.16
N THR B 316 0.60 -51.72 -3.57
CA THR B 316 -0.42 -52.22 -2.66
C THR B 316 0.23 -53.05 -1.55
N GLU B 317 1.21 -53.88 -1.91
CA GLU B 317 1.89 -54.70 -0.90
C GLU B 317 2.63 -53.85 0.11
N TRP B 318 3.34 -52.82 -0.36
CA TRP B 318 4.06 -51.93 0.54
C TRP B 318 3.15 -51.15 1.47
N VAL B 319 1.99 -50.76 0.96
CA VAL B 319 1.03 -50.00 1.75
C VAL B 319 0.54 -50.85 2.90
N GLN B 320 0.12 -52.08 2.57
CA GLN B 320 -0.29 -53.05 3.59
C GLN B 320 0.78 -53.24 4.67
N LEU B 321 2.04 -53.39 4.27
CA LEU B 321 3.13 -53.67 5.22
C LEU B 321 3.46 -52.46 6.08
N LEU B 322 3.57 -51.30 5.44
CA LEU B 322 3.94 -50.07 6.14
C LEU B 322 2.87 -49.58 7.12
N GLN B 323 1.60 -49.78 6.77
CA GLN B 323 0.51 -49.35 7.64
C GLN B 323 0.39 -50.28 8.85
N ALA B 324 0.68 -51.56 8.64
CA ALA B 324 0.64 -52.53 9.72
C ALA B 324 1.66 -52.19 10.80
N ASN B 325 2.67 -51.42 10.42
CA ASN B 325 3.71 -51.00 11.35
C ASN B 325 3.65 -49.53 11.72
N GLY B 326 2.50 -48.91 11.53
CA GLY B 326 2.25 -47.54 11.98
C GLY B 326 2.96 -46.45 11.19
N LEU B 327 3.15 -46.65 9.89
CA LEU B 327 3.76 -45.61 9.05
C LEU B 327 2.73 -44.96 8.12
N MET B 328 2.94 -43.69 7.81
CA MET B 328 2.04 -42.99 6.88
C MET B 328 2.38 -43.31 5.44
N ALA B 329 1.49 -44.05 4.79
CA ALA B 329 1.66 -44.46 3.41
C ALA B 329 0.29 -44.70 2.77
N CYS B 330 0.21 -44.43 1.47
CA CYS B 330 -1.02 -44.69 0.73
C CYS B 330 -0.74 -44.76 -0.76
N LEU B 331 -1.70 -45.28 -1.53
CA LEU B 331 -1.67 -45.15 -2.97
C LEU B 331 -2.08 -43.74 -3.37
N ALA B 332 -1.60 -43.28 -4.53
CA ALA B 332 -2.10 -42.04 -5.10
C ALA B 332 -3.33 -42.36 -5.95
N HIS B 333 -4.48 -42.48 -5.29
CA HIS B 333 -5.72 -42.88 -5.94
C HIS B 333 -6.16 -41.84 -6.96
N THR B 334 -6.75 -42.31 -8.05
CA THR B 334 -7.53 -41.44 -8.96
C THR B 334 -8.95 -41.25 -8.42
N TRP B 335 -9.65 -40.22 -8.92
CA TRP B 335 -11.04 -39.99 -8.52
C TRP B 335 -11.90 -41.24 -8.71
N LYS B 336 -11.72 -41.92 -9.83
CA LYS B 336 -12.42 -43.18 -10.11
C LYS B 336 -12.13 -44.22 -9.05
N GLN B 337 -10.90 -44.25 -8.56
CA GLN B 337 -10.53 -45.19 -7.51
C GLN B 337 -11.01 -44.79 -6.10
N VAL B 338 -10.93 -43.50 -5.77
CA VAL B 338 -11.27 -43.01 -4.42
C VAL B 338 -12.66 -43.48 -3.98
N VAL B 339 -13.60 -43.35 -4.90
CA VAL B 339 -15.00 -43.61 -4.63
C VAL B 339 -15.28 -45.07 -4.27
N ASP B 340 -14.34 -45.96 -4.59
CA ASP B 340 -14.58 -47.38 -4.34
C ASP B 340 -13.78 -47.94 -3.15
N THR B 341 -13.00 -47.08 -2.49
CA THR B 341 -12.18 -47.52 -1.37
C THR B 341 -13.01 -47.77 -0.12
N PRO B 342 -12.53 -48.65 0.77
CA PRO B 342 -13.23 -48.94 2.03
C PRO B 342 -13.25 -47.72 2.95
N LEU B 343 -12.22 -46.89 2.86
CA LEU B 343 -12.18 -45.67 3.64
C LEU B 343 -13.34 -44.75 3.26
N PHE B 344 -13.52 -44.55 1.95
CA PHE B 344 -14.56 -43.69 1.44
C PHE B 344 -15.93 -44.17 1.93
N ALA B 345 -16.13 -45.48 1.93
CA ALA B 345 -17.40 -46.03 2.39
C ALA B 345 -17.63 -45.81 3.89
N GLU B 346 -16.56 -45.88 4.68
CA GLU B 346 -16.62 -45.72 6.13
C GLU B 346 -17.17 -44.37 6.58
N ASN B 347 -16.87 -43.34 5.79
CA ASN B 347 -17.16 -41.98 6.21
C ASN B 347 -18.52 -41.46 5.76
N ASP B 348 -19.31 -42.30 5.08
CA ASP B 348 -20.71 -41.97 4.80
C ASP B 348 -20.79 -40.61 4.09
N LEU B 349 -20.07 -40.48 2.98
CA LEU B 349 -19.83 -39.19 2.35
C LEU B 349 -20.84 -38.82 1.28
N THR B 350 -21.71 -39.76 0.94
CA THR B 350 -22.66 -39.55 -0.15
C THR B 350 -24.07 -39.54 0.36
N LEU B 351 -24.95 -38.84 -0.35
CA LEU B 351 -26.38 -38.93 -0.11
C LEU B 351 -27.09 -39.03 -1.46
N GLU B 352 -28.28 -39.64 -1.45
CA GLU B 352 -29.06 -39.83 -2.67
C GLU B 352 -30.15 -38.78 -2.83
N VAL B 353 -30.28 -38.27 -4.05
CA VAL B 353 -31.26 -37.23 -4.38
C VAL B 353 -32.31 -37.77 -5.34
N GLY B 354 -33.55 -37.83 -4.82
CA GLY B 354 -34.81 -38.25 -5.47
C GLY B 354 -35.46 -39.31 -4.60
N ARG B 355 -36.01 -40.35 -5.24
CA ARG B 355 -36.69 -41.41 -4.51
C ARG B 355 -36.71 -42.68 -5.34
N GLY B 356 -36.49 -43.82 -4.68
CA GLY B 356 -36.49 -45.14 -5.32
C GLY B 356 -35.39 -45.31 -6.37
N ALA B 357 -35.78 -45.54 -7.61
CA ALA B 357 -34.81 -45.69 -8.67
C ALA B 357 -34.33 -44.37 -9.24
N ASP B 358 -33.25 -44.44 -10.02
CA ASP B 358 -32.71 -43.31 -10.78
C ASP B 358 -32.45 -42.06 -9.94
N THR B 359 -32.09 -42.26 -8.69
CA THR B 359 -31.60 -41.18 -7.84
C THR B 359 -30.21 -40.76 -8.29
N ILE B 360 -29.78 -39.57 -7.87
CA ILE B 360 -28.48 -39.07 -8.26
C ILE B 360 -27.65 -38.94 -6.98
N THR B 361 -26.37 -39.31 -7.06
CA THR B 361 -25.50 -39.35 -5.89
C THR B 361 -24.64 -38.09 -5.79
N VAL B 362 -24.66 -37.44 -4.63
CA VAL B 362 -23.80 -36.29 -4.39
C VAL B 362 -23.07 -36.43 -3.06
N ILE B 363 -22.11 -35.52 -2.84
CA ILE B 363 -21.29 -35.53 -1.62
C ILE B 363 -21.79 -34.54 -0.57
N ARG B 364 -21.91 -34.98 0.67
CA ARG B 364 -22.36 -34.10 1.75
C ARG B 364 -21.30 -33.07 2.12
N THR B 365 -21.70 -32.04 2.87
CA THR B 365 -20.75 -31.07 3.41
C THR B 365 -19.96 -31.74 4.54
N PRO B 366 -18.71 -31.31 4.77
CA PRO B 366 -17.81 -32.09 5.63
C PRO B 366 -18.11 -32.09 7.14
N ALA B 367 -18.56 -30.98 7.71
CA ALA B 367 -18.75 -30.94 9.18
C ALA B 367 -19.93 -31.80 9.65
N ARG B 368 -19.72 -32.56 10.74
CA ARG B 368 -20.78 -33.40 11.32
C ARG B 368 -21.13 -33.06 12.78
N TYR B 369 -22.38 -33.31 13.15
CA TYR B 369 -22.91 -32.88 14.44
C TYR B 369 -23.69 -34.01 15.09
N ALA B 370 -23.61 -34.12 16.41
CA ALA B 370 -24.29 -35.18 17.12
C ALA B 370 -25.78 -34.88 17.37
N SER B 371 -26.12 -33.62 17.63
CA SER B 371 -27.50 -33.32 18.05
C SER B 371 -28.46 -33.13 16.87
N PHE B 372 -27.96 -33.14 15.64
CA PHE B 372 -28.83 -33.06 14.48
C PHE B 372 -28.05 -33.53 13.25
N ARG B 373 -28.75 -33.89 12.18
CA ARG B 373 -28.09 -34.27 10.94
C ARG B 373 -27.96 -33.09 9.99
N ALA B 374 -26.72 -32.69 9.69
CA ALA B 374 -26.46 -31.57 8.78
C ALA B 374 -26.59 -32.03 7.35
N VAL B 375 -27.74 -32.59 7.02
CA VAL B 375 -28.01 -33.08 5.68
C VAL B 375 -29.45 -32.75 5.28
N VAL B 376 -29.73 -32.70 3.99
CA VAL B 376 -31.13 -32.62 3.56
C VAL B 376 -31.40 -33.60 2.42
N THR B 377 -32.59 -34.21 2.45
CA THR B 377 -33.00 -35.14 1.41
C THR B 377 -33.64 -34.39 0.24
N ASP B 378 -34.34 -33.30 0.55
CA ASP B 378 -35.09 -32.51 -0.43
C ASP B 378 -34.27 -32.18 -1.68
N PRO B 379 -34.91 -32.25 -2.87
CA PRO B 379 -34.30 -31.95 -4.16
C PRO B 379 -34.17 -30.46 -4.39
N PRO B 380 -33.41 -30.04 -5.42
CA PRO B 380 -33.38 -28.61 -5.76
C PRO B 380 -34.76 -28.10 -6.18
N PRO B 381 -35.03 -26.81 -5.98
CA PRO B 381 -36.27 -26.24 -6.49
C PRO B 381 -36.25 -26.14 -8.01
N THR B 382 -37.41 -26.22 -8.64
CA THR B 382 -37.53 -25.87 -10.05
C THR B 382 -37.49 -24.35 -10.22
N ALA B 383 -37.09 -23.90 -11.40
CA ALA B 383 -36.95 -22.47 -11.64
C ALA B 383 -38.26 -21.73 -11.38
N GLY B 384 -38.23 -20.81 -10.43
CA GLY B 384 -39.37 -19.96 -10.12
C GLY B 384 -40.45 -20.64 -9.30
N GLU B 385 -40.12 -21.81 -8.75
CA GLU B 385 -41.10 -22.63 -8.03
C GLU B 385 -41.87 -21.89 -6.94
N HIS B 386 -41.23 -20.89 -6.34
CA HIS B 386 -41.84 -20.18 -5.22
C HIS B 386 -42.15 -18.73 -5.53
N ASN B 387 -42.27 -18.42 -6.81
CA ASN B 387 -42.70 -17.10 -7.26
C ASN B 387 -43.96 -16.64 -6.56
N ALA B 388 -44.95 -17.53 -6.48
CA ALA B 388 -46.24 -17.19 -5.88
C ALA B 388 -46.14 -16.89 -4.39
N VAL B 389 -45.28 -17.63 -3.67
CA VAL B 389 -45.20 -17.48 -2.22
C VAL B 389 -44.43 -16.23 -1.80
N PHE B 390 -43.46 -15.81 -2.59
CA PHE B 390 -42.62 -14.70 -2.16
C PHE B 390 -42.76 -13.36 -2.83
N LEU B 391 -43.16 -13.28 -4.09
CA LEU B 391 -43.29 -11.98 -4.74
C LEU B 391 -44.61 -11.21 -4.57
N ASN C 5 15.47 49.26 15.25
CA ASN C 5 14.60 49.29 16.42
C ASN C 5 13.09 49.01 16.24
N PRO C 6 12.57 48.97 14.98
CA PRO C 6 11.12 48.69 14.97
C PRO C 6 10.75 47.27 15.37
N ALA C 7 9.51 47.10 15.81
CA ALA C 7 9.01 45.79 16.25
C ALA C 7 9.05 44.71 15.17
N LYS C 8 9.34 43.48 15.61
CA LYS C 8 9.33 42.33 14.72
C LYS C 8 8.29 41.32 15.20
N PRO C 9 7.75 40.51 14.27
CA PRO C 9 6.66 39.58 14.55
C PRO C 9 6.91 38.63 15.72
N LEU C 10 8.15 38.19 15.91
CA LEU C 10 8.43 37.16 16.91
C LEU C 10 9.20 37.65 18.13
N ASP C 11 9.25 38.97 18.33
CA ASP C 11 9.84 39.54 19.54
C ASP C 11 9.27 38.89 20.79
N GLY C 12 10.14 38.46 21.69
CA GLY C 12 9.72 37.87 22.94
C GLY C 12 9.60 36.37 22.89
N PHE C 13 9.60 35.78 21.69
CA PHE C 13 9.52 34.33 21.58
C PHE C 13 10.91 33.71 21.65
N ARG C 14 11.02 32.60 22.35
CA ARG C 14 12.29 31.88 22.48
C ARG C 14 12.19 30.52 21.81
N VAL C 15 13.17 30.19 20.98
CA VAL C 15 13.19 28.91 20.27
C VAL C 15 14.41 28.06 20.64
N LEU C 16 14.17 26.79 20.97
CA LEU C 16 15.26 25.83 21.18
C LEU C 16 15.52 24.99 19.93
N ASP C 17 16.65 25.24 19.27
CA ASP C 17 16.97 24.65 17.97
C ASP C 17 17.98 23.51 18.12
N PHE C 18 17.52 22.27 18.08
CA PHE C 18 18.40 21.10 18.15
C PHE C 18 18.91 20.64 16.79
N THR C 19 18.53 21.35 15.73
CA THR C 19 18.76 20.87 14.38
C THR C 19 20.21 21.02 13.93
N GLN C 20 20.59 20.25 12.92
CA GLN C 20 21.92 20.33 12.35
C GLN C 20 21.87 20.45 10.83
N ASN C 21 23.01 20.75 10.22
CA ASN C 21 23.17 20.79 8.77
C ASN C 21 22.43 21.97 8.14
N VAL C 22 21.52 21.70 7.19
CA VAL C 22 20.97 22.80 6.39
C VAL C 22 19.48 23.10 6.60
N ALA C 23 18.62 22.09 6.44
CA ALA C 23 17.17 22.30 6.47
C ALA C 23 16.63 22.88 7.78
N GLY C 24 16.80 22.16 8.87
CA GLY C 24 16.36 22.63 10.17
C GLY C 24 16.96 23.96 10.56
N PRO C 25 18.28 24.12 10.39
CA PRO C 25 18.86 25.43 10.70
C PRO C 25 18.33 26.58 9.84
N LEU C 26 17.97 26.31 8.58
CA LEU C 26 17.37 27.33 7.73
C LEU C 26 16.07 27.82 8.34
N ALA C 27 15.26 26.87 8.82
CA ALA C 27 14.04 27.24 9.52
C ALA C 27 14.36 28.15 10.71
N GLY C 28 15.39 27.81 11.47
CA GLY C 28 15.85 28.62 12.58
C GLY C 28 16.27 30.02 12.15
N GLN C 29 16.92 30.11 11.00
CA GLN C 29 17.37 31.41 10.48
C GLN C 29 16.18 32.30 10.14
N VAL C 30 15.12 31.72 9.60
CA VAL C 30 13.91 32.48 9.30
C VAL C 30 13.30 33.05 10.59
N LEU C 31 13.18 32.24 11.64
CA LEU C 31 12.71 32.76 12.92
C LEU C 31 13.61 33.84 13.52
N VAL C 32 14.91 33.70 13.36
CA VAL C 32 15.84 34.76 13.79
C VAL C 32 15.56 36.08 13.05
N ASP C 33 15.38 35.99 11.74
CA ASP C 33 15.10 37.18 10.93
C ASP C 33 13.78 37.85 11.30
N LEU C 34 12.82 37.07 11.78
CA LEU C 34 11.51 37.58 12.18
C LEU C 34 11.50 38.01 13.64
N GLY C 35 12.66 37.99 14.28
CA GLY C 35 12.84 38.60 15.59
C GLY C 35 12.89 37.67 16.79
N ALA C 36 12.79 36.37 16.54
CA ALA C 36 12.78 35.40 17.63
C ALA C 36 14.18 35.23 18.20
N GLU C 37 14.25 34.90 19.48
CA GLU C 37 15.48 34.47 20.09
C GLU C 37 15.64 32.96 19.88
N VAL C 38 16.60 32.58 19.03
CA VAL C 38 16.79 31.18 18.68
C VAL C 38 18.08 30.64 19.28
N ILE C 39 17.95 29.61 20.12
CA ILE C 39 19.07 29.06 20.85
C ILE C 39 19.51 27.71 20.30
N LYS C 40 20.68 27.66 19.67
CA LYS C 40 21.23 26.39 19.18
C LYS C 40 21.65 25.47 20.34
N VAL C 41 21.32 24.19 20.21
CA VAL C 41 21.84 23.18 21.14
C VAL C 41 22.80 22.28 20.40
N GLU C 42 24.08 22.40 20.71
CA GLU C 42 25.11 21.70 19.97
C GLU C 42 25.86 20.72 20.85
N ALA C 43 26.48 19.74 20.21
CA ALA C 43 27.42 18.84 20.90
C ALA C 43 28.67 19.61 21.34
N PRO C 44 29.37 19.12 22.37
CA PRO C 44 30.61 19.78 22.83
C PRO C 44 31.58 20.06 21.68
N GLY C 45 32.08 21.28 21.62
CA GLY C 45 33.01 21.68 20.58
C GLY C 45 32.28 22.29 19.40
N GLY C 46 30.95 22.15 19.39
CA GLY C 46 30.14 22.64 18.28
C GLY C 46 29.78 21.56 17.27
N GLU C 47 28.73 21.82 16.48
CA GLU C 47 28.32 20.87 15.46
C GLU C 47 29.37 20.76 14.35
N ALA C 48 29.48 19.57 13.75
CA ALA C 48 30.53 19.28 12.79
C ALA C 48 30.51 20.20 11.58
N ALA C 49 29.34 20.71 11.21
CA ALA C 49 29.20 21.59 10.06
C ALA C 49 30.00 22.88 10.21
N ARG C 50 30.41 23.18 11.44
CA ARG C 50 31.29 24.30 11.71
C ARG C 50 32.67 24.13 11.07
N GLN C 51 33.09 22.88 10.91
CA GLN C 51 34.44 22.55 10.45
C GLN C 51 34.61 22.41 8.93
N ILE C 52 33.51 22.18 8.21
CA ILE C 52 33.57 22.12 6.75
C ILE C 52 33.93 23.51 6.23
N THR C 53 35.20 23.72 5.88
CA THR C 53 35.72 25.06 5.61
C THR C 53 35.97 25.46 4.14
N SER C 54 35.28 24.80 3.21
CA SER C 54 35.40 25.04 1.76
C SER C 54 35.73 26.49 1.39
N PRO C 61 39.39 30.97 5.57
CA PRO C 61 38.52 29.89 5.12
C PRO C 61 37.07 30.19 5.51
N LEU C 62 36.11 29.53 4.84
CA LEU C 62 34.69 29.81 5.06
C LEU C 62 33.85 28.55 5.30
N ALA C 63 33.21 28.48 6.46
CA ALA C 63 32.25 27.43 6.78
C ALA C 63 30.96 27.65 5.99
N THR C 64 31.01 27.37 4.69
CA THR C 64 29.94 27.74 3.77
C THR C 64 28.58 27.12 4.06
N TYR C 65 28.54 26.02 4.81
CA TYR C 65 27.26 25.43 5.17
C TYR C 65 26.75 25.99 6.51
N PHE C 66 27.66 26.18 7.45
CA PHE C 66 27.26 26.63 8.78
C PHE C 66 26.88 28.13 8.82
N LEU C 67 27.71 28.97 8.22
CA LEU C 67 27.56 30.44 8.34
C LEU C 67 26.24 31.05 7.88
N PRO C 68 25.73 30.68 6.68
CA PRO C 68 24.54 31.41 6.20
C PRO C 68 23.27 31.17 7.00
N ASN C 69 23.17 30.04 7.70
CA ASN C 69 21.92 29.69 8.35
C ASN C 69 21.98 29.75 9.86
N ASN C 70 23.02 30.37 10.41
CA ASN C 70 23.14 30.46 11.86
C ASN C 70 23.52 31.85 12.35
N ARG C 71 23.24 32.84 11.53
CA ARG C 71 23.48 34.22 11.92
C ARG C 71 22.48 34.69 12.96
N GLY C 72 22.99 35.31 14.02
CA GLY C 72 22.15 35.91 15.04
C GLY C 72 21.57 34.92 16.04
N LYS C 73 21.96 33.65 15.96
CA LYS C 73 21.48 32.67 16.92
C LYS C 73 22.34 32.71 18.18
N LYS C 74 21.85 32.09 19.25
CA LYS C 74 22.63 31.91 20.46
C LYS C 74 23.10 30.47 20.48
N SER C 75 24.09 30.15 21.32
CA SER C 75 24.59 28.77 21.34
C SER C 75 24.81 28.22 22.74
N VAL C 76 24.35 27.01 22.93
CA VAL C 76 24.65 26.23 24.11
C VAL C 76 25.35 24.93 23.68
N THR C 77 26.37 24.53 24.43
CA THR C 77 27.02 23.24 24.18
C THR C 77 26.74 22.33 25.35
N VAL C 78 26.29 21.13 25.04
CA VAL C 78 25.91 20.19 26.07
C VAL C 78 26.12 18.75 25.55
N ASP C 79 26.42 17.82 26.45
CA ASP C 79 26.51 16.42 26.04
C ASP C 79 25.19 15.77 26.40
N LEU C 80 24.37 15.57 25.38
CA LEU C 80 22.97 15.18 25.57
C LEU C 80 22.80 13.78 26.15
N THR C 81 23.87 12.98 26.18
CA THR C 81 23.79 11.63 26.74
C THR C 81 23.80 11.63 28.27
N THR C 82 24.35 12.68 28.87
CA THR C 82 24.49 12.74 30.33
C THR C 82 23.23 13.26 31.02
N GLU C 83 23.03 12.85 32.27
CA GLU C 83 21.84 13.26 33.01
C GLU C 83 21.81 14.75 33.38
N GLN C 84 22.97 15.34 33.63
CA GLN C 84 23.04 16.75 34.01
C GLN C 84 22.55 17.63 32.87
N ALA C 85 22.98 17.30 31.66
CA ALA C 85 22.59 18.03 30.47
C ALA C 85 21.10 17.88 30.18
N LYS C 86 20.58 16.66 30.39
CA LYS C 86 19.15 16.40 30.22
C LYS C 86 18.34 17.36 31.09
N GLN C 87 18.77 17.53 32.34
CA GLN C 87 18.08 18.39 33.29
C GLN C 87 18.20 19.86 32.90
N GLN C 88 19.38 20.23 32.41
CA GLN C 88 19.60 21.59 31.95
C GLN C 88 18.70 21.89 30.75
N MET C 89 18.52 20.91 29.87
CA MET C 89 17.65 21.09 28.72
C MET C 89 16.19 21.17 29.14
N LEU C 90 15.82 20.39 30.15
CA LEU C 90 14.46 20.43 30.68
C LEU C 90 14.15 21.78 31.29
N ARG C 91 15.11 22.34 32.02
CA ARG C 91 14.91 23.64 32.64
C ARG C 91 14.82 24.72 31.57
N LEU C 92 15.63 24.58 30.53
CA LEU C 92 15.62 25.52 29.40
C LEU C 92 14.32 25.44 28.59
N ALA C 93 13.84 24.22 28.35
CA ALA C 93 12.63 24.03 27.54
C ALA C 93 11.41 24.64 28.22
N ASP C 94 11.44 24.65 29.55
CA ASP C 94 10.41 25.29 30.37
C ASP C 94 10.25 26.78 30.07
N THR C 95 11.29 27.42 29.53
CA THR C 95 11.25 28.85 29.25
C THR C 95 11.02 29.15 27.77
N ALA C 96 10.87 28.09 26.97
CA ALA C 96 10.82 28.25 25.52
C ALA C 96 9.38 28.24 25.00
N ASP C 97 9.16 28.93 23.89
CA ASP C 97 7.87 28.86 23.22
C ASP C 97 7.87 27.72 22.22
N VAL C 98 9.02 27.45 21.59
CA VAL C 98 9.13 26.44 20.54
C VAL C 98 10.36 25.53 20.74
N VAL C 99 10.19 24.23 20.49
CA VAL C 99 11.32 23.33 20.31
C VAL C 99 11.39 22.83 18.87
N LEU C 100 12.57 22.98 18.25
CA LEU C 100 12.85 22.43 16.92
C LEU C 100 13.84 21.27 16.98
N GLU C 101 13.46 20.10 16.50
CA GLU C 101 14.40 18.98 16.48
C GLU C 101 14.34 18.32 15.11
N ALA C 102 15.50 17.84 14.65
CA ALA C 102 15.58 17.26 13.31
C ALA C 102 16.42 15.99 13.31
N PHE C 103 16.44 15.30 14.44
CA PHE C 103 17.05 13.98 14.51
C PHE C 103 16.11 12.97 13.86
N ARG C 104 16.60 11.76 13.61
CA ARG C 104 15.77 10.69 13.07
C ARG C 104 14.72 10.29 14.12
N PRO C 105 13.57 9.74 13.69
CA PRO C 105 12.49 9.33 14.60
C PRO C 105 12.96 8.51 15.81
N GLY C 106 12.42 8.81 16.98
CA GLY C 106 12.73 8.08 18.19
C GLY C 106 13.88 8.63 19.02
N THR C 107 14.74 9.44 18.39
CA THR C 107 15.93 9.95 19.07
C THR C 107 15.62 10.76 20.33
N MET C 108 14.82 11.81 20.20
CA MET C 108 14.51 12.69 21.31
C MET C 108 13.79 11.96 22.44
N GLU C 109 12.95 11.01 22.07
CA GLU C 109 12.22 10.22 23.05
C GLU C 109 13.22 9.41 23.90
N LYS C 110 14.18 8.79 23.23
CA LYS C 110 15.21 8.01 23.93
C LYS C 110 16.03 8.91 24.85
N LEU C 111 16.12 10.19 24.50
CA LEU C 111 16.86 11.17 25.31
C LEU C 111 16.04 11.74 26.48
N GLY C 112 14.75 11.37 26.55
CA GLY C 112 13.86 11.92 27.55
C GLY C 112 13.46 13.35 27.23
N LEU C 113 13.58 13.71 25.96
CA LEU C 113 13.27 15.05 25.50
C LEU C 113 12.23 15.04 24.38
N GLY C 114 11.36 14.04 24.40
CA GLY C 114 10.32 13.90 23.41
C GLY C 114 9.20 14.87 23.69
N PRO C 115 8.24 14.98 22.75
CA PRO C 115 7.10 15.89 22.87
C PRO C 115 6.34 15.72 24.19
N ASP C 116 6.13 14.49 24.61
CA ASP C 116 5.42 14.21 25.86
C ASP C 116 6.22 14.65 27.09
N ASP C 117 7.53 14.46 27.02
CA ASP C 117 8.44 14.82 28.09
C ASP C 117 8.40 16.31 28.36
N LEU C 118 8.51 17.10 27.29
CA LEU C 118 8.57 18.55 27.41
C LEU C 118 7.21 19.22 27.60
N ARG C 119 6.19 18.74 26.90
CA ARG C 119 4.88 19.38 26.91
C ARG C 119 4.09 19.18 28.20
N SER C 120 4.38 18.09 28.91
CA SER C 120 3.74 17.86 30.21
C SER C 120 4.19 18.90 31.23
N ARG C 121 5.44 19.37 31.09
CA ARG C 121 6.01 20.42 31.94
C ARG C 121 5.63 21.83 31.49
N ASN C 122 5.60 22.03 30.17
CA ASN C 122 5.35 23.34 29.58
C ASN C 122 4.17 23.31 28.61
N PRO C 123 2.97 23.65 29.11
CA PRO C 123 1.72 23.64 28.35
C PRO C 123 1.66 24.69 27.23
N ASN C 124 2.64 25.59 27.17
CA ASN C 124 2.66 26.59 26.10
C ASN C 124 3.67 26.26 25.00
N LEU C 125 4.34 25.12 25.15
CA LEU C 125 5.41 24.72 24.24
C LEU C 125 4.92 24.15 22.91
N ILE C 126 5.38 24.73 21.82
CA ILE C 126 5.13 24.18 20.50
C ILE C 126 6.32 23.29 20.14
N TYR C 127 6.05 22.08 19.68
CA TYR C 127 7.10 21.09 19.39
C TYR C 127 7.11 20.74 17.90
N ALA C 128 8.22 21.03 17.22
CA ALA C 128 8.30 20.83 15.77
C ALA C 128 9.36 19.81 15.38
N ARG C 129 8.95 18.83 14.59
CA ARG C 129 9.82 17.74 14.14
C ARG C 129 10.06 17.75 12.65
N LEU C 130 11.32 17.79 12.26
CA LEU C 130 11.69 17.66 10.85
C LEU C 130 12.39 16.33 10.67
N THR C 131 11.83 15.45 9.85
CA THR C 131 12.48 14.18 9.57
C THR C 131 12.71 14.00 8.07
N ALA C 132 13.46 12.97 7.72
CA ALA C 132 13.68 12.66 6.32
C ALA C 132 12.44 12.03 5.68
N TYR C 133 11.84 11.05 6.34
CA TYR C 133 10.79 10.27 5.68
C TYR C 133 9.47 10.18 6.46
N GLY C 134 9.38 10.82 7.63
CA GLY C 134 8.10 10.94 8.30
C GLY C 134 7.97 10.25 9.65
N GLY C 135 8.52 9.05 9.77
CA GLY C 135 8.41 8.28 11.01
C GLY C 135 7.01 7.75 11.27
N ASN C 136 6.26 7.45 10.20
CA ASN C 136 4.89 6.96 10.35
C ASN C 136 4.81 5.43 10.28
N GLY C 137 5.96 4.79 10.13
CA GLY C 137 6.03 3.35 10.04
C GLY C 137 7.47 2.91 9.80
N PRO C 138 7.66 1.62 9.51
CA PRO C 138 8.99 1.03 9.32
C PRO C 138 9.76 1.63 8.13
N HIS C 139 9.04 1.94 7.05
CA HIS C 139 9.69 2.46 5.85
C HIS C 139 10.21 3.89 6.03
N GLY C 140 9.61 4.63 6.95
CA GLY C 140 9.95 6.03 7.14
C GLY C 140 10.85 6.33 8.32
N SER C 141 11.57 5.31 8.79
CA SER C 141 12.35 5.45 10.01
C SER C 141 13.80 5.87 9.77
N ARG C 142 14.23 5.83 8.52
CA ARG C 142 15.65 5.99 8.20
C ARG C 142 16.12 7.43 8.32
N PRO C 143 17.42 7.63 8.57
CA PRO C 143 17.98 8.96 8.36
C PRO C 143 18.11 9.18 6.87
N GLY C 144 18.27 10.41 6.44
CA GLY C 144 18.40 10.68 5.02
C GLY C 144 19.15 11.97 4.81
N ILE C 145 19.64 12.18 3.59
CA ILE C 145 20.17 13.46 3.20
C ILE C 145 19.44 13.93 1.94
N ASP C 146 19.65 15.19 1.57
CA ASP C 146 18.99 15.81 0.43
C ASP C 146 19.04 14.91 -0.80
N LEU C 147 20.26 14.53 -1.17
CA LEU C 147 20.53 13.81 -2.40
C LEU C 147 19.71 12.53 -2.52
N VAL C 148 19.65 11.75 -1.44
CA VAL C 148 18.95 10.48 -1.45
C VAL C 148 17.43 10.62 -1.34
N VAL C 149 16.95 11.54 -0.53
CA VAL C 149 15.51 11.79 -0.44
C VAL C 149 14.96 12.26 -1.79
N ALA C 150 15.70 13.15 -2.46
CA ALA C 150 15.29 13.64 -3.78
C ALA C 150 15.12 12.51 -4.78
N ALA C 151 16.07 11.58 -4.80
CA ALA C 151 16.03 10.49 -5.77
C ALA C 151 14.93 9.49 -5.42
N GLU C 152 14.73 9.24 -4.13
CA GLU C 152 13.71 8.30 -3.70
C GLU C 152 12.31 8.86 -3.95
N ALA C 153 12.18 10.19 -3.91
CA ALA C 153 10.89 10.84 -4.16
C ALA C 153 10.60 11.05 -5.66
N GLY C 154 11.53 10.68 -6.54
CA GLY C 154 11.25 10.71 -7.96
C GLY C 154 11.86 11.84 -8.77
N MET C 155 12.76 12.61 -8.17
CA MET C 155 13.20 13.85 -8.80
C MET C 155 14.20 13.70 -9.96
N THR C 156 14.53 12.46 -10.33
CA THR C 156 15.43 12.24 -11.46
C THR C 156 14.67 11.95 -12.77
N THR C 157 13.36 11.80 -12.68
CA THR C 157 12.53 11.39 -13.81
C THR C 157 12.64 12.32 -15.04
N GLY C 158 12.77 11.71 -16.22
CA GLY C 158 12.73 12.44 -17.47
C GLY C 158 13.87 13.42 -17.73
N MET C 159 15.03 13.20 -17.14
CA MET C 159 16.18 14.07 -17.39
C MET C 159 17.35 13.27 -17.95
N PRO C 160 17.55 13.32 -19.27
CA PRO C 160 18.63 12.55 -19.90
C PRO C 160 20.04 13.07 -19.58
N THR C 161 20.95 12.16 -19.30
CA THR C 161 22.37 12.49 -19.04
C THR C 161 23.22 11.79 -20.10
N PRO C 162 24.46 12.28 -20.31
CA PRO C 162 25.33 11.67 -21.33
C PRO C 162 25.49 10.15 -21.22
N GLU C 163 25.78 9.62 -20.03
CA GLU C 163 26.03 8.19 -19.89
C GLU C 163 24.77 7.34 -19.63
N GLY C 164 23.60 7.98 -19.49
CA GLY C 164 22.39 7.22 -19.17
C GLY C 164 22.14 7.12 -17.67
N LYS C 165 23.03 7.77 -16.92
CA LYS C 165 22.96 7.91 -15.47
C LYS C 165 21.78 8.78 -15.01
N PRO C 166 21.12 8.44 -13.90
CA PRO C 166 20.07 9.33 -13.40
C PRO C 166 20.59 10.72 -13.07
N GLN C 167 19.84 11.76 -13.42
CA GLN C 167 20.28 13.13 -13.15
C GLN C 167 20.10 13.50 -11.69
N ILE C 168 21.19 13.83 -11.03
CA ILE C 168 21.15 14.27 -9.65
C ILE C 168 21.26 15.79 -9.66
N ILE C 169 20.21 16.45 -9.20
CA ILE C 169 20.18 17.91 -9.16
C ILE C 169 21.26 18.43 -8.23
N PRO C 170 22.16 19.26 -8.74
CA PRO C 170 23.36 19.69 -8.00
C PRO C 170 23.14 20.84 -7.03
N PHE C 171 21.91 21.13 -6.65
CA PHE C 171 21.70 22.01 -5.51
C PHE C 171 20.69 21.38 -4.58
N GLN C 172 20.66 21.83 -3.34
CA GLN C 172 19.95 21.13 -2.28
C GLN C 172 18.53 21.65 -2.15
N LEU C 173 17.69 21.31 -3.12
CA LEU C 173 16.36 21.88 -3.18
C LEU C 173 15.43 21.29 -2.12
N VAL C 174 15.62 20.03 -1.77
CA VAL C 174 14.74 19.43 -0.77
C VAL C 174 15.06 19.98 0.62
N ASP C 175 16.34 20.15 0.95
CA ASP C 175 16.75 20.80 2.20
C ASP C 175 16.16 22.22 2.35
N ASN C 176 16.37 23.08 1.36
CA ASN C 176 15.97 24.48 1.51
C ASN C 176 14.44 24.65 1.49
N ALA C 177 13.75 23.88 0.65
CA ALA C 177 12.30 23.90 0.65
C ALA C 177 11.72 23.41 1.97
N SER C 178 12.34 22.38 2.55
CA SER C 178 11.86 21.84 3.82
C SER C 178 12.03 22.82 4.96
N GLY C 179 13.13 23.56 4.95
CA GLY C 179 13.37 24.62 5.91
C GLY C 179 12.26 25.67 5.92
N HIS C 180 11.83 26.08 4.73
CA HIS C 180 10.76 27.06 4.64
C HIS C 180 9.40 26.49 5.04
N VAL C 181 9.16 25.21 4.74
CA VAL C 181 7.89 24.59 5.11
C VAL C 181 7.82 24.40 6.62
N LEU C 182 8.94 24.05 7.24
CA LEU C 182 9.02 23.93 8.69
C LEU C 182 8.74 25.27 9.37
N ALA C 183 9.38 26.34 8.87
CA ALA C 183 9.18 27.68 9.39
C ALA C 183 7.71 28.09 9.26
N GLN C 184 7.13 27.80 8.09
CA GLN C 184 5.72 28.02 7.83
C GLN C 184 4.87 27.32 8.89
N ALA C 185 5.19 26.07 9.16
CA ALA C 185 4.42 25.27 10.09
C ALA C 185 4.58 25.77 11.52
N VAL C 186 5.78 26.26 11.86
CA VAL C 186 5.98 26.84 13.18
C VAL C 186 5.14 28.13 13.34
N LEU C 187 5.17 29.01 12.34
CA LEU C 187 4.39 30.25 12.38
C LEU C 187 2.89 29.98 12.52
N ALA C 188 2.39 28.98 11.79
CA ALA C 188 0.99 28.58 11.90
C ALA C 188 0.67 28.18 13.34
N ALA C 189 1.57 27.40 13.95
CA ALA C 189 1.38 26.97 15.32
C ALA C 189 1.38 28.11 16.32
N LEU C 190 2.28 29.07 16.17
CA LEU C 190 2.28 30.23 17.07
C LEU C 190 0.97 30.99 16.97
N LEU C 191 0.43 31.04 15.76
CA LEU C 191 -0.81 31.75 15.53
C LEU C 191 -1.93 30.94 16.17
N HIS C 192 -1.82 29.61 16.08
CA HIS C 192 -2.83 28.72 16.68
C HIS C 192 -2.94 28.96 18.19
N ARG C 193 -1.78 29.00 18.84
CA ARG C 193 -1.69 29.21 20.28
C ARG C 193 -2.21 30.60 20.65
N GLU C 194 -1.83 31.59 19.85
CA GLU C 194 -2.21 32.99 20.08
C GLU C 194 -3.73 33.19 20.03
N ARG C 195 -4.40 32.56 19.08
CA ARG C 195 -5.83 32.80 18.89
C ARG C 195 -6.72 31.77 19.58
N ASN C 196 -6.27 30.54 19.67
CA ASN C 196 -7.13 29.46 20.16
C ASN C 196 -6.65 28.81 21.44
N GLY C 197 -5.46 29.17 21.92
CA GLY C 197 -4.92 28.62 23.15
C GLY C 197 -4.40 27.20 23.02
N VAL C 198 -4.13 26.76 21.80
CA VAL C 198 -3.60 25.41 21.55
C VAL C 198 -2.10 25.40 21.22
N ALA C 199 -1.34 24.60 21.98
CA ALA C 199 0.09 24.45 21.75
C ALA C 199 0.35 23.10 21.08
N ASP C 200 0.70 23.14 19.79
CA ASP C 200 0.64 21.94 18.96
C ASP C 200 1.96 21.18 18.76
N VAL C 201 1.81 19.96 18.26
CA VAL C 201 2.95 19.21 17.73
C VAL C 201 2.92 19.25 16.21
N VAL C 202 4.02 19.70 15.63
CA VAL C 202 4.11 19.93 14.21
C VAL C 202 5.12 18.97 13.60
N GLN C 203 4.80 18.40 12.44
CA GLN C 203 5.71 17.46 11.79
C GLN C 203 5.88 17.74 10.30
N VAL C 204 7.12 17.77 9.84
CA VAL C 204 7.41 17.99 8.45
C VAL C 204 8.43 16.94 7.99
N ALA C 205 8.07 16.20 6.94
CA ALA C 205 8.96 15.23 6.35
C ALA C 205 9.51 15.75 5.02
N MET C 206 10.82 15.64 4.85
CA MET C 206 11.48 16.08 3.62
C MET C 206 10.91 15.36 2.41
N TYR C 207 10.61 14.08 2.57
CA TYR C 207 9.98 13.30 1.52
C TYR C 207 8.64 13.90 1.08
N ASP C 208 7.80 14.28 2.04
CA ASP C 208 6.49 14.87 1.74
C ASP C 208 6.65 16.20 1.01
N VAL C 209 7.66 16.95 1.40
CA VAL C 209 7.95 18.20 0.70
C VAL C 209 8.38 17.94 -0.74
N ALA C 210 9.26 16.95 -0.93
CA ALA C 210 9.77 16.65 -2.27
C ALA C 210 8.63 16.21 -3.18
N VAL C 211 7.78 15.35 -2.66
CA VAL C 211 6.59 14.93 -3.38
C VAL C 211 5.70 16.11 -3.75
N GLY C 212 5.48 17.01 -2.79
CA GLY C 212 4.69 18.21 -3.05
C GLY C 212 5.28 19.05 -4.17
N LEU C 213 6.61 19.17 -4.21
CA LEU C 213 7.26 19.92 -5.27
C LEU C 213 7.03 19.36 -6.69
N GLN C 214 6.73 18.07 -6.79
CA GLN C 214 6.47 17.40 -8.06
C GLN C 214 5.01 17.01 -8.22
N ALA C 215 4.14 17.63 -7.43
CA ALA C 215 2.75 17.17 -7.29
C ALA C 215 2.04 17.05 -8.63
N ASN C 216 2.21 18.07 -9.46
CA ASN C 216 1.53 18.13 -10.75
C ASN C 216 1.89 16.95 -11.65
N GLN C 217 3.16 16.57 -11.66
CA GLN C 217 3.62 15.42 -12.41
C GLN C 217 3.22 14.08 -11.78
N LEU C 218 3.24 14.01 -10.45
CA LEU C 218 2.85 12.79 -9.73
C LEU C 218 1.39 12.51 -9.97
N MET C 219 0.64 13.58 -10.15
CA MET C 219 -0.80 13.52 -10.22
C MET C 219 -1.27 12.77 -11.44
N MET C 220 -0.55 12.92 -12.55
CA MET C 220 -0.84 12.18 -13.76
C MET C 220 -0.88 10.67 -13.47
N HIS C 221 0.01 10.20 -12.60
CA HIS C 221 0.11 8.78 -12.28
C HIS C 221 -0.79 8.34 -11.13
N LEU C 222 -1.38 9.29 -10.42
CA LEU C 222 -2.32 8.94 -9.35
C LEU C 222 -3.69 8.69 -9.96
N ASN C 223 -3.83 9.10 -11.20
CA ASN C 223 -5.09 8.98 -11.93
C ASN C 223 -4.82 8.29 -13.26
N ARG C 224 -4.64 6.97 -13.22
CA ARG C 224 -4.25 6.22 -14.42
C ARG C 224 -5.47 5.67 -15.16
N THR C 248 2.07 23.72 -23.13
CA THR C 248 3.42 23.19 -22.93
C THR C 248 4.41 23.73 -23.96
N GLN C 249 4.00 23.80 -25.22
CA GLN C 249 4.94 24.17 -26.28
C GLN C 249 4.50 25.41 -27.10
N PRO C 250 5.44 26.29 -27.48
CA PRO C 250 6.88 26.28 -27.23
C PRO C 250 7.26 26.87 -25.87
N SER C 251 7.97 26.08 -25.08
CA SER C 251 8.42 26.50 -23.76
C SER C 251 9.63 25.64 -23.41
N ASP C 252 10.80 26.07 -23.85
CA ASP C 252 11.99 25.24 -23.76
C ASP C 252 13.25 26.04 -24.09
N ALA C 253 14.38 25.34 -24.22
CA ALA C 253 15.62 25.96 -24.67
C ALA C 253 15.88 25.61 -26.14
N PHE C 254 16.32 26.61 -26.90
CA PHE C 254 16.52 26.48 -28.35
C PHE C 254 17.90 26.97 -28.76
N ARG C 255 18.51 26.27 -29.73
CA ARG C 255 19.78 26.70 -30.33
C ARG C 255 19.64 28.03 -31.05
N THR C 256 20.67 28.87 -30.91
CA THR C 256 20.79 30.08 -31.73
C THR C 256 22.13 30.08 -32.46
N ALA C 257 22.54 31.24 -32.96
CA ALA C 257 23.84 31.39 -33.62
C ALA C 257 24.97 31.28 -32.59
N ASP C 258 24.68 31.69 -31.37
CA ASP C 258 25.66 31.66 -30.28
C ASP C 258 24.97 31.44 -28.94
N GLY C 259 25.05 30.22 -28.44
CA GLY C 259 24.44 29.90 -27.15
C GLY C 259 22.99 29.48 -27.27
N TYR C 260 22.39 29.14 -26.13
CA TYR C 260 20.99 28.75 -26.10
C TYR C 260 20.11 29.88 -25.59
N ILE C 261 18.85 29.91 -26.05
CA ILE C 261 17.88 30.86 -25.49
C ILE C 261 16.69 30.08 -24.94
N VAL C 262 16.22 30.48 -23.78
CA VAL C 262 15.02 29.91 -23.19
C VAL C 262 13.82 30.78 -23.55
N ILE C 263 12.81 30.20 -24.19
CA ILE C 263 11.63 30.95 -24.60
C ILE C 263 10.34 30.30 -24.11
N SER C 264 9.43 31.09 -23.57
CA SER C 264 8.09 30.61 -23.31
C SER C 264 7.07 31.53 -23.97
N ALA C 265 6.45 31.04 -25.04
CA ALA C 265 5.48 31.81 -25.80
C ALA C 265 4.45 30.89 -26.44
N TYR C 266 3.62 30.26 -25.61
CA TYR C 266 2.68 29.24 -26.06
C TYR C 266 1.22 29.72 -26.05
N VAL C 267 0.95 30.77 -25.28
CA VAL C 267 -0.36 31.40 -25.31
C VAL C 267 -0.55 32.07 -26.68
N PRO C 268 -1.71 31.86 -27.32
CA PRO C 268 -2.02 32.32 -28.68
C PRO C 268 -1.49 33.70 -29.05
N LYS C 269 -1.71 34.71 -28.21
CA LYS C 269 -1.19 36.04 -28.48
C LYS C 269 0.34 36.04 -28.59
N HIS C 270 0.98 35.28 -27.70
CA HIS C 270 2.43 35.17 -27.62
C HIS C 270 2.99 34.31 -28.76
N TRP C 271 2.31 33.21 -29.07
CA TRP C 271 2.68 32.33 -30.17
C TRP C 271 2.71 33.09 -31.50
N GLN C 272 1.69 33.89 -31.76
CA GLN C 272 1.65 34.67 -32.99
C GLN C 272 2.77 35.71 -33.04
N LYS C 273 2.94 36.48 -31.98
CA LYS C 273 4.03 37.46 -31.91
C LYS C 273 5.40 36.88 -32.20
N LEU C 274 5.71 35.74 -31.55
CA LEU C 274 7.00 35.07 -31.71
C LEU C 274 7.29 34.77 -33.17
N CYS C 275 6.32 34.13 -33.83
CA CYS C 275 6.42 33.79 -35.24
C CYS C 275 6.74 35.00 -36.11
N TYR C 276 6.09 36.14 -35.86
CA TYR C 276 6.41 37.33 -36.64
C TYR C 276 7.80 37.85 -36.32
N LEU C 277 8.18 37.83 -35.05
CA LEU C 277 9.46 38.42 -34.65
C LEU C 277 10.66 37.64 -35.19
N ILE C 278 10.52 36.33 -35.35
CA ILE C 278 11.61 35.50 -35.90
C ILE C 278 11.53 35.33 -37.43
N GLY C 279 10.60 36.04 -38.07
CA GLY C 279 10.49 36.02 -39.51
C GLY C 279 9.80 34.80 -40.07
N ARG C 280 8.85 34.24 -39.34
CA ARG C 280 8.16 33.04 -39.82
C ARG C 280 6.64 33.11 -39.67
N PRO C 281 5.98 34.09 -40.34
CA PRO C 281 4.52 34.21 -40.23
C PRO C 281 3.76 32.95 -40.68
N ASP C 282 4.39 32.14 -41.51
CA ASP C 282 3.78 30.90 -42.03
C ASP C 282 3.48 29.86 -40.96
N LEU C 283 4.23 29.92 -39.86
CA LEU C 283 4.09 28.95 -38.78
C LEU C 283 2.79 29.10 -37.98
N VAL C 284 2.20 30.29 -38.01
CA VAL C 284 1.02 30.58 -37.17
C VAL C 284 -0.19 29.68 -37.45
N GLU C 285 -0.49 29.48 -38.73
CA GLU C 285 -1.67 28.72 -39.13
C GLU C 285 -1.33 27.36 -39.73
N ASP C 286 -0.03 27.03 -39.73
CA ASP C 286 0.44 25.69 -40.11
C ASP C 286 -0.35 24.64 -39.33
N GLN C 287 -0.98 23.73 -40.07
CA GLN C 287 -1.87 22.73 -39.46
C GLN C 287 -1.16 21.81 -38.46
N ARG C 288 0.16 21.80 -38.50
CA ARG C 288 0.95 21.04 -37.54
C ARG C 288 1.06 21.78 -36.21
N PHE C 289 0.91 23.11 -36.26
CA PHE C 289 1.23 23.96 -35.12
C PHE C 289 0.11 24.90 -34.66
N ALA C 290 -1.04 24.89 -35.34
CA ALA C 290 -2.09 25.86 -35.06
C ALA C 290 -2.68 25.66 -33.67
N GLU C 291 -3.31 24.51 -33.45
CA GLU C 291 -3.89 24.20 -32.14
C GLU C 291 -2.79 24.04 -31.10
N GLN C 292 -3.18 24.19 -29.83
CA GLN C 292 -2.23 24.10 -28.74
C GLN C 292 -1.69 22.68 -28.54
N ARG C 293 -2.57 21.69 -28.65
CA ARG C 293 -2.19 20.29 -28.49
C ARG C 293 -1.26 19.80 -29.61
N SER C 294 -1.45 20.29 -30.82
CA SER C 294 -0.60 19.91 -31.95
C SER C 294 0.83 20.37 -31.73
N ARG C 295 0.97 21.55 -31.13
CA ARG C 295 2.28 22.10 -30.84
C ARG C 295 3.05 21.22 -29.85
N SER C 296 2.33 20.65 -28.88
CA SER C 296 2.95 19.78 -27.88
C SER C 296 3.35 18.44 -28.52
N ILE C 297 2.43 17.90 -29.32
CA ILE C 297 2.62 16.64 -30.03
C ILE C 297 3.77 16.69 -31.05
N ASN C 298 3.81 17.74 -31.86
CA ASN C 298 4.80 17.86 -32.93
C ASN C 298 5.97 18.74 -32.53
N TYR C 299 6.39 18.60 -31.27
CA TYR C 299 7.41 19.46 -30.69
C TYR C 299 8.74 19.29 -31.42
N ALA C 300 8.95 18.12 -32.01
CA ALA C 300 10.22 17.85 -32.68
C ALA C 300 10.37 18.65 -33.98
N GLU C 301 9.37 18.60 -34.85
CA GLU C 301 9.38 19.43 -36.06
C GLU C 301 9.37 20.90 -35.71
N LEU C 302 8.57 21.25 -34.71
CA LEU C 302 8.46 22.63 -34.25
C LEU C 302 9.82 23.18 -33.86
N THR C 303 10.53 22.42 -33.06
CA THR C 303 11.85 22.83 -32.58
C THR C 303 12.80 23.06 -33.76
N ALA C 304 12.70 22.22 -34.78
CA ALA C 304 13.53 22.35 -35.97
C ALA C 304 13.22 23.66 -36.70
N GLU C 305 11.95 23.94 -36.90
CA GLU C 305 11.55 25.17 -37.59
C GLU C 305 12.00 26.40 -36.84
N LEU C 306 11.84 26.39 -35.51
CA LEU C 306 12.22 27.55 -34.72
C LEU C 306 13.72 27.80 -34.78
N GLU C 307 14.49 26.72 -34.62
CA GLU C 307 15.94 26.84 -34.58
C GLU C 307 16.48 27.23 -35.94
N LEU C 308 15.81 26.74 -36.99
CA LEU C 308 16.09 27.19 -38.33
C LEU C 308 16.04 28.72 -38.37
N ALA C 309 15.04 29.31 -37.72
CA ALA C 309 14.88 30.77 -37.68
C ALA C 309 15.80 31.47 -36.69
N LEU C 310 16.03 30.86 -35.52
CA LEU C 310 16.90 31.50 -34.51
C LEU C 310 18.39 31.49 -34.85
N ALA C 311 18.78 30.71 -35.86
CA ALA C 311 20.18 30.61 -36.24
C ALA C 311 20.79 31.93 -36.76
N SER C 312 19.94 32.87 -37.13
CA SER C 312 20.39 34.13 -37.74
C SER C 312 20.89 35.19 -36.75
N LYS C 313 20.64 35.00 -35.46
CA LYS C 313 21.14 35.95 -34.46
C LYS C 313 21.60 35.23 -33.19
N THR C 314 22.41 35.91 -32.38
CA THR C 314 22.90 35.38 -31.12
C THR C 314 21.80 35.35 -30.06
N ALA C 315 21.97 34.51 -29.04
CA ALA C 315 20.96 34.39 -28.00
C ALA C 315 20.74 35.72 -27.28
N THR C 316 21.82 36.43 -27.01
CA THR C 316 21.75 37.73 -26.37
C THR C 316 20.90 38.70 -27.18
N GLU C 317 21.10 38.71 -28.50
CA GLU C 317 20.31 39.57 -29.39
C GLU C 317 18.82 39.21 -29.39
N TRP C 318 18.49 37.92 -29.47
CA TRP C 318 17.10 37.50 -29.44
C TRP C 318 16.42 37.85 -28.11
N VAL C 319 17.18 37.76 -27.03
CA VAL C 319 16.64 38.08 -25.71
C VAL C 319 16.25 39.55 -25.67
N GLN C 320 17.13 40.41 -26.17
CA GLN C 320 16.87 41.84 -26.20
C GLN C 320 15.60 42.12 -27.02
N LEU C 321 15.49 41.50 -28.19
CA LEU C 321 14.35 41.72 -29.07
C LEU C 321 13.04 41.16 -28.52
N LEU C 322 13.08 39.94 -27.98
CA LEU C 322 11.87 39.29 -27.52
C LEU C 322 11.31 39.97 -26.26
N GLN C 323 12.19 40.43 -25.38
CA GLN C 323 11.73 41.08 -24.15
C GLN C 323 11.14 42.46 -24.47
N ALA C 324 11.70 43.12 -25.48
CA ALA C 324 11.22 44.44 -25.89
C ALA C 324 9.80 44.35 -26.41
N ASN C 325 9.39 43.17 -26.87
CA ASN C 325 8.06 42.96 -27.41
C ASN C 325 7.15 42.15 -26.48
N GLY C 326 7.49 42.11 -25.20
CA GLY C 326 6.60 41.52 -24.20
C GLY C 326 6.50 40.00 -24.23
N LEU C 327 7.62 39.35 -24.57
CA LEU C 327 7.68 37.89 -24.54
C LEU C 327 8.59 37.38 -23.44
N MET C 328 8.30 36.20 -22.94
CA MET C 328 9.15 35.58 -21.90
C MET C 328 10.36 34.85 -22.48
N ALA C 329 11.54 35.40 -22.24
CA ALA C 329 12.78 34.83 -22.75
C ALA C 329 13.97 35.28 -21.90
N CYS C 330 14.97 34.42 -21.81
CA CYS C 330 16.17 34.75 -21.05
C CYS C 330 17.30 33.84 -21.45
N LEU C 331 18.51 34.20 -21.03
CA LEU C 331 19.66 33.29 -21.11
C LEU C 331 19.57 32.26 -20.00
N ALA C 332 20.14 31.09 -20.22
CA ALA C 332 20.31 30.12 -19.16
C ALA C 332 21.62 30.40 -18.44
N HIS C 333 21.59 31.34 -17.50
CA HIS C 333 22.80 31.76 -16.80
C HIS C 333 23.40 30.63 -15.97
N THR C 334 24.72 30.63 -15.87
CA THR C 334 25.43 29.84 -14.88
C THR C 334 25.42 30.60 -13.57
N TRP C 335 25.68 29.90 -12.47
CA TRP C 335 25.78 30.52 -11.16
C TRP C 335 26.76 31.68 -11.16
N LYS C 336 27.90 31.51 -11.84
CA LYS C 336 28.91 32.57 -11.95
C LYS C 336 28.34 33.82 -12.63
N GLN C 337 27.48 33.62 -13.62
CA GLN C 337 26.88 34.75 -14.33
C GLN C 337 25.75 35.39 -13.52
N VAL C 338 24.95 34.57 -12.84
CA VAL C 338 23.78 35.06 -12.11
C VAL C 338 24.12 36.19 -11.15
N VAL C 339 25.16 36.02 -10.36
CA VAL C 339 25.53 37.00 -9.35
C VAL C 339 26.00 38.33 -9.94
N ASP C 340 26.31 38.35 -11.23
CA ASP C 340 26.81 39.57 -11.87
C ASP C 340 25.77 40.25 -12.74
N THR C 341 24.56 39.68 -12.79
CA THR C 341 23.50 40.27 -13.58
C THR C 341 22.96 41.51 -12.89
N PRO C 342 22.41 42.47 -13.67
CA PRO C 342 21.79 43.68 -13.11
C PRO C 342 20.55 43.38 -12.29
N LEU C 343 19.79 42.37 -12.70
CA LEU C 343 18.62 41.92 -11.96
C LEU C 343 19.00 41.46 -10.55
N PHE C 344 20.08 40.69 -10.44
CA PHE C 344 20.54 40.19 -9.14
C PHE C 344 20.88 41.34 -8.20
N ALA C 345 21.54 42.36 -8.73
CA ALA C 345 21.90 43.54 -7.95
C ALA C 345 20.66 44.33 -7.53
N GLU C 346 19.66 44.39 -8.41
CA GLU C 346 18.41 45.11 -8.16
C GLU C 346 17.67 44.61 -6.92
N ASN C 347 17.80 43.32 -6.65
CA ASN C 347 17.01 42.68 -5.60
C ASN C 347 17.64 42.64 -4.22
N ASP C 348 18.83 43.23 -4.07
CA ASP C 348 19.44 43.40 -2.74
C ASP C 348 19.48 42.06 -2.02
N LEU C 349 20.07 41.08 -2.69
CA LEU C 349 19.97 39.68 -2.26
C LEU C 349 21.12 39.32 -1.33
N THR C 350 22.03 40.28 -1.13
CA THR C 350 23.27 40.03 -0.44
C THR C 350 23.36 40.73 0.92
N LEU C 351 24.03 40.10 1.89
CA LEU C 351 24.39 40.84 3.09
C LEU C 351 25.79 40.44 3.55
N GLU C 352 26.45 41.35 4.24
CA GLU C 352 27.82 41.16 4.73
C GLU C 352 27.88 40.82 6.21
N VAL C 353 28.72 39.84 6.54
CA VAL C 353 28.87 39.38 7.92
C VAL C 353 30.29 39.58 8.45
N THR C 359 35.41 39.54 6.42
CA THR C 359 33.97 39.70 6.19
C THR C 359 33.50 38.86 5.00
N ILE C 360 32.44 38.08 5.23
CA ILE C 360 31.92 37.18 4.20
C ILE C 360 30.56 37.65 3.67
N THR C 361 30.27 37.32 2.42
CA THR C 361 29.02 37.70 1.78
C THR C 361 28.05 36.53 1.71
N VAL C 362 26.82 36.73 2.19
CA VAL C 362 25.82 35.67 2.09
C VAL C 362 24.50 36.16 1.50
N ILE C 363 23.63 35.21 1.20
CA ILE C 363 22.32 35.49 0.60
C ILE C 363 21.20 35.52 1.65
N ARG C 364 20.37 36.55 1.61
CA ARG C 364 19.25 36.71 2.55
C ARG C 364 18.09 35.73 2.34
N THR C 365 17.20 35.64 3.33
CA THR C 365 15.96 34.88 3.17
C THR C 365 15.01 35.64 2.24
N PRO C 366 14.20 34.89 1.49
CA PRO C 366 13.48 35.48 0.36
C PRO C 366 12.32 36.45 0.70
N ALA C 367 11.51 36.21 1.73
CA ALA C 367 10.36 37.09 2.00
C ALA C 367 10.78 38.47 2.51
N ARG C 368 10.14 39.51 1.99
CA ARG C 368 10.45 40.90 2.35
C ARG C 368 9.25 41.59 3.00
N TYR C 369 9.53 42.53 3.89
CA TYR C 369 8.49 43.18 4.69
C TYR C 369 8.72 44.69 4.75
N ALA C 370 7.65 45.48 4.73
CA ALA C 370 7.78 46.94 4.73
C ALA C 370 8.03 47.54 6.12
N SER C 371 7.44 46.96 7.17
CA SER C 371 7.50 47.57 8.50
C SER C 371 8.74 47.21 9.33
N PHE C 372 9.58 46.32 8.81
CA PHE C 372 10.84 45.95 9.45
C PHE C 372 11.76 45.27 8.44
N ARG C 373 13.06 45.21 8.73
CA ARG C 373 13.98 44.47 7.86
C ARG C 373 14.18 43.05 8.39
N ALA C 374 13.75 42.06 7.61
CA ALA C 374 13.88 40.67 8.01
C ALA C 374 15.29 40.15 7.75
N VAL C 375 16.28 40.83 8.28
CA VAL C 375 17.67 40.41 8.13
C VAL C 375 18.36 40.59 9.47
N VAL C 376 19.46 39.87 9.68
CA VAL C 376 20.31 40.13 10.83
C VAL C 376 21.74 40.14 10.34
N THR C 377 22.54 41.09 10.84
CA THR C 377 23.92 41.23 10.42
C THR C 377 24.89 40.53 11.39
N ASP C 378 24.42 40.31 12.60
CA ASP C 378 25.21 39.69 13.66
C ASP C 378 25.84 38.39 13.16
N PRO C 379 27.08 38.10 13.57
CA PRO C 379 27.71 36.86 13.15
C PRO C 379 27.10 35.68 13.88
N PRO C 380 27.38 34.45 13.41
CA PRO C 380 26.95 33.27 14.15
C PRO C 380 27.61 33.24 15.51
N PRO C 381 26.98 32.57 16.49
CA PRO C 381 27.64 32.39 17.78
C PRO C 381 28.82 31.44 17.70
N THR C 382 29.82 31.64 18.56
CA THR C 382 30.84 30.62 18.76
C THR C 382 30.21 29.52 19.58
N ALA C 383 30.76 28.31 19.49
CA ALA C 383 30.22 27.15 20.17
C ALA C 383 30.19 27.31 21.70
N GLY C 384 29.00 27.22 22.28
CA GLY C 384 28.85 27.26 23.72
C GLY C 384 28.94 28.65 24.31
N GLU C 385 28.92 29.65 23.44
CA GLU C 385 29.07 31.05 23.83
C GLU C 385 28.12 31.48 24.95
N HIS C 386 26.94 30.87 25.02
CA HIS C 386 25.95 31.30 25.99
C HIS C 386 25.64 30.25 27.05
N ASN C 387 26.56 29.32 27.25
CA ASN C 387 26.43 28.32 28.31
C ASN C 387 26.12 28.95 29.67
N ALA C 388 26.87 29.98 30.01
CA ALA C 388 26.71 30.63 31.29
C ALA C 388 25.35 31.34 31.39
N VAL C 389 24.85 31.82 30.25
CA VAL C 389 23.58 32.54 30.24
C VAL C 389 22.35 31.62 30.37
N PHE C 390 22.38 30.47 29.71
CA PHE C 390 21.17 29.63 29.61
C PHE C 390 21.22 28.30 30.36
N LEU C 391 22.41 27.79 30.67
CA LEU C 391 22.50 26.52 31.39
C LEU C 391 22.40 26.76 32.89
N ALA C 392 21.46 26.09 33.54
CA ALA C 392 21.28 26.25 34.98
C ALA C 392 22.45 25.63 35.74
N ARG C 393 22.79 26.21 36.89
CA ARG C 393 23.88 25.73 37.73
C ARG C 393 23.49 24.42 38.41
N ASN D 5 -14.86 18.47 14.86
CA ASN D 5 -14.40 19.65 14.14
C ASN D 5 -13.70 20.65 15.06
N PRO D 6 -12.41 20.39 15.35
CA PRO D 6 -11.60 21.21 16.24
C PRO D 6 -11.21 22.56 15.63
N ALA D 7 -10.87 23.51 16.49
CA ALA D 7 -10.45 24.83 16.04
C ALA D 7 -9.21 24.74 15.14
N LYS D 8 -9.16 25.62 14.14
CA LYS D 8 -8.02 25.72 13.25
C LYS D 8 -7.37 27.09 13.38
N PRO D 9 -6.05 27.17 13.11
CA PRO D 9 -5.27 28.38 13.37
C PRO D 9 -5.86 29.63 12.77
N LEU D 10 -6.45 29.55 11.58
CA LEU D 10 -6.87 30.75 10.86
C LEU D 10 -8.38 30.93 10.76
N ASP D 11 -9.13 30.22 11.60
CA ASP D 11 -10.58 30.40 11.69
C ASP D 11 -10.97 31.88 11.85
N GLY D 12 -11.91 32.34 11.04
CA GLY D 12 -12.39 33.70 11.16
C GLY D 12 -11.68 34.71 10.28
N PHE D 13 -10.53 34.32 9.73
CA PHE D 13 -9.79 35.19 8.83
C PHE D 13 -10.31 35.03 7.41
N ARG D 14 -10.44 36.16 6.71
CA ARG D 14 -10.89 36.16 5.33
C ARG D 14 -9.77 36.63 4.39
N VAL D 15 -9.55 35.87 3.32
CA VAL D 15 -8.50 36.20 2.35
C VAL D 15 -9.10 36.46 0.97
N LEU D 16 -8.67 37.56 0.33
CA LEU D 16 -9.01 37.84 -1.06
C LEU D 16 -7.86 37.42 -1.97
N ASP D 17 -8.07 36.34 -2.74
CA ASP D 17 -7.00 35.73 -3.55
C ASP D 17 -7.16 36.09 -5.03
N PHE D 18 -6.34 37.02 -5.50
CA PHE D 18 -6.35 37.42 -6.91
C PHE D 18 -5.42 36.57 -7.79
N THR D 19 -4.75 35.58 -7.20
CA THR D 19 -3.69 34.86 -7.90
C THR D 19 -4.17 33.83 -8.92
N GLN D 20 -3.29 33.50 -9.87
CA GLN D 20 -3.55 32.50 -10.88
C GLN D 20 -2.41 31.49 -10.96
N ASN D 21 -2.66 30.42 -11.70
CA ASN D 21 -1.66 29.38 -12.00
C ASN D 21 -1.36 28.56 -10.75
N VAL D 22 -0.09 28.46 -10.36
CA VAL D 22 0.29 27.50 -9.33
C VAL D 22 0.79 28.16 -8.02
N ALA D 23 1.76 29.07 -8.11
CA ALA D 23 2.41 29.62 -6.93
C ALA D 23 1.46 30.29 -5.94
N GLY D 24 0.81 31.35 -6.37
CA GLY D 24 -0.15 32.03 -5.53
C GLY D 24 -1.31 31.15 -5.06
N PRO D 25 -1.93 30.39 -5.96
CA PRO D 25 -3.02 29.53 -5.48
C PRO D 25 -2.58 28.49 -4.45
N LEU D 26 -1.34 28.02 -4.54
CA LEU D 26 -0.81 27.09 -3.53
C LEU D 26 -0.76 27.77 -2.17
N ALA D 27 -0.29 29.00 -2.11
CA ALA D 27 -0.31 29.75 -0.85
C ALA D 27 -1.74 29.84 -0.32
N GLY D 28 -2.67 30.12 -1.23
CA GLY D 28 -4.08 30.15 -0.90
C GLY D 28 -4.57 28.81 -0.37
N GLN D 29 -4.08 27.72 -0.96
CA GLN D 29 -4.51 26.39 -0.54
C GLN D 29 -4.03 26.07 0.88
N VAL D 30 -2.80 26.47 1.21
CA VAL D 30 -2.29 26.29 2.56
C VAL D 30 -3.15 27.06 3.58
N LEU D 31 -3.50 28.31 3.28
CA LEU D 31 -4.37 29.10 4.15
C LEU D 31 -5.75 28.44 4.34
N VAL D 32 -6.32 27.90 3.26
CA VAL D 32 -7.56 27.12 3.39
C VAL D 32 -7.40 25.90 4.33
N ASP D 33 -6.32 25.14 4.16
CA ASP D 33 -6.05 23.97 5.02
C ASP D 33 -5.89 24.38 6.49
N LEU D 34 -5.45 25.61 6.71
CA LEU D 34 -5.28 26.14 8.05
C LEU D 34 -6.55 26.82 8.57
N GLY D 35 -7.63 26.73 7.80
CA GLY D 35 -8.95 27.11 8.28
C GLY D 35 -9.46 28.45 7.81
N ALA D 36 -8.68 29.16 7.01
CA ALA D 36 -9.08 30.49 6.55
C ALA D 36 -10.17 30.44 5.47
N GLU D 37 -11.00 31.47 5.43
CA GLU D 37 -11.95 31.63 4.32
C GLU D 37 -11.26 32.35 3.17
N VAL D 38 -11.02 31.63 2.08
CA VAL D 38 -10.28 32.18 0.95
C VAL D 38 -11.18 32.36 -0.29
N ILE D 39 -11.27 33.60 -0.76
CA ILE D 39 -12.15 33.96 -1.86
C ILE D 39 -11.36 34.22 -3.13
N LYS D 40 -11.51 33.35 -4.14
CA LYS D 40 -10.88 33.58 -5.44
C LYS D 40 -11.54 34.73 -6.18
N VAL D 41 -10.75 35.59 -6.80
CA VAL D 41 -11.29 36.60 -7.70
C VAL D 41 -10.85 36.26 -9.12
N GLU D 42 -11.80 35.86 -9.96
CA GLU D 42 -11.47 35.39 -11.30
C GLU D 42 -11.98 36.26 -12.43
N ALA D 43 -11.34 36.14 -13.59
CA ALA D 43 -11.77 36.78 -14.82
C ALA D 43 -13.14 36.22 -15.23
N PRO D 44 -13.92 37.01 -16.00
CA PRO D 44 -15.30 36.67 -16.37
C PRO D 44 -15.57 35.25 -16.89
N GLY D 45 -14.64 34.63 -17.62
CA GLY D 45 -14.84 33.27 -18.12
C GLY D 45 -14.38 32.19 -17.13
N GLY D 46 -13.79 32.66 -16.02
CA GLY D 46 -13.16 31.78 -15.06
C GLY D 46 -11.68 31.88 -15.32
N GLU D 47 -10.87 31.47 -14.35
CA GLU D 47 -9.43 31.52 -14.51
C GLU D 47 -9.03 30.65 -15.69
N ALA D 48 -8.00 31.08 -16.41
CA ALA D 48 -7.58 30.37 -17.62
C ALA D 48 -7.10 28.96 -17.28
N ALA D 49 -6.50 28.81 -16.10
CA ALA D 49 -5.98 27.51 -15.65
C ALA D 49 -7.06 26.46 -15.47
N ARG D 50 -8.32 26.90 -15.38
CA ARG D 50 -9.45 25.98 -15.34
C ARG D 50 -9.56 25.18 -16.63
N GLN D 51 -9.09 25.76 -17.73
CA GLN D 51 -9.30 25.21 -19.06
C GLN D 51 -8.21 24.23 -19.50
N ILE D 52 -7.05 24.31 -18.87
CA ILE D 52 -5.92 23.43 -19.20
C ILE D 52 -6.18 21.95 -18.87
N THR D 53 -6.56 21.18 -19.90
CA THR D 53 -6.96 19.80 -19.71
C THR D 53 -5.91 18.83 -20.25
N TYR D 65 -1.99 22.86 -12.84
CA TYR D 65 -3.37 22.39 -12.84
C TYR D 65 -4.21 23.14 -11.80
N PHE D 66 -5.50 23.33 -12.11
CA PHE D 66 -6.40 24.10 -11.26
C PHE D 66 -6.84 23.33 -10.00
N LEU D 67 -7.22 22.08 -10.19
CA LEU D 67 -7.86 21.28 -9.15
C LEU D 67 -7.06 21.08 -7.84
N PRO D 68 -5.75 20.80 -7.92
CA PRO D 68 -5.08 20.51 -6.64
C PRO D 68 -4.93 21.71 -5.69
N ASN D 69 -4.95 22.94 -6.21
CA ASN D 69 -4.67 24.10 -5.38
C ASN D 69 -5.84 25.07 -5.12
N ASN D 70 -7.06 24.64 -5.40
CA ASN D 70 -8.20 25.54 -5.21
C ASN D 70 -9.38 24.85 -4.53
N ARG D 71 -9.09 23.76 -3.82
CA ARG D 71 -10.11 23.04 -3.07
C ARG D 71 -10.55 23.86 -1.86
N GLY D 72 -11.86 23.92 -1.64
CA GLY D 72 -12.38 24.57 -0.45
C GLY D 72 -12.39 26.08 -0.51
N LYS D 73 -12.03 26.63 -1.66
CA LYS D 73 -12.07 28.07 -1.85
C LYS D 73 -13.46 28.55 -2.28
N LYS D 74 -13.70 29.85 -2.20
CA LYS D 74 -14.92 30.44 -2.75
C LYS D 74 -14.55 31.14 -4.06
N SER D 75 -15.53 31.45 -4.91
CA SER D 75 -15.22 32.10 -6.17
C SER D 75 -16.13 33.27 -6.53
N VAL D 76 -15.50 34.35 -6.96
CA VAL D 76 -16.19 35.50 -7.52
C VAL D 76 -15.63 35.80 -8.92
N THR D 77 -16.50 36.12 -9.88
CA THR D 77 -16.04 36.56 -11.22
C THR D 77 -16.42 38.03 -11.49
N VAL D 78 -15.44 38.83 -11.92
CA VAL D 78 -15.63 40.26 -12.18
C VAL D 78 -14.69 40.69 -13.29
N ASP D 79 -15.09 41.75 -14.01
CA ASP D 79 -14.20 42.34 -15.00
C ASP D 79 -13.54 43.52 -14.31
N LEU D 80 -12.28 43.33 -13.92
CA LEU D 80 -11.60 44.28 -13.04
C LEU D 80 -11.33 45.63 -13.70
N THR D 81 -11.52 45.71 -15.01
CA THR D 81 -11.31 46.98 -15.71
C THR D 81 -12.49 47.96 -15.53
N THR D 82 -13.67 47.44 -15.19
CA THR D 82 -14.86 48.30 -15.06
C THR D 82 -14.95 48.96 -13.70
N GLU D 83 -15.59 50.12 -13.66
CA GLU D 83 -15.69 50.85 -12.41
C GLU D 83 -16.57 50.08 -11.41
N GLN D 84 -17.52 49.31 -11.93
CA GLN D 84 -18.41 48.53 -11.07
C GLN D 84 -17.67 47.46 -10.27
N ALA D 85 -16.79 46.72 -10.94
CA ALA D 85 -16.02 45.68 -10.28
C ALA D 85 -15.00 46.27 -9.30
N LYS D 86 -14.37 47.37 -9.71
CA LYS D 86 -13.43 48.09 -8.86
C LYS D 86 -14.07 48.46 -7.54
N GLN D 87 -15.30 48.97 -7.61
CA GLN D 87 -16.02 49.40 -6.43
C GLN D 87 -16.42 48.21 -5.57
N GLN D 88 -16.79 47.11 -6.23
CA GLN D 88 -17.13 45.89 -5.52
C GLN D 88 -15.92 45.32 -4.77
N MET D 89 -14.76 45.42 -5.40
CA MET D 89 -13.53 44.93 -4.79
C MET D 89 -13.10 45.77 -3.59
N LEU D 90 -13.33 47.08 -3.65
CA LEU D 90 -13.01 47.97 -2.53
C LEU D 90 -13.89 47.65 -1.33
N ARG D 91 -15.17 47.39 -1.58
CA ARG D 91 -16.09 47.07 -0.50
C ARG D 91 -15.77 45.69 0.10
N LEU D 92 -15.40 44.74 -0.74
CA LEU D 92 -15.04 43.41 -0.28
C LEU D 92 -13.75 43.44 0.56
N ALA D 93 -12.80 44.27 0.14
CA ALA D 93 -11.52 44.40 0.84
C ALA D 93 -11.69 44.98 2.24
N ASP D 94 -12.69 45.82 2.44
CA ASP D 94 -13.01 46.35 3.76
C ASP D 94 -13.31 45.24 4.76
N THR D 95 -13.70 44.08 4.25
CA THR D 95 -14.09 42.95 5.11
C THR D 95 -12.98 41.90 5.25
N ALA D 96 -11.86 42.13 4.58
CA ALA D 96 -10.82 41.11 4.48
C ALA D 96 -9.67 41.35 5.44
N ASP D 97 -9.01 40.26 5.83
CA ASP D 97 -7.78 40.34 6.60
C ASP D 97 -6.54 40.35 5.71
N VAL D 98 -6.61 39.63 4.59
CA VAL D 98 -5.46 39.49 3.69
C VAL D 98 -5.85 39.70 2.23
N VAL D 99 -5.02 40.42 1.48
CA VAL D 99 -5.10 40.38 0.03
C VAL D 99 -3.87 39.69 -0.55
N LEU D 100 -4.09 38.70 -1.42
CA LEU D 100 -3.02 38.03 -2.17
C LEU D 100 -3.11 38.39 -3.64
N GLU D 101 -2.06 38.97 -4.21
CA GLU D 101 -2.09 39.28 -5.63
C GLU D 101 -0.78 38.87 -6.29
N ALA D 102 -0.85 38.40 -7.53
CA ALA D 102 0.33 37.88 -8.21
C ALA D 102 0.43 38.37 -9.64
N PHE D 103 -0.12 39.55 -9.88
CA PHE D 103 0.07 40.21 -11.16
C PHE D 103 1.46 40.80 -11.25
N ARG D 104 1.87 41.16 -12.46
CA ARG D 104 3.16 41.78 -12.65
C ARG D 104 3.11 43.13 -11.94
N PRO D 105 4.28 43.64 -11.50
CA PRO D 105 4.38 44.92 -10.80
C PRO D 105 3.63 46.05 -11.50
N GLY D 106 2.93 46.88 -10.74
CA GLY D 106 2.24 48.04 -11.29
C GLY D 106 0.80 47.80 -11.70
N THR D 107 0.44 46.54 -11.94
CA THR D 107 -0.90 46.18 -12.38
C THR D 107 -2.00 46.63 -11.42
N MET D 108 -1.93 46.17 -10.17
CA MET D 108 -2.99 46.47 -9.19
C MET D 108 -3.14 47.96 -8.94
N GLU D 109 -2.02 48.68 -8.99
CA GLU D 109 -2.04 50.13 -8.83
C GLU D 109 -2.82 50.79 -9.97
N LYS D 110 -2.54 50.36 -11.20
CA LYS D 110 -3.21 50.90 -12.38
C LYS D 110 -4.72 50.65 -12.31
N LEU D 111 -5.11 49.58 -11.63
CA LEU D 111 -6.53 49.26 -11.46
C LEU D 111 -7.17 50.00 -10.28
N GLY D 112 -6.36 50.73 -9.51
CA GLY D 112 -6.82 51.39 -8.30
C GLY D 112 -7.01 50.45 -7.11
N LEU D 113 -6.35 49.30 -7.13
CA LEU D 113 -6.49 48.33 -6.06
C LEU D 113 -5.15 48.02 -5.41
N GLY D 114 -4.23 48.98 -5.47
CA GLY D 114 -2.89 48.82 -4.92
C GLY D 114 -2.92 48.89 -3.42
N PRO D 115 -1.79 48.59 -2.75
CA PRO D 115 -1.72 48.60 -1.28
C PRO D 115 -2.20 49.92 -0.65
N ASP D 116 -1.83 51.07 -1.21
CA ASP D 116 -2.27 52.36 -0.65
C ASP D 116 -3.77 52.58 -0.78
N ASP D 117 -4.33 52.13 -1.90
CA ASP D 117 -5.77 52.25 -2.13
C ASP D 117 -6.56 51.47 -1.11
N LEU D 118 -6.15 50.22 -0.90
CA LEU D 118 -6.90 49.36 0.00
C LEU D 118 -6.62 49.67 1.45
N ARG D 119 -5.36 49.92 1.78
CA ARG D 119 -4.99 50.09 3.18
C ARG D 119 -5.43 51.47 3.69
N SER D 120 -5.68 52.40 2.77
CA SER D 120 -6.21 53.70 3.17
C SER D 120 -7.61 53.54 3.75
N ARG D 121 -8.35 52.58 3.21
CA ARG D 121 -9.70 52.29 3.67
C ARG D 121 -9.73 51.34 4.85
N ASN D 122 -8.87 50.33 4.82
CA ASN D 122 -8.84 49.29 5.84
C ASN D 122 -7.44 49.21 6.45
N PRO D 123 -7.23 49.90 7.57
CA PRO D 123 -5.94 50.00 8.25
C PRO D 123 -5.45 48.67 8.83
N ASN D 124 -6.31 47.66 8.83
CA ASN D 124 -5.93 46.36 9.35
C ASN D 124 -5.59 45.34 8.25
N LEU D 125 -5.64 45.76 6.99
CA LEU D 125 -5.45 44.86 5.86
C LEU D 125 -3.99 44.48 5.59
N ILE D 126 -3.72 43.18 5.52
CA ILE D 126 -2.40 42.70 5.12
C ILE D 126 -2.37 42.50 3.62
N TYR D 127 -1.34 43.04 2.98
CA TYR D 127 -1.23 43.02 1.53
C TYR D 127 0.00 42.23 1.09
N ALA D 128 -0.21 41.15 0.35
CA ALA D 128 0.90 40.27 -0.02
C ALA D 128 1.08 40.22 -1.54
N ARG D 129 2.30 40.51 -1.99
CA ARG D 129 2.59 40.56 -3.43
C ARG D 129 3.55 39.47 -3.89
N LEU D 130 3.10 38.67 -4.83
CA LEU D 130 3.93 37.66 -5.44
C LEU D 130 4.27 38.04 -6.87
N THR D 131 5.55 38.25 -7.16
CA THR D 131 5.98 38.55 -8.52
C THR D 131 7.03 37.57 -9.02
N ALA D 132 7.33 37.64 -10.31
CA ALA D 132 8.38 36.82 -10.87
C ALA D 132 9.76 37.33 -10.45
N TYR D 133 10.01 38.62 -10.59
CA TYR D 133 11.38 39.09 -10.43
C TYR D 133 11.57 40.19 -9.39
N GLY D 134 10.50 40.61 -8.72
CA GLY D 134 10.63 41.50 -7.59
C GLY D 134 9.97 42.85 -7.72
N GLY D 135 10.05 43.45 -8.91
CA GLY D 135 9.49 44.77 -9.15
C GLY D 135 10.23 45.90 -8.45
N ASN D 136 11.54 45.71 -8.26
CA ASN D 136 12.39 46.69 -7.57
C ASN D 136 13.12 47.62 -8.54
N GLY D 137 12.89 47.43 -9.83
CA GLY D 137 13.54 48.24 -10.84
C GLY D 137 13.10 47.78 -12.22
N PRO D 138 13.75 48.30 -13.27
CA PRO D 138 13.41 47.99 -14.66
C PRO D 138 13.58 46.52 -15.03
N HIS D 139 14.63 45.88 -14.52
CA HIS D 139 14.90 44.48 -14.85
C HIS D 139 13.90 43.53 -14.20
N GLY D 140 13.32 43.95 -13.09
CA GLY D 140 12.44 43.08 -12.33
C GLY D 140 10.95 43.31 -12.54
N SER D 141 10.59 43.96 -13.64
CA SER D 141 9.20 44.32 -13.90
C SER D 141 8.46 43.29 -14.74
N ARG D 142 9.20 42.34 -15.31
CA ARG D 142 8.67 41.41 -16.30
C ARG D 142 7.79 40.34 -15.67
N PRO D 143 6.82 39.82 -16.43
CA PRO D 143 6.14 38.61 -15.99
C PRO D 143 7.02 37.40 -16.26
N GLY D 144 6.74 36.29 -15.61
CA GLY D 144 7.56 35.12 -15.80
C GLY D 144 6.77 33.89 -15.45
N ILE D 145 7.27 32.73 -15.87
CA ILE D 145 6.74 31.48 -15.38
C ILE D 145 7.89 30.65 -14.83
N ASP D 146 7.54 29.55 -14.17
CA ASP D 146 8.49 28.69 -13.47
C ASP D 146 9.74 28.41 -14.32
N LEU D 147 9.52 27.88 -15.51
CA LEU D 147 10.60 27.39 -16.35
C LEU D 147 11.65 28.46 -16.66
N VAL D 148 11.18 29.67 -16.94
CA VAL D 148 12.06 30.78 -17.31
C VAL D 148 12.74 31.41 -16.10
N VAL D 149 12.02 31.56 -15.00
CA VAL D 149 12.63 32.07 -13.78
C VAL D 149 13.73 31.12 -13.30
N ALA D 150 13.46 29.82 -13.36
CA ALA D 150 14.44 28.81 -12.98
C ALA D 150 15.71 28.94 -13.83
N ALA D 151 15.56 29.12 -15.14
CA ALA D 151 16.71 29.20 -16.02
C ALA D 151 17.47 30.51 -15.81
N GLU D 152 16.73 31.58 -15.59
CA GLU D 152 17.36 32.88 -15.40
C GLU D 152 18.09 32.93 -14.05
N ALA D 153 17.61 32.17 -13.08
CA ALA D 153 18.24 32.15 -11.76
C ALA D 153 19.42 31.17 -11.63
N GLY D 154 19.73 30.43 -12.69
CA GLY D 154 20.91 29.58 -12.70
C GLY D 154 20.72 28.08 -12.51
N MET D 155 19.47 27.63 -12.53
CA MET D 155 19.15 26.26 -12.15
C MET D 155 19.46 25.22 -13.21
N THR D 156 20.07 25.63 -14.33
CA THR D 156 20.52 24.66 -15.33
C THR D 156 22.01 24.36 -15.19
N THR D 157 22.68 25.09 -14.32
CA THR D 157 24.13 24.98 -14.15
C THR D 157 24.61 23.56 -13.75
N GLY D 158 25.72 23.13 -14.36
CA GLY D 158 26.40 21.90 -13.98
C GLY D 158 25.63 20.63 -14.25
N MET D 159 24.74 20.65 -15.22
CA MET D 159 24.03 19.44 -15.59
C MET D 159 24.25 19.17 -17.07
N PRO D 160 25.24 18.31 -17.39
CA PRO D 160 25.56 18.02 -18.78
C PRO D 160 24.42 17.25 -19.45
N THR D 161 24.13 17.63 -20.67
CA THR D 161 23.10 16.98 -21.46
C THR D 161 23.78 16.34 -22.68
N PRO D 162 23.22 15.24 -23.20
CA PRO D 162 23.81 14.54 -24.35
C PRO D 162 24.01 15.46 -25.55
N GLU D 163 23.09 16.43 -25.67
CA GLU D 163 23.01 17.32 -26.81
C GLU D 163 23.78 18.64 -26.62
N GLY D 164 24.08 18.97 -25.37
CA GLY D 164 24.67 20.25 -25.04
C GLY D 164 23.59 21.27 -24.69
N LYS D 165 22.35 20.83 -24.78
CA LYS D 165 21.17 21.61 -24.39
C LYS D 165 21.13 21.84 -22.87
N PRO D 166 20.72 23.04 -22.43
CA PRO D 166 20.62 23.25 -20.97
C PRO D 166 19.60 22.30 -20.35
N GLN D 167 19.92 21.73 -19.19
CA GLN D 167 19.03 20.77 -18.54
C GLN D 167 17.90 21.53 -17.87
N ILE D 168 16.68 21.28 -18.32
CA ILE D 168 15.51 21.93 -17.75
C ILE D 168 14.74 20.98 -16.83
N ILE D 169 14.67 21.34 -15.56
CA ILE D 169 13.98 20.51 -14.58
C ILE D 169 12.49 20.44 -14.92
N PRO D 170 11.98 19.23 -15.14
CA PRO D 170 10.64 18.96 -15.64
C PRO D 170 9.53 18.94 -14.58
N PHE D 171 9.77 19.50 -13.41
CA PHE D 171 8.66 19.78 -12.51
C PHE D 171 8.79 21.23 -12.04
N GLN D 172 7.70 21.76 -11.54
CA GLN D 172 7.56 23.20 -11.32
C GLN D 172 7.98 23.53 -9.90
N LEU D 173 9.30 23.44 -9.70
CA LEU D 173 9.90 23.57 -8.39
C LEU D 173 9.90 25.01 -7.87
N VAL D 174 10.07 25.97 -8.77
CA VAL D 174 10.12 27.36 -8.32
C VAL D 174 8.72 27.87 -7.95
N ASP D 175 7.71 27.49 -8.73
CA ASP D 175 6.31 27.74 -8.38
C ASP D 175 5.91 27.18 -7.01
N ASN D 176 6.13 25.88 -6.80
CA ASN D 176 5.66 25.26 -5.57
C ASN D 176 6.44 25.72 -4.34
N ALA D 177 7.75 25.91 -4.48
CA ALA D 177 8.52 26.48 -3.39
C ALA D 177 8.08 27.92 -3.07
N SER D 178 7.79 28.70 -4.10
CA SER D 178 7.39 30.10 -3.91
C SER D 178 6.03 30.22 -3.20
N GLY D 179 5.09 29.34 -3.52
CA GLY D 179 3.84 29.25 -2.80
C GLY D 179 4.02 29.03 -1.30
N HIS D 180 4.92 28.12 -0.91
CA HIS D 180 5.12 27.87 0.50
C HIS D 180 5.80 29.05 1.21
N VAL D 181 6.67 29.76 0.53
CA VAL D 181 7.31 30.93 1.11
C VAL D 181 6.31 32.10 1.26
N LEU D 182 5.43 32.27 0.28
CA LEU D 182 4.38 33.28 0.37
C LEU D 182 3.48 33.01 1.55
N ALA D 183 3.06 31.76 1.69
CA ALA D 183 2.23 31.34 2.82
C ALA D 183 2.93 31.63 4.15
N GLN D 184 4.21 31.30 4.21
CA GLN D 184 5.05 31.60 5.38
C GLN D 184 5.01 33.09 5.73
N ALA D 185 5.19 33.95 4.73
CA ALA D 185 5.23 35.40 4.96
C ALA D 185 3.86 35.96 5.37
N VAL D 186 2.79 35.41 4.82
CA VAL D 186 1.45 35.79 5.20
C VAL D 186 1.21 35.43 6.67
N LEU D 187 1.64 34.23 7.06
CA LEU D 187 1.52 33.79 8.43
C LEU D 187 2.30 34.70 9.38
N ALA D 188 3.52 35.08 8.98
CA ALA D 188 4.33 36.00 9.78
C ALA D 188 3.62 37.33 9.95
N ALA D 189 3.07 37.83 8.86
CA ALA D 189 2.35 39.11 8.87
C ALA D 189 1.13 39.05 9.80
N LEU D 190 0.40 37.94 9.73
CA LEU D 190 -0.77 37.70 10.58
C LEU D 190 -0.41 37.69 12.07
N LEU D 191 0.77 37.17 12.36
CA LEU D 191 1.28 37.11 13.72
C LEU D 191 1.74 38.49 14.20
N HIS D 192 2.36 39.24 13.28
CA HIS D 192 2.84 40.59 13.51
C HIS D 192 1.68 41.50 13.91
N ARG D 193 0.61 41.40 13.15
CA ARG D 193 -0.60 42.15 13.39
C ARG D 193 -1.22 41.75 14.74
N GLU D 194 -1.25 40.45 14.99
CA GLU D 194 -1.83 39.91 16.21
C GLU D 194 -1.07 40.38 17.47
N ARG D 195 0.26 40.40 17.41
CA ARG D 195 1.07 40.72 18.59
C ARG D 195 1.50 42.17 18.69
N ASN D 196 1.70 42.83 17.55
CA ASN D 196 2.22 44.19 17.54
C ASN D 196 1.25 45.22 16.96
N GLY D 197 0.13 44.76 16.40
CA GLY D 197 -0.87 45.65 15.87
C GLY D 197 -0.48 46.29 14.54
N VAL D 198 0.53 45.72 13.88
CA VAL D 198 1.00 46.25 12.60
C VAL D 198 0.50 45.41 11.42
N ALA D 199 -0.11 46.07 10.44
CA ALA D 199 -0.58 45.41 9.22
C ALA D 199 0.34 45.70 8.03
N ASP D 200 1.09 44.69 7.58
CA ASP D 200 2.22 44.93 6.70
C ASP D 200 1.95 44.71 5.20
N VAL D 201 2.86 45.21 4.38
CA VAL D 201 2.92 44.84 2.97
C VAL D 201 4.03 43.81 2.80
N VAL D 202 3.67 42.67 2.24
CA VAL D 202 4.59 41.55 2.13
C VAL D 202 4.86 41.28 0.66
N GLN D 203 6.13 41.04 0.32
CA GLN D 203 6.54 40.80 -1.06
C GLN D 203 7.45 39.59 -1.20
N VAL D 204 7.13 38.72 -2.15
CA VAL D 204 7.94 37.55 -2.43
C VAL D 204 8.19 37.43 -3.92
N ALA D 205 9.46 37.36 -4.31
CA ALA D 205 9.81 37.21 -5.71
C ALA D 205 10.22 35.76 -6.00
N MET D 206 9.68 35.17 -7.07
CA MET D 206 10.01 33.81 -7.44
C MET D 206 11.51 33.69 -7.66
N TYR D 207 12.07 34.74 -8.26
CA TYR D 207 13.50 34.82 -8.50
C TYR D 207 14.29 34.71 -7.19
N ASP D 208 13.87 35.46 -6.16
CA ASP D 208 14.55 35.43 -4.86
C ASP D 208 14.47 34.05 -4.23
N VAL D 209 13.31 33.40 -4.40
CA VAL D 209 13.13 32.05 -3.90
C VAL D 209 14.09 31.12 -4.62
N ALA D 210 14.20 31.28 -5.94
CA ALA D 210 15.06 30.41 -6.75
C ALA D 210 16.53 30.56 -6.37
N VAL D 211 16.96 31.80 -6.19
CA VAL D 211 18.29 32.11 -5.71
C VAL D 211 18.54 31.45 -4.34
N GLY D 212 17.57 31.58 -3.44
CA GLY D 212 17.66 31.00 -2.12
C GLY D 212 17.85 29.49 -2.13
N LEU D 213 17.13 28.81 -3.01
CA LEU D 213 17.27 27.38 -3.16
C LEU D 213 18.67 26.95 -3.61
N GLN D 214 19.41 27.86 -4.24
CA GLN D 214 20.75 27.56 -4.72
C GLN D 214 21.82 28.29 -3.92
N ALA D 215 21.47 28.70 -2.70
CA ALA D 215 22.30 29.65 -1.94
C ALA D 215 23.75 29.18 -1.79
N ASN D 216 23.96 27.91 -1.45
CA ASN D 216 25.31 27.39 -1.27
C ASN D 216 26.15 27.43 -2.53
N GLN D 217 25.52 27.10 -3.66
CA GLN D 217 26.19 27.10 -4.96
C GLN D 217 26.52 28.51 -5.44
N LEU D 218 25.61 29.45 -5.18
CA LEU D 218 25.80 30.85 -5.54
C LEU D 218 26.90 31.47 -4.70
N MET D 219 27.04 30.95 -3.49
CA MET D 219 27.87 31.54 -2.47
C MET D 219 29.37 31.55 -2.80
N MET D 220 29.84 30.46 -3.42
CA MET D 220 31.23 30.36 -3.84
C MET D 220 31.66 31.53 -4.72
N HIS D 221 30.74 32.00 -5.55
CA HIS D 221 31.03 33.06 -6.51
C HIS D 221 30.83 34.46 -5.89
N LEU D 222 30.25 34.52 -4.71
CA LEU D 222 30.05 35.81 -4.04
C LEU D 222 31.29 36.23 -3.23
N ASN D 223 32.21 35.29 -3.04
CA ASN D 223 33.40 35.55 -2.23
C ASN D 223 34.70 35.19 -2.97
N THR D 248 30.36 14.49 0.31
CA THR D 248 31.49 13.96 -0.45
C THR D 248 31.28 12.51 -0.86
N GLN D 249 32.35 11.75 -1.10
CA GLN D 249 32.22 10.46 -1.79
C GLN D 249 32.59 9.27 -0.92
N PRO D 250 31.89 8.13 -1.15
CA PRO D 250 30.91 7.90 -2.21
C PRO D 250 29.49 8.42 -1.93
N SER D 251 28.99 9.21 -2.87
CA SER D 251 27.64 9.76 -2.79
C SER D 251 27.12 10.15 -4.18
N ASP D 252 26.50 9.19 -4.87
CA ASP D 252 26.14 9.36 -6.27
C ASP D 252 25.19 8.24 -6.68
N ALA D 253 24.94 8.14 -7.99
CA ALA D 253 24.19 7.03 -8.54
C ALA D 253 25.16 6.04 -9.19
N PHE D 254 24.93 4.75 -9.00
CA PHE D 254 25.84 3.73 -9.50
C PHE D 254 25.13 2.63 -10.27
N ARG D 255 25.77 2.14 -11.33
CA ARG D 255 25.30 0.98 -12.11
C ARG D 255 25.28 -0.31 -11.29
N THR D 256 24.26 -1.14 -11.49
CA THR D 256 24.26 -2.47 -10.94
C THR D 256 23.96 -3.49 -12.04
N ALA D 257 23.63 -4.71 -11.65
CA ALA D 257 23.28 -5.76 -12.60
C ALA D 257 21.96 -5.43 -13.25
N ASP D 258 21.10 -4.72 -12.52
CA ASP D 258 19.79 -4.33 -13.02
C ASP D 258 19.38 -3.01 -12.38
N GLY D 259 19.45 -1.93 -13.16
CA GLY D 259 19.08 -0.61 -12.68
C GLY D 259 20.21 0.14 -12.01
N TYR D 260 19.92 1.37 -11.60
CA TYR D 260 20.88 2.21 -10.91
C TYR D 260 20.54 2.27 -9.44
N ILE D 261 21.55 2.41 -8.58
CA ILE D 261 21.29 2.63 -7.18
C ILE D 261 21.95 3.92 -6.71
N VAL D 262 21.24 4.68 -5.89
CA VAL D 262 21.79 5.85 -5.24
C VAL D 262 22.32 5.51 -3.85
N ILE D 263 23.60 5.78 -3.60
CA ILE D 263 24.21 5.47 -2.32
C ILE D 263 24.92 6.67 -1.74
N SER D 264 24.72 6.94 -0.45
CA SER D 264 25.56 7.91 0.23
C SER D 264 26.15 7.29 1.47
N ALA D 265 27.45 7.01 1.42
CA ALA D 265 28.16 6.34 2.49
C ALA D 265 29.59 6.86 2.55
N TYR D 266 29.75 8.12 2.93
CA TYR D 266 31.04 8.78 2.85
C TYR D 266 31.65 9.02 4.23
N VAL D 267 30.80 8.98 5.25
CA VAL D 267 31.26 9.05 6.63
C VAL D 267 32.01 7.73 6.95
N PRO D 268 33.20 7.83 7.56
CA PRO D 268 34.12 6.71 7.80
C PRO D 268 33.47 5.36 8.19
N LYS D 269 32.60 5.35 9.20
CA LYS D 269 31.92 4.12 9.59
C LYS D 269 31.04 3.56 8.47
N HIS D 270 30.45 4.46 7.70
CA HIS D 270 29.59 4.06 6.58
C HIS D 270 30.39 3.58 5.37
N TRP D 271 31.46 4.30 5.05
CA TRP D 271 32.36 3.91 3.96
C TRP D 271 32.93 2.49 4.18
N GLN D 272 33.41 2.21 5.39
CA GLN D 272 33.96 0.90 5.69
C GLN D 272 32.90 -0.19 5.56
N LYS D 273 31.75 0.06 6.18
CA LYS D 273 30.61 -0.83 6.14
C LYS D 273 30.26 -1.22 4.69
N LEU D 274 30.17 -0.22 3.84
CA LEU D 274 29.88 -0.39 2.42
C LEU D 274 30.87 -1.33 1.72
N CYS D 275 32.17 -1.08 1.91
CA CYS D 275 33.21 -1.92 1.31
C CYS D 275 33.07 -3.42 1.67
N TYR D 276 32.78 -3.72 2.94
CA TYR D 276 32.65 -5.12 3.33
C TYR D 276 31.40 -5.71 2.70
N LEU D 277 30.32 -4.92 2.67
CA LEU D 277 29.03 -5.42 2.18
C LEU D 277 29.04 -5.71 0.68
N ILE D 278 29.80 -4.93 -0.09
CA ILE D 278 29.87 -5.15 -1.53
C ILE D 278 30.98 -6.15 -1.87
N GLY D 279 31.59 -6.73 -0.85
CA GLY D 279 32.61 -7.76 -1.05
C GLY D 279 33.95 -7.22 -1.51
N ARG D 280 34.31 -6.04 -1.03
CA ARG D 280 35.58 -5.43 -1.44
C ARG D 280 36.35 -4.84 -0.25
N PRO D 281 36.75 -5.68 0.72
CA PRO D 281 37.50 -5.17 1.87
C PRO D 281 38.81 -4.46 1.50
N ASP D 282 39.32 -4.71 0.29
CA ASP D 282 40.57 -4.09 -0.13
C ASP D 282 40.47 -2.58 -0.28
N LEU D 283 39.26 -2.09 -0.55
CA LEU D 283 39.05 -0.66 -0.81
C LEU D 283 39.24 0.18 0.45
N VAL D 284 39.08 -0.46 1.61
CA VAL D 284 39.26 0.23 2.89
C VAL D 284 40.70 0.68 3.06
N GLU D 285 41.64 -0.18 2.67
CA GLU D 285 43.07 0.09 2.84
C GLU D 285 43.72 0.57 1.55
N ASP D 286 42.96 0.56 0.45
CA ASP D 286 43.47 1.04 -0.82
C ASP D 286 43.88 2.50 -0.65
N GLN D 287 45.15 2.79 -0.88
CA GLN D 287 45.71 4.12 -0.62
C GLN D 287 45.04 5.23 -1.43
N ARG D 288 44.30 4.87 -2.47
CA ARG D 288 43.55 5.83 -3.26
C ARG D 288 42.24 6.26 -2.58
N PHE D 289 41.73 5.41 -1.70
CA PHE D 289 40.39 5.60 -1.16
C PHE D 289 40.28 5.58 0.35
N ALA D 290 41.39 5.29 1.04
CA ALA D 290 41.33 5.04 2.48
C ALA D 290 40.88 6.24 3.32
N GLU D 291 41.35 7.43 2.97
CA GLU D 291 40.93 8.67 3.62
C GLU D 291 39.86 9.39 2.79
N GLN D 292 39.03 10.18 3.44
CA GLN D 292 37.90 10.85 2.78
C GLN D 292 38.35 11.86 1.73
N ARG D 293 39.42 12.59 2.01
CA ARG D 293 39.95 13.57 1.07
C ARG D 293 40.47 12.87 -0.18
N SER D 294 41.03 11.67 0.01
CA SER D 294 41.54 10.84 -1.08
C SER D 294 40.40 10.42 -1.99
N ARG D 295 39.29 10.08 -1.36
CA ARG D 295 38.08 9.64 -2.03
C ARG D 295 37.48 10.71 -2.94
N SER D 296 37.55 11.96 -2.50
CA SER D 296 36.97 13.07 -3.26
C SER D 296 37.77 13.29 -4.54
N ILE D 297 39.09 13.29 -4.43
CA ILE D 297 39.97 13.47 -5.58
C ILE D 297 39.81 12.35 -6.60
N ASN D 298 39.78 11.11 -6.13
CA ASN D 298 39.71 9.95 -7.01
C ASN D 298 38.32 9.34 -7.18
N TYR D 299 37.30 10.18 -7.25
CA TYR D 299 35.92 9.70 -7.30
C TYR D 299 35.65 8.87 -8.55
N ALA D 300 36.34 9.20 -9.64
CA ALA D 300 36.15 8.50 -10.91
C ALA D 300 36.72 7.07 -10.83
N GLU D 301 37.92 6.95 -10.27
CA GLU D 301 38.51 5.64 -9.99
C GLU D 301 37.61 4.85 -9.04
N LEU D 302 37.10 5.54 -8.02
CA LEU D 302 36.19 4.95 -7.05
C LEU D 302 34.94 4.38 -7.73
N THR D 303 34.34 5.17 -8.60
CA THR D 303 33.13 4.76 -9.31
C THR D 303 33.30 3.50 -10.12
N ALA D 304 34.45 3.38 -10.78
CA ALA D 304 34.74 2.20 -11.58
C ALA D 304 34.86 0.97 -10.67
N GLU D 305 35.58 1.11 -9.58
CA GLU D 305 35.75 0.00 -8.65
C GLU D 305 34.42 -0.43 -8.01
N LEU D 306 33.59 0.56 -7.61
CA LEU D 306 32.33 0.23 -6.95
C LEU D 306 31.41 -0.50 -7.92
N GLU D 307 31.36 -0.03 -9.16
CA GLU D 307 30.46 -0.60 -10.16
C GLU D 307 30.90 -2.01 -10.58
N LEU D 308 32.20 -2.29 -10.60
CA LEU D 308 32.67 -3.68 -10.76
C LEU D 308 32.04 -4.60 -9.71
N ALA D 309 32.00 -4.12 -8.47
CA ALA D 309 31.44 -4.89 -7.35
C ALA D 309 29.92 -4.94 -7.35
N LEU D 310 29.26 -3.84 -7.70
CA LEU D 310 27.79 -3.78 -7.70
C LEU D 310 27.16 -4.61 -8.82
N ALA D 311 27.98 -5.05 -9.77
CA ALA D 311 27.52 -5.84 -10.90
C ALA D 311 26.97 -7.21 -10.50
N SER D 312 27.28 -7.68 -9.30
CA SER D 312 26.84 -9.02 -8.90
C SER D 312 25.39 -9.08 -8.38
N LYS D 313 24.73 -7.93 -8.19
CA LYS D 313 23.33 -7.91 -7.74
C LYS D 313 22.50 -6.81 -8.43
N THR D 314 21.20 -6.99 -8.45
CA THR D 314 20.27 -5.95 -8.87
C THR D 314 20.23 -4.82 -7.84
N ALA D 315 19.79 -3.64 -8.26
CA ALA D 315 19.70 -2.49 -7.38
C ALA D 315 18.77 -2.73 -6.19
N THR D 316 17.66 -3.42 -6.44
CA THR D 316 16.71 -3.80 -5.39
C THR D 316 17.36 -4.67 -4.32
N GLU D 317 18.17 -5.63 -4.76
CA GLU D 317 18.86 -6.49 -3.81
C GLU D 317 19.83 -5.66 -2.98
N TRP D 318 20.59 -4.79 -3.64
CA TRP D 318 21.55 -3.96 -2.91
C TRP D 318 20.88 -3.00 -1.93
N VAL D 319 19.73 -2.45 -2.31
CA VAL D 319 19.02 -1.52 -1.44
C VAL D 319 18.58 -2.22 -0.16
N GLN D 320 17.97 -3.39 -0.30
CA GLN D 320 17.60 -4.20 0.85
C GLN D 320 18.77 -4.48 1.78
N LEU D 321 19.91 -4.85 1.19
CA LEU D 321 21.08 -5.23 1.98
C LEU D 321 21.69 -4.02 2.66
N LEU D 322 21.82 -2.92 1.93
CA LEU D 322 22.47 -1.73 2.49
C LEU D 322 21.63 -1.07 3.60
N GLN D 323 20.31 -1.09 3.43
CA GLN D 323 19.40 -0.46 4.41
C GLN D 323 19.32 -1.25 5.71
N ALA D 324 19.36 -2.59 5.58
CA ALA D 324 19.34 -3.45 6.75
C ALA D 324 20.60 -3.26 7.58
N ASN D 325 21.63 -2.68 6.98
CA ASN D 325 22.87 -2.41 7.70
C ASN D 325 23.08 -0.93 7.97
N GLY D 326 22.01 -0.15 7.88
CA GLY D 326 22.06 1.25 8.28
C GLY D 326 22.82 2.17 7.34
N LEU D 327 22.80 1.86 6.05
CA LEU D 327 23.42 2.77 5.08
C LEU D 327 22.33 3.48 4.28
N MET D 328 22.59 4.72 3.86
CA MET D 328 21.62 5.45 3.05
C MET D 328 21.67 5.04 1.58
N ALA D 329 20.60 4.41 1.12
CA ALA D 329 20.55 3.94 -0.25
C ALA D 329 19.11 3.80 -0.71
N CYS D 330 18.89 4.01 -2.01
CA CYS D 330 17.56 3.82 -2.57
C CYS D 330 17.62 3.69 -4.08
N LEU D 331 16.51 3.24 -4.66
CA LEU D 331 16.34 3.28 -6.10
C LEU D 331 16.08 4.72 -6.51
N ALA D 332 16.46 5.07 -7.73
CA ALA D 332 16.04 6.34 -8.33
C ALA D 332 14.69 6.11 -9.03
N HIS D 333 13.62 6.13 -8.24
CA HIS D 333 12.28 5.82 -8.74
C HIS D 333 11.85 6.84 -9.78
N THR D 334 11.08 6.38 -10.77
CA THR D 334 10.34 7.27 -11.65
C THR D 334 9.08 7.70 -10.92
N TRP D 335 8.42 8.75 -11.38
CA TRP D 335 7.14 9.18 -10.80
C TRP D 335 6.15 8.03 -10.75
N LYS D 336 6.11 7.25 -11.82
CA LYS D 336 5.20 6.10 -11.92
C LYS D 336 5.42 5.09 -10.80
N GLN D 337 6.68 4.89 -10.42
CA GLN D 337 7.02 3.97 -9.34
C GLN D 337 6.74 4.54 -7.95
N VAL D 338 7.02 5.83 -7.77
CA VAL D 338 6.89 6.51 -6.48
C VAL D 338 5.52 6.28 -5.88
N VAL D 339 4.51 6.46 -6.72
CA VAL D 339 3.13 6.41 -6.29
C VAL D 339 2.75 5.03 -5.76
N ASP D 340 3.51 4.01 -6.13
CA ASP D 340 3.16 2.64 -5.72
C ASP D 340 4.03 2.05 -4.63
N THR D 341 5.01 2.81 -4.14
CA THR D 341 5.88 2.30 -3.10
C THR D 341 5.16 2.25 -1.77
N PRO D 342 5.62 1.35 -0.89
CA PRO D 342 5.08 1.24 0.47
C PRO D 342 5.37 2.50 1.30
N LEU D 343 6.50 3.17 1.08
CA LEU D 343 6.76 4.43 1.78
C LEU D 343 5.70 5.49 1.43
N PHE D 344 5.39 5.61 0.15
CA PHE D 344 4.41 6.60 -0.30
C PHE D 344 3.05 6.36 0.36
N ALA D 345 2.64 5.10 0.44
CA ALA D 345 1.37 4.72 1.05
C ALA D 345 1.37 4.99 2.55
N GLU D 346 2.52 4.75 3.17
CA GLU D 346 2.71 4.92 4.60
C GLU D 346 2.48 6.38 5.05
N ASN D 347 2.77 7.33 4.17
CA ASN D 347 2.70 8.74 4.55
C ASN D 347 1.35 9.43 4.28
N ASP D 348 0.37 8.70 3.76
CA ASP D 348 -1.00 9.20 3.62
C ASP D 348 -1.01 10.52 2.85
N LEU D 349 -0.43 10.49 1.66
CA LEU D 349 -0.12 11.69 0.92
C LEU D 349 -1.23 12.15 -0.01
N THR D 350 -2.26 11.32 -0.14
CA THR D 350 -3.31 11.55 -1.13
C THR D 350 -4.67 11.84 -0.50
N LEU D 351 -5.50 12.57 -1.25
CA LEU D 351 -6.91 12.75 -0.89
C LEU D 351 -7.80 12.55 -2.10
N GLU D 352 -9.05 12.18 -1.82
CA GLU D 352 -10.03 11.98 -2.87
C GLU D 352 -10.91 13.22 -2.99
N VAL D 353 -11.03 13.74 -4.21
CA VAL D 353 -11.81 14.95 -4.48
C VAL D 353 -12.93 14.75 -5.51
N GLY D 354 -14.17 14.87 -5.04
CA GLY D 354 -15.42 14.81 -5.83
C GLY D 354 -16.54 14.28 -4.96
N ARG D 355 -17.74 14.83 -5.15
CA ARG D 355 -18.94 14.30 -4.53
C ARG D 355 -19.37 13.05 -5.28
N GLY D 356 -18.82 12.89 -6.49
CA GLY D 356 -19.15 11.79 -7.39
C GLY D 356 -18.69 10.42 -6.88
N ALA D 357 -19.05 9.38 -7.63
CA ALA D 357 -18.57 8.03 -7.34
C ALA D 357 -17.20 7.85 -7.99
N ASP D 358 -16.99 8.57 -9.09
CA ASP D 358 -15.69 8.66 -9.76
C ASP D 358 -14.98 9.93 -9.28
N THR D 359 -14.01 9.74 -8.39
CA THR D 359 -13.30 10.84 -7.72
C THR D 359 -11.90 11.02 -8.28
N ILE D 360 -11.30 12.17 -8.00
CA ILE D 360 -9.97 12.45 -8.51
C ILE D 360 -9.01 12.56 -7.33
N THR D 361 -7.81 11.99 -7.50
CA THR D 361 -6.82 11.91 -6.42
C THR D 361 -5.77 13.02 -6.50
N VAL D 362 -5.55 13.73 -5.41
CA VAL D 362 -4.49 14.75 -5.37
C VAL D 362 -3.59 14.57 -4.16
N ILE D 363 -2.51 15.34 -4.14
CA ILE D 363 -1.54 15.30 -3.06
C ILE D 363 -1.79 16.44 -2.06
N ARG D 364 -1.83 16.09 -0.78
CA ARG D 364 -2.04 17.07 0.28
C ARG D 364 -0.82 17.97 0.47
N THR D 365 -1.01 19.06 1.22
CA THR D 365 0.09 19.92 1.59
C THR D 365 0.96 19.21 2.63
N PRO D 366 2.27 19.50 2.63
CA PRO D 366 3.19 18.67 3.40
C PRO D 366 3.14 18.79 4.94
N ALA D 367 2.94 19.97 5.51
CA ALA D 367 2.99 20.10 6.97
C ALA D 367 1.80 19.45 7.70
N ARG D 368 2.10 18.73 8.78
CA ARG D 368 1.09 18.01 9.58
C ARG D 368 0.99 18.52 11.03
N TYR D 369 -0.20 18.45 11.61
CA TYR D 369 -0.46 19.04 12.92
C TYR D 369 -1.24 18.04 13.74
N ALA D 370 -0.97 17.97 15.04
CA ALA D 370 -1.63 16.99 15.89
C ALA D 370 -3.05 17.37 16.30
N SER D 371 -3.31 18.66 16.53
CA SER D 371 -4.60 19.10 17.08
C SER D 371 -5.70 19.32 16.03
N PHE D 372 -5.36 19.22 14.75
CA PHE D 372 -6.35 19.34 13.68
C PHE D 372 -5.80 18.75 12.39
N ARG D 373 -6.68 18.42 11.46
CA ARG D 373 -6.28 17.91 10.15
C ARG D 373 -6.15 19.06 9.15
N ALA D 374 -4.94 19.29 8.66
CA ALA D 374 -4.69 20.36 7.69
C ALA D 374 -5.08 19.91 6.29
N VAL D 375 -6.32 19.48 6.14
CA VAL D 375 -6.86 19.09 4.85
C VAL D 375 -8.29 19.59 4.71
N VAL D 376 -8.75 19.70 3.48
CA VAL D 376 -10.16 19.98 3.21
C VAL D 376 -10.63 19.02 2.13
N THR D 377 -11.88 18.57 2.26
CA THR D 377 -12.44 17.62 1.32
C THR D 377 -13.24 18.27 0.17
N ASP D 378 -13.73 19.49 0.39
CA ASP D 378 -14.51 20.20 -0.62
C ASP D 378 -13.84 20.25 -1.98
N PRO D 379 -14.64 20.15 -3.05
CA PRO D 379 -14.10 20.34 -4.40
C PRO D 379 -13.79 21.81 -4.62
N PRO D 380 -13.08 22.15 -5.69
CA PRO D 380 -12.92 23.57 -6.00
C PRO D 380 -14.28 24.20 -6.26
N PRO D 381 -14.39 25.52 -6.05
CA PRO D 381 -15.62 26.22 -6.42
C PRO D 381 -15.75 26.29 -7.93
N THR D 382 -16.98 26.34 -8.44
CA THR D 382 -17.22 26.68 -9.84
C THR D 382 -16.99 28.18 -10.02
N ALA D 383 -16.64 28.58 -11.23
CA ALA D 383 -16.35 29.98 -11.50
C ALA D 383 -17.55 30.89 -11.20
N GLY D 384 -17.39 31.82 -10.26
CA GLY D 384 -18.43 32.77 -9.92
C GLY D 384 -19.53 32.24 -9.01
N GLU D 385 -19.30 31.07 -8.43
CA GLU D 385 -20.30 30.39 -7.60
C GLU D 385 -20.84 31.27 -6.46
N HIS D 386 -20.01 32.17 -5.95
CA HIS D 386 -20.42 32.97 -4.80
C HIS D 386 -20.58 34.46 -5.11
N ASN D 387 -20.81 34.80 -6.37
CA ASN D 387 -21.09 36.18 -6.76
C ASN D 387 -22.16 36.84 -5.91
N ALA D 388 -23.28 36.16 -5.73
CA ALA D 388 -24.41 36.70 -4.99
C ALA D 388 -24.09 36.90 -3.51
N VAL D 389 -23.20 36.06 -3.00
CA VAL D 389 -22.81 36.11 -1.60
C VAL D 389 -21.88 37.29 -1.28
N PHE D 390 -20.92 37.56 -2.15
CA PHE D 390 -19.87 38.52 -1.81
C PHE D 390 -19.86 39.82 -2.63
N LEU D 391 -20.53 39.86 -3.78
CA LEU D 391 -20.53 41.08 -4.59
C LEU D 391 -21.70 42.00 -4.23
N ALA D 392 -21.38 43.25 -3.91
CA ALA D 392 -22.39 44.26 -3.59
C ALA D 392 -23.17 44.69 -4.84
C1 BEN E . -27.71 -20.54 26.39
C2 BEN E . -26.83 -21.42 27.04
C3 BEN E . -25.50 -21.05 27.19
C4 BEN E . -25.05 -19.84 26.70
C5 BEN E . -25.92 -18.96 26.05
C6 BEN E . -27.25 -19.32 25.90
C BEN E . -29.13 -20.92 26.22
N1 BEN E . -29.63 -21.99 26.80
N2 BEN E . -29.91 -20.13 25.46
C1 BEN F . -20.16 -3.77 -25.04
C2 BEN F . -19.88 -2.42 -25.28
C3 BEN F . -18.85 -1.80 -24.60
C4 BEN F . -18.10 -2.52 -23.69
C5 BEN F . -18.39 -3.84 -23.44
C6 BEN F . -19.42 -4.48 -24.12
C BEN F . -21.26 -4.43 -25.77
N1 BEN F . -22.34 -4.78 -25.09
N2 BEN F . -21.18 -4.64 -27.06
C1 BEN G . -6.55 -16.78 -41.36
C2 BEN G . -7.51 -17.79 -41.51
C3 BEN G . -8.61 -17.59 -42.34
C4 BEN G . -8.75 -16.40 -43.04
C5 BEN G . -7.79 -15.39 -42.89
C6 BEN G . -6.69 -15.58 -42.06
C BEN G . -5.40 -17.00 -40.46
N1 BEN G . -4.81 -15.94 -39.88
N2 BEN G . -4.96 -18.20 -40.21
C1 GOL H . -2.19 -35.96 16.09
O1 GOL H . -2.07 -35.04 17.14
C2 GOL H . -1.30 -37.12 16.46
O2 GOL H . -1.84 -37.77 17.59
C3 GOL H . -1.17 -38.12 15.34
O3 GOL H . 0.17 -38.54 15.30
C1 BEN I . 9.71 -52.05 14.28
C2 BEN I . 9.10 -52.97 13.44
C3 BEN I . 9.79 -53.48 12.36
C4 BEN I . 11.09 -53.08 12.11
C5 BEN I . 11.71 -52.15 12.95
C6 BEN I . 11.02 -51.63 14.04
C BEN I . 8.97 -51.51 15.43
N1 BEN I . 7.72 -51.15 15.29
N2 BEN I . 9.60 -51.35 16.60
C1 BEN J . -36.79 -3.81 11.06
C2 BEN J . -37.45 -2.76 10.42
C3 BEN J . -37.59 -1.53 11.06
C4 BEN J . -37.09 -1.33 12.32
C5 BEN J . -36.43 -2.37 12.97
C6 BEN J . -36.27 -3.60 12.34
C BEN J . -36.62 -5.12 10.38
N1 BEN J . -36.20 -6.19 11.02
N2 BEN J . -36.92 -5.19 9.08
C1 GOL K . 3.29 -43.96 17.31
O1 GOL K . 3.35 -45.18 16.59
C2 GOL K . 4.23 -42.98 16.66
O2 GOL K . 3.56 -42.41 15.56
C3 GOL K . 4.65 -41.85 17.59
O3 GOL K . 5.88 -41.33 17.13
C1 GOL L . -19.53 -7.25 -20.46
O1 GOL L . -18.70 -6.25 -19.94
C2 GOL L . -19.40 -8.49 -19.61
O2 GOL L . -19.62 -8.11 -18.27
C3 GOL L . -20.43 -9.55 -19.93
O3 GOL L . -20.35 -10.55 -18.93
C1 BEN M . 3.46 42.94 -32.42
C2 BEN M . 3.14 41.90 -33.30
C3 BEN M . 4.11 41.42 -34.17
C4 BEN M . 5.37 41.99 -34.19
C5 BEN M . 5.69 43.02 -33.33
C6 BEN M . 4.73 43.50 -32.45
C BEN M . 2.43 43.47 -31.50
N1 BEN M . 2.84 44.05 -30.37
N2 BEN M . 1.16 43.40 -31.79
C1 GOL N . 0.50 39.23 -21.27
O1 GOL N . -0.16 38.00 -21.53
C2 GOL N . 0.46 40.04 -22.56
O2 GOL N . -0.88 40.07 -22.98
C3 GOL N . 0.94 41.46 -22.40
O3 GOL N . 1.30 41.96 -23.67
C1 BEN O . 26.45 -1.61 14.29
C2 BEN O . 25.15 -1.58 13.81
C3 BEN O . 24.33 -2.68 13.96
C4 BEN O . 24.81 -3.80 14.60
C5 BEN O . 26.11 -3.83 15.09
C6 BEN O . 26.94 -2.74 14.94
C BEN O . 27.32 -0.43 14.13
N1 BEN O . 27.86 0.10 15.22
N2 BEN O . 27.54 0.08 12.94
C1 GOL P . 24.19 6.57 11.39
O1 GOL P . 25.29 7.34 11.80
C2 GOL P . 24.49 5.15 11.78
O2 GOL P . 24.97 5.22 13.10
C3 GOL P . 23.28 4.25 11.74
O3 GOL P . 23.63 3.00 12.28
C1 GOL Q . 0.39 38.67 -16.73
O1 GOL Q . 0.87 39.81 -17.40
C2 GOL Q . 0.74 38.82 -15.26
O2 GOL Q . 0.23 40.06 -14.82
C3 GOL Q . 0.13 37.72 -14.42
O3 GOL Q . 1.17 37.09 -13.69
#